data_2P2C
#
_entry.id   2P2C
#
_cell.length_a   58.020
_cell.length_b   229.210
_cell.length_c   114.930
_cell.angle_alpha   90.00
_cell.angle_beta   90.11
_cell.angle_gamma   90.00
#
_symmetry.space_group_name_H-M   'P 1 21 1'
#
loop_
_entity.id
_entity.type
_entity.pdbx_description
1 polymer Caspase-2
2 polymer Caspase-2
3 polymer Caspase-2
4 water water
#
loop_
_entity_poly.entity_id
_entity_poly.type
_entity_poly.pdbx_seq_one_letter_code
_entity_poly.pdbx_strand_id
1 'polypeptide(L)'
;MANKDGPLCLQVKPCTPEFYQTHFQLAYRLQSRPRGLALVLSNVHFTGEKELEFRSGGDVDHSTLVTLFKLLGYDVHVLC
DQTAQEMQEKLQNFAQLPAHRVTDSCIVALLSHGVEGAIYGVDGKLLQLQEVFQLFDNANCPSLQNKPKMFFIQACRGDE
TDRGVDQQD
;
A,C,E,G,I,K
2 'polypeptide(L)'
;MAGKEKLPKMRLPTRSDMICGYACLKGTAAMRNTKRGSWYIEALAQVFSERACDMHVADMLVKVNALIKDREGYAPGTEF
HRCKEMSEYCSTLCRHLYLFPGHPPT
;
B,D,F,H,J,L
3 'polypeptide(L)'
;MRGSHHHHHHGSDLGKKLLEAARAGQDDEVRILMANGADVNATDWLGHTPLHLAAKTGHLEIVEVLLKYGADVNAWDNYG
ATPLHLAADNGHLEIVEVLLKHGADVNAKDYEGFTPLHLAAYDGHLEIVEVLLKYGADVNAQDKFGKTAFDISIDNGNED
LAEILQKLN
;
P,Q,R,S,T,U
#
# COMPACT_ATOMS: atom_id res chain seq x y z
N LEU A 8 -44.43 -31.27 -35.50
CA LEU A 8 -45.30 -32.11 -36.37
C LEU A 8 -44.76 -33.52 -36.53
N CYS A 9 -44.64 -34.20 -35.40
CA CYS A 9 -44.13 -35.57 -35.35
C CYS A 9 -42.66 -35.68 -35.76
N LEU A 10 -41.78 -35.67 -34.76
CA LEU A 10 -40.35 -35.76 -34.99
C LEU A 10 -39.92 -37.23 -34.92
N GLN A 11 -39.06 -37.63 -35.85
CA GLN A 11 -38.61 -39.02 -35.91
C GLN A 11 -37.13 -39.17 -35.63
N VAL A 12 -36.76 -39.40 -34.38
CA VAL A 12 -35.35 -39.54 -34.05
C VAL A 12 -34.84 -40.93 -34.42
N LYS A 13 -34.07 -41.01 -35.49
CA LYS A 13 -33.51 -42.28 -35.93
C LYS A 13 -32.44 -42.70 -34.94
N PRO A 14 -32.36 -44.00 -34.61
CA PRO A 14 -31.33 -44.46 -33.67
C PRO A 14 -30.07 -44.92 -34.42
N CYS A 15 -28.98 -45.11 -33.70
CA CYS A 15 -27.73 -45.52 -34.35
C CYS A 15 -27.39 -46.98 -34.10
N THR A 16 -26.93 -47.65 -35.15
CA THR A 16 -26.55 -49.05 -35.03
C THR A 16 -25.41 -49.17 -34.02
N PRO A 17 -25.58 -50.03 -33.01
CA PRO A 17 -24.58 -50.25 -31.95
C PRO A 17 -23.15 -50.29 -32.50
N GLU A 18 -23.01 -50.70 -33.74
CA GLU A 18 -21.69 -50.77 -34.35
C GLU A 18 -21.08 -49.39 -34.27
N PHE A 19 -21.87 -48.37 -34.65
CA PHE A 19 -21.41 -46.99 -34.63
C PHE A 19 -20.78 -46.72 -33.28
N TYR A 20 -21.62 -46.68 -32.25
CA TYR A 20 -21.17 -46.41 -30.89
C TYR A 20 -19.84 -47.07 -30.56
N GLN A 21 -19.72 -48.39 -30.74
CA GLN A 21 -18.46 -49.07 -30.43
C GLN A 21 -17.28 -48.49 -31.23
N THR A 22 -17.57 -47.79 -32.31
CA THR A 22 -16.53 -47.20 -33.15
C THR A 22 -16.41 -45.67 -33.01
N HIS A 23 -17.08 -45.09 -32.01
CA HIS A 23 -17.02 -43.65 -31.81
C HIS A 23 -16.98 -43.13 -30.38
N PHE A 24 -17.46 -43.92 -29.41
CA PHE A 24 -17.42 -43.44 -28.03
C PHE A 24 -15.96 -43.41 -27.62
N GLN A 25 -15.15 -44.18 -28.34
CA GLN A 25 -13.73 -44.29 -28.08
C GLN A 25 -13.05 -42.93 -28.12
N LEU A 26 -13.53 -42.06 -28.99
CA LEU A 26 -12.95 -40.73 -29.15
C LEU A 26 -13.96 -39.59 -29.07
N ALA A 27 -14.93 -39.68 -28.16
CA ALA A 27 -15.96 -38.65 -28.00
C ALA A 27 -16.29 -38.38 -26.52
N TYR A 28 -17.28 -37.53 -26.29
CA TYR A 28 -17.71 -37.20 -24.93
C TYR A 28 -18.59 -38.32 -24.44
N ARG A 29 -18.28 -38.85 -23.26
CA ARG A 29 -19.08 -39.92 -22.66
C ARG A 29 -20.49 -39.38 -22.61
N LEU A 30 -21.43 -40.03 -23.28
CA LEU A 30 -22.76 -39.47 -23.26
C LEU A 30 -23.85 -40.51 -23.40
N GLN A 31 -23.79 -41.55 -22.58
CA GLN A 31 -24.76 -42.62 -22.63
C GLN A 31 -25.50 -42.78 -21.32
N SER A 32 -25.61 -41.71 -20.55
CA SER A 32 -26.30 -41.74 -19.26
C SER A 32 -27.79 -41.61 -19.49
N ARG A 33 -28.58 -42.03 -18.50
CA ARG A 33 -30.04 -41.93 -18.60
C ARG A 33 -30.58 -41.26 -17.35
N PRO A 34 -31.16 -40.05 -17.48
CA PRO A 34 -31.31 -39.31 -18.73
C PRO A 34 -29.96 -38.98 -19.34
N ARG A 35 -29.97 -38.46 -20.57
CA ARG A 35 -28.72 -38.10 -21.21
C ARG A 35 -28.28 -36.72 -20.74
N GLY A 36 -29.07 -36.16 -19.82
CA GLY A 36 -28.78 -34.84 -19.27
C GLY A 36 -30.05 -34.03 -19.17
N LEU A 37 -29.98 -32.87 -18.53
CA LEU A 37 -31.17 -32.03 -18.40
C LEU A 37 -31.24 -31.00 -19.52
N ALA A 38 -32.45 -30.70 -19.98
CA ALA A 38 -32.63 -29.73 -21.02
C ALA A 38 -33.60 -28.67 -20.53
N LEU A 39 -33.32 -27.40 -20.80
CA LEU A 39 -34.19 -26.31 -20.38
C LEU A 39 -34.63 -25.51 -21.61
N VAL A 40 -35.93 -25.33 -21.78
CA VAL A 40 -36.42 -24.63 -22.96
C VAL A 40 -37.17 -23.34 -22.63
N LEU A 41 -36.47 -22.39 -22.03
CA LEU A 41 -37.06 -21.11 -21.68
C LEU A 41 -37.40 -20.33 -22.94
N SER A 42 -38.66 -19.96 -23.10
CA SER A 42 -39.08 -19.20 -24.27
C SER A 42 -40.10 -18.09 -23.98
N ASN A 43 -39.68 -16.84 -24.16
CA ASN A 43 -40.54 -15.70 -23.91
C ASN A 43 -41.29 -15.30 -25.16
N VAL A 44 -42.63 -15.24 -25.07
CA VAL A 44 -43.48 -14.88 -26.20
C VAL A 44 -44.45 -13.72 -25.94
N HIS A 45 -45.06 -13.70 -24.75
CA HIS A 45 -45.99 -12.63 -24.39
C HIS A 45 -45.19 -11.59 -23.60
N PHE A 46 -44.87 -10.46 -24.24
CA PHE A 46 -44.08 -9.40 -23.61
C PHE A 46 -44.90 -8.21 -23.11
N THR A 47 -44.76 -7.88 -21.83
CA THR A 47 -45.49 -6.75 -21.26
C THR A 47 -44.66 -5.46 -21.22
N GLY A 48 -44.10 -5.11 -20.07
CA GLY A 48 -43.31 -3.91 -19.93
C GLY A 48 -43.74 -2.84 -20.92
N GLU A 49 -42.79 -2.11 -21.49
CA GLU A 49 -43.12 -1.10 -22.49
C GLU A 49 -43.23 -1.91 -23.78
N LYS A 50 -44.42 -2.50 -23.98
CA LYS A 50 -44.70 -3.35 -25.14
C LYS A 50 -44.31 -2.77 -26.49
N GLU A 51 -43.00 -2.58 -26.69
CA GLU A 51 -42.47 -2.07 -27.93
C GLU A 51 -42.17 -3.30 -28.78
N LEU A 52 -41.87 -4.39 -28.08
CA LEU A 52 -41.57 -5.66 -28.72
C LEU A 52 -42.84 -6.33 -29.21
N GLU A 53 -42.76 -6.87 -30.43
CA GLU A 53 -43.88 -7.55 -31.07
C GLU A 53 -44.39 -8.71 -30.22
N PHE A 54 -45.08 -9.65 -30.87
CA PHE A 54 -45.60 -10.84 -30.21
C PHE A 54 -44.92 -12.02 -30.87
N ARG A 55 -44.12 -12.77 -30.10
CA ARG A 55 -43.43 -13.92 -30.66
C ARG A 55 -44.49 -14.88 -31.23
N SER A 56 -44.96 -14.59 -32.44
CA SER A 56 -45.96 -15.43 -33.08
C SER A 56 -45.23 -16.63 -33.63
N GLY A 57 -45.79 -17.80 -33.37
CA GLY A 57 -45.14 -19.01 -33.83
C GLY A 57 -44.09 -19.41 -32.81
N GLY A 58 -43.92 -18.58 -31.79
CA GLY A 58 -42.96 -18.88 -30.75
C GLY A 58 -43.40 -20.11 -29.99
N ASP A 59 -44.66 -20.47 -30.14
CA ASP A 59 -45.22 -21.63 -29.47
C ASP A 59 -44.86 -22.92 -30.20
N VAL A 60 -44.73 -22.83 -31.53
CA VAL A 60 -44.37 -23.99 -32.33
C VAL A 60 -42.91 -24.33 -32.06
N ASP A 61 -42.06 -23.29 -32.09
CA ASP A 61 -40.63 -23.44 -31.83
C ASP A 61 -40.48 -24.13 -30.49
N HIS A 62 -41.14 -23.57 -29.47
CA HIS A 62 -41.08 -24.11 -28.13
C HIS A 62 -41.44 -25.58 -28.12
N SER A 63 -42.53 -25.94 -28.78
CA SER A 63 -42.97 -27.33 -28.83
C SER A 63 -41.98 -28.18 -29.63
N THR A 64 -41.64 -27.74 -30.84
CA THR A 64 -40.71 -28.47 -31.68
C THR A 64 -39.44 -28.86 -30.92
N LEU A 65 -38.94 -27.93 -30.10
CA LEU A 65 -37.73 -28.17 -29.31
C LEU A 65 -37.98 -29.10 -28.13
N VAL A 66 -39.04 -28.83 -27.36
CA VAL A 66 -39.35 -29.66 -26.20
C VAL A 66 -39.44 -31.13 -26.61
N THR A 67 -40.17 -31.39 -27.68
CA THR A 67 -40.31 -32.75 -28.18
C THR A 67 -38.95 -33.31 -28.57
N LEU A 68 -38.27 -32.60 -29.46
CA LEU A 68 -36.96 -33.01 -29.96
C LEU A 68 -36.01 -33.37 -28.84
N PHE A 69 -35.85 -32.48 -27.87
CA PHE A 69 -34.94 -32.75 -26.77
C PHE A 69 -35.43 -33.93 -25.95
N LYS A 70 -36.74 -34.20 -26.00
CA LYS A 70 -37.31 -35.32 -25.25
C LYS A 70 -37.05 -36.66 -25.90
N LEU A 71 -37.05 -36.69 -27.23
CA LEU A 71 -36.82 -37.92 -27.96
C LEU A 71 -35.33 -38.21 -28.03
N LEU A 72 -34.52 -37.22 -27.70
CA LEU A 72 -33.07 -37.37 -27.71
C LEU A 72 -32.64 -37.95 -26.37
N GLY A 73 -33.61 -38.09 -25.48
CA GLY A 73 -33.37 -38.66 -24.17
C GLY A 73 -32.97 -37.66 -23.11
N TYR A 74 -33.67 -36.53 -23.04
CA TYR A 74 -33.34 -35.52 -22.06
C TYR A 74 -34.48 -35.18 -21.12
N ASP A 75 -34.20 -35.24 -19.82
CA ASP A 75 -35.17 -34.91 -18.78
C ASP A 75 -35.33 -33.41 -19.00
N VAL A 76 -36.28 -33.01 -19.84
CA VAL A 76 -36.46 -31.59 -20.14
C VAL A 76 -37.43 -30.81 -19.26
N HIS A 77 -37.00 -29.60 -18.92
CA HIS A 77 -37.79 -28.69 -18.10
C HIS A 77 -38.32 -27.61 -19.06
N VAL A 78 -38.99 -26.60 -18.52
CA VAL A 78 -39.54 -25.52 -19.35
C VAL A 78 -39.88 -24.30 -18.53
N LEU A 79 -39.86 -23.16 -19.19
CA LEU A 79 -40.20 -21.90 -18.55
C LEU A 79 -40.78 -21.04 -19.67
N CYS A 80 -41.78 -20.23 -19.35
CA CYS A 80 -42.40 -19.39 -20.37
C CYS A 80 -42.61 -17.97 -19.89
N ASP A 81 -42.63 -17.04 -20.83
CA ASP A 81 -42.84 -15.64 -20.53
C ASP A 81 -42.22 -15.25 -19.19
N GLN A 82 -40.90 -15.14 -19.19
CA GLN A 82 -40.16 -14.78 -17.98
C GLN A 82 -39.51 -13.41 -18.14
N THR A 83 -39.15 -12.83 -17.01
CA THR A 83 -38.52 -11.52 -16.99
C THR A 83 -37.02 -11.70 -16.93
N ALA A 84 -36.28 -10.72 -17.43
CA ALA A 84 -34.83 -10.79 -17.42
C ALA A 84 -34.33 -11.34 -16.09
N GLN A 85 -34.72 -10.67 -14.99
CA GLN A 85 -34.28 -11.11 -13.68
C GLN A 85 -34.68 -12.55 -13.37
N GLU A 86 -35.91 -12.92 -13.71
CA GLU A 86 -36.40 -14.26 -13.44
C GLU A 86 -35.53 -15.30 -14.14
N MET A 87 -35.07 -14.97 -15.34
CA MET A 87 -34.25 -15.89 -16.11
C MET A 87 -32.92 -16.19 -15.45
N GLN A 88 -32.15 -15.14 -15.16
CA GLN A 88 -30.86 -15.33 -14.51
C GLN A 88 -31.04 -16.10 -13.21
N GLU A 89 -32.18 -15.84 -12.57
CA GLU A 89 -32.51 -16.45 -11.30
C GLU A 89 -32.86 -17.93 -11.45
N LYS A 90 -33.76 -18.23 -12.39
CA LYS A 90 -34.16 -19.62 -12.60
C LYS A 90 -33.14 -20.41 -13.40
N LEU A 91 -32.32 -19.72 -14.19
CA LEU A 91 -31.29 -20.38 -14.97
C LEU A 91 -30.21 -20.87 -14.02
N GLN A 92 -29.84 -20.03 -13.08
CA GLN A 92 -28.82 -20.41 -12.10
C GLN A 92 -29.29 -21.63 -11.32
N ASN A 93 -30.59 -21.69 -11.05
CA ASN A 93 -31.15 -22.83 -10.32
C ASN A 93 -31.01 -24.08 -11.17
N PHE A 94 -31.42 -23.98 -12.43
CA PHE A 94 -31.33 -25.10 -13.35
C PHE A 94 -29.89 -25.57 -13.41
N ALA A 95 -28.97 -24.62 -13.36
CA ALA A 95 -27.56 -24.93 -13.41
C ALA A 95 -27.07 -25.68 -12.17
N GLN A 96 -27.64 -25.36 -11.02
CA GLN A 96 -27.24 -26.00 -9.78
C GLN A 96 -27.87 -27.37 -9.56
N LEU A 97 -29.13 -27.54 -9.94
CA LEU A 97 -29.84 -28.80 -9.76
C LEU A 97 -28.88 -29.98 -9.64
N PRO A 98 -28.87 -30.64 -8.47
CA PRO A 98 -28.02 -31.79 -8.14
C PRO A 98 -28.03 -32.94 -9.13
N ALA A 99 -29.03 -32.98 -10.00
CA ALA A 99 -29.11 -34.06 -10.98
C ALA A 99 -27.90 -34.12 -11.91
N HIS A 100 -27.45 -32.94 -12.36
CA HIS A 100 -26.32 -32.86 -13.27
C HIS A 100 -25.14 -33.76 -12.90
N ARG A 101 -25.01 -34.09 -11.62
CA ARG A 101 -23.90 -34.91 -11.17
C ARG A 101 -23.90 -36.30 -11.81
N VAL A 102 -25.09 -36.83 -12.07
CA VAL A 102 -25.20 -38.16 -12.66
C VAL A 102 -25.33 -38.18 -14.19
N THR A 103 -25.80 -37.08 -14.77
CA THR A 103 -25.95 -36.98 -16.22
C THR A 103 -24.62 -36.72 -16.94
N ASP A 104 -24.59 -36.89 -18.25
CA ASP A 104 -23.34 -36.69 -18.99
C ASP A 104 -23.27 -35.45 -19.87
N SER A 105 -24.36 -34.69 -19.92
CA SER A 105 -24.39 -33.49 -20.73
C SER A 105 -25.54 -32.59 -20.32
N CYS A 106 -25.63 -31.42 -20.93
CA CYS A 106 -26.68 -30.47 -20.59
C CYS A 106 -27.09 -29.65 -21.80
N ILE A 107 -28.38 -29.40 -21.93
CA ILE A 107 -28.92 -28.61 -23.03
C ILE A 107 -29.76 -27.46 -22.50
N VAL A 108 -29.70 -26.33 -23.17
CA VAL A 108 -30.47 -25.16 -22.75
C VAL A 108 -30.82 -24.35 -23.99
N ALA A 109 -32.10 -24.14 -24.21
CA ALA A 109 -32.53 -23.38 -25.38
C ALA A 109 -33.20 -22.11 -24.90
N LEU A 110 -32.70 -20.97 -25.36
CA LEU A 110 -33.30 -19.71 -24.96
C LEU A 110 -33.89 -19.11 -26.21
N LEU A 111 -35.21 -18.95 -26.22
CA LEU A 111 -35.89 -18.39 -27.38
C LEU A 111 -36.67 -17.19 -26.90
N SER A 112 -36.42 -16.05 -27.54
CA SER A 112 -37.11 -14.81 -27.18
C SER A 112 -36.65 -13.72 -28.13
N HIS A 113 -36.96 -12.48 -27.82
CA HIS A 113 -36.52 -11.36 -28.63
C HIS A 113 -35.17 -11.02 -28.06
N GLY A 114 -34.36 -10.27 -28.81
CA GLY A 114 -33.05 -9.92 -28.28
C GLY A 114 -32.26 -8.95 -29.13
N VAL A 115 -30.98 -8.82 -28.76
CA VAL A 115 -30.05 -7.93 -29.44
C VAL A 115 -28.69 -8.58 -29.31
N GLU A 116 -27.69 -8.02 -29.96
CA GLU A 116 -26.35 -8.59 -29.89
C GLU A 116 -25.89 -8.83 -28.47
N GLY A 117 -25.57 -10.09 -28.15
CA GLY A 117 -25.08 -10.40 -26.82
C GLY A 117 -26.08 -10.66 -25.72
N ALA A 118 -27.34 -10.28 -25.91
CA ALA A 118 -28.34 -10.53 -24.87
C ALA A 118 -29.74 -10.77 -25.40
N ILE A 119 -30.60 -11.31 -24.53
CA ILE A 119 -31.98 -11.59 -24.89
C ILE A 119 -32.93 -10.81 -24.01
N TYR A 120 -34.07 -10.42 -24.57
CA TYR A 120 -35.08 -9.68 -23.83
C TYR A 120 -35.98 -10.63 -23.05
N GLY A 121 -36.43 -10.16 -21.89
CA GLY A 121 -37.35 -10.95 -21.09
C GLY A 121 -38.71 -10.33 -21.33
N VAL A 122 -39.79 -11.02 -20.97
CA VAL A 122 -41.11 -10.45 -21.18
C VAL A 122 -41.12 -9.14 -20.44
N ASP A 123 -40.17 -9.02 -19.51
CA ASP A 123 -39.99 -7.85 -18.66
C ASP A 123 -39.59 -6.60 -19.44
N GLY A 124 -39.02 -6.79 -20.63
CA GLY A 124 -38.57 -5.66 -21.42
C GLY A 124 -37.10 -5.38 -21.16
N LYS A 125 -36.59 -5.96 -20.06
CA LYS A 125 -35.19 -5.82 -19.68
C LYS A 125 -34.34 -6.91 -20.31
N LEU A 126 -33.03 -6.67 -20.36
CA LEU A 126 -32.09 -7.62 -20.96
C LEU A 126 -31.34 -8.53 -20.00
N LEU A 127 -30.79 -9.60 -20.55
CA LEU A 127 -30.00 -10.57 -19.82
C LEU A 127 -28.85 -10.94 -20.73
N GLN A 128 -27.66 -10.47 -20.38
CA GLN A 128 -26.46 -10.74 -21.19
C GLN A 128 -26.21 -12.23 -21.33
N LEU A 129 -26.08 -12.69 -22.57
CA LEU A 129 -25.84 -14.09 -22.84
C LEU A 129 -24.54 -14.54 -22.21
N GLN A 130 -23.60 -13.62 -22.06
CA GLN A 130 -22.33 -13.96 -21.46
C GLN A 130 -22.58 -14.34 -20.00
N GLU A 131 -23.55 -13.70 -19.38
CA GLU A 131 -23.89 -13.97 -17.99
C GLU A 131 -24.49 -15.36 -17.93
N VAL A 132 -25.28 -15.72 -18.93
CA VAL A 132 -25.92 -17.02 -19.02
C VAL A 132 -24.90 -18.15 -19.00
N PHE A 133 -23.95 -18.10 -19.92
CA PHE A 133 -22.92 -19.12 -20.03
C PHE A 133 -22.13 -19.24 -18.73
N GLN A 134 -21.73 -18.11 -18.17
CA GLN A 134 -20.97 -18.10 -16.93
C GLN A 134 -21.57 -19.09 -15.93
N LEU A 135 -22.89 -19.04 -15.78
CA LEU A 135 -23.59 -19.90 -14.82
C LEU A 135 -23.28 -21.38 -14.98
N PHE A 136 -22.84 -21.79 -16.17
CA PHE A 136 -22.55 -23.20 -16.42
C PHE A 136 -21.08 -23.49 -16.61
N ASP A 137 -20.19 -22.54 -16.33
CA ASP A 137 -18.77 -22.80 -16.55
C ASP A 137 -18.18 -23.82 -15.59
N ASN A 138 -16.86 -23.88 -15.53
CA ASN A 138 -16.20 -24.83 -14.64
C ASN A 138 -16.11 -24.37 -13.19
N ALA A 139 -16.44 -23.11 -12.95
CA ALA A 139 -16.40 -22.58 -11.60
C ALA A 139 -17.78 -22.66 -10.98
N ASN A 140 -18.69 -21.82 -11.46
CA ASN A 140 -20.04 -21.75 -10.95
C ASN A 140 -20.87 -23.03 -11.05
N CYS A 141 -20.44 -23.99 -11.86
CA CYS A 141 -21.21 -25.24 -11.99
C CYS A 141 -20.30 -26.46 -12.06
N PRO A 142 -19.57 -26.74 -10.97
CA PRO A 142 -18.66 -27.88 -10.90
C PRO A 142 -19.28 -29.22 -11.18
N SER A 143 -20.59 -29.32 -10.96
CA SER A 143 -21.30 -30.58 -11.21
C SER A 143 -21.42 -30.93 -12.69
N LEU A 144 -20.88 -30.06 -13.56
CA LEU A 144 -20.94 -30.27 -15.00
C LEU A 144 -19.60 -30.17 -15.73
N GLN A 145 -18.50 -30.15 -15.00
CA GLN A 145 -17.17 -30.05 -15.60
C GLN A 145 -16.89 -31.20 -16.54
N ASN A 146 -16.17 -30.90 -17.62
CA ASN A 146 -15.79 -31.89 -18.62
C ASN A 146 -16.96 -32.56 -19.32
N LYS A 147 -18.18 -32.06 -19.09
CA LYS A 147 -19.37 -32.59 -19.71
C LYS A 147 -19.84 -31.58 -20.74
N PRO A 148 -20.06 -32.02 -22.00
CA PRO A 148 -20.52 -31.12 -23.06
C PRO A 148 -21.81 -30.42 -22.68
N LYS A 149 -21.88 -29.12 -22.97
CA LYS A 149 -23.07 -28.32 -22.62
C LYS A 149 -23.49 -27.53 -23.85
N MET A 150 -24.56 -27.97 -24.48
CA MET A 150 -25.05 -27.30 -25.66
C MET A 150 -25.99 -26.16 -25.33
N PHE A 151 -25.99 -25.13 -26.16
CA PHE A 151 -26.87 -23.99 -25.99
C PHE A 151 -27.52 -23.69 -27.32
N PHE A 152 -28.78 -23.29 -27.29
CA PHE A 152 -29.50 -22.96 -28.51
C PHE A 152 -30.18 -21.63 -28.28
N ILE A 153 -29.58 -20.59 -28.86
CA ILE A 153 -30.04 -19.21 -28.72
C ILE A 153 -30.89 -18.77 -29.89
N GLN A 154 -32.20 -18.92 -29.78
CA GLN A 154 -33.11 -18.48 -30.84
C GLN A 154 -33.53 -17.06 -30.50
N ALA A 155 -32.76 -16.09 -30.97
CA ALA A 155 -33.05 -14.69 -30.72
C ALA A 155 -32.60 -13.85 -31.90
N CYS A 156 -32.68 -12.54 -31.73
CA CYS A 156 -32.27 -11.62 -32.78
C CYS A 156 -31.01 -10.89 -32.35
N ARG A 157 -30.02 -10.87 -33.23
CA ARG A 157 -28.79 -10.17 -32.94
C ARG A 157 -28.90 -8.81 -33.62
N GLY A 158 -30.12 -8.42 -33.99
CA GLY A 158 -30.31 -7.13 -34.65
C GLY A 158 -31.69 -6.71 -35.09
N ASP A 159 -31.75 -5.54 -35.74
CA ASP A 159 -32.99 -4.95 -36.24
C ASP A 159 -33.20 -5.29 -37.71
N GLU A 160 -32.21 -4.88 -38.52
CA GLU A 160 -32.20 -5.06 -39.97
C GLU A 160 -32.55 -6.45 -40.49
N THR A 161 -33.01 -6.50 -41.73
CA THR A 161 -33.37 -7.74 -42.40
C THR A 161 -32.31 -7.93 -43.48
N ASP A 162 -31.82 -9.15 -43.67
CA ASP A 162 -30.81 -9.36 -44.69
C ASP A 162 -31.46 -9.52 -46.07
N ARG A 163 -31.08 -8.64 -47.00
CA ARG A 163 -31.61 -8.67 -48.35
C ARG A 163 -30.84 -9.67 -49.20
N GLY A 164 -29.55 -9.79 -48.96
CA GLY A 164 -28.73 -10.73 -49.70
C GLY A 164 -28.06 -10.09 -50.90
N VAL A 165 -27.24 -10.87 -51.61
CA VAL A 165 -26.55 -10.36 -52.79
C VAL A 165 -26.33 -11.41 -53.86
N ASP A 166 -26.71 -11.06 -55.09
CA ASP A 166 -26.59 -11.91 -56.27
C ASP A 166 -25.26 -12.69 -56.33
N GLN A 167 -25.32 -14.01 -56.41
CA GLN A 167 -24.10 -14.80 -56.49
C GLN A 167 -23.75 -15.05 -57.95
N GLN A 168 -22.78 -14.32 -58.48
CA GLN A 168 -22.44 -14.51 -59.87
C GLN A 168 -21.01 -14.94 -60.16
N ASP A 169 -20.93 -15.84 -61.13
CA ASP A 169 -19.66 -16.38 -61.62
C ASP A 169 -19.21 -15.49 -62.79
N MET B 10 -3.92 -29.84 -10.40
CA MET B 10 -4.96 -30.66 -11.08
C MET B 10 -6.21 -29.85 -11.44
N ARG B 11 -6.05 -28.85 -12.31
CA ARG B 11 -7.18 -28.02 -12.69
C ARG B 11 -7.40 -27.76 -14.16
N LEU B 12 -8.51 -27.09 -14.47
CA LEU B 12 -8.91 -26.76 -15.84
C LEU B 12 -9.32 -25.28 -15.94
N PRO B 13 -9.51 -24.74 -17.17
CA PRO B 13 -9.87 -23.34 -17.43
C PRO B 13 -11.22 -22.98 -16.82
N THR B 14 -11.44 -21.69 -16.57
CA THR B 14 -12.70 -21.25 -15.98
C THR B 14 -13.89 -21.68 -16.82
N ARG B 15 -13.75 -21.61 -18.14
CA ARG B 15 -14.83 -22.01 -19.05
C ARG B 15 -14.33 -22.90 -20.19
N SER B 16 -15.14 -23.90 -20.54
CA SER B 16 -14.78 -24.79 -21.62
C SER B 16 -15.83 -25.87 -21.82
N ASP B 17 -15.67 -26.63 -22.91
CA ASP B 17 -16.56 -27.73 -23.25
C ASP B 17 -17.99 -27.27 -23.51
N MET B 18 -18.12 -26.09 -24.10
CA MET B 18 -19.44 -25.57 -24.43
C MET B 18 -19.62 -25.51 -25.93
N ILE B 19 -20.83 -25.24 -26.37
CA ILE B 19 -21.10 -25.10 -27.79
C ILE B 19 -22.44 -24.41 -27.95
N CYS B 20 -22.41 -23.20 -28.50
CA CYS B 20 -23.62 -22.44 -28.68
C CYS B 20 -24.00 -22.21 -30.13
N GLY B 21 -25.27 -22.46 -30.45
CA GLY B 21 -25.75 -22.26 -31.80
C GLY B 21 -26.63 -21.01 -31.82
N TYR B 22 -26.43 -20.16 -32.82
CA TYR B 22 -27.22 -18.95 -32.95
C TYR B 22 -28.05 -19.02 -34.23
N ALA B 23 -29.30 -18.58 -34.14
CA ALA B 23 -30.21 -18.60 -35.26
C ALA B 23 -29.84 -17.60 -36.34
N CYS B 24 -29.24 -16.50 -35.92
CA CYS B 24 -28.85 -15.47 -36.87
C CYS B 24 -27.49 -14.86 -36.54
N LEU B 25 -26.91 -14.16 -37.51
CA LEU B 25 -25.62 -13.52 -37.32
C LEU B 25 -25.77 -12.21 -36.54
N LYS B 26 -24.63 -11.55 -36.29
CA LYS B 26 -24.61 -10.30 -35.57
C LYS B 26 -25.28 -9.22 -36.40
N GLY B 27 -26.22 -8.50 -35.78
CA GLY B 27 -26.89 -7.42 -36.48
C GLY B 27 -28.15 -7.80 -37.24
N THR B 28 -28.17 -9.01 -37.80
CA THR B 28 -29.32 -9.48 -38.56
C THR B 28 -30.42 -10.05 -37.68
N ALA B 29 -31.59 -10.31 -38.27
CA ALA B 29 -32.72 -10.86 -37.54
C ALA B 29 -33.02 -12.30 -37.95
N ALA B 30 -33.85 -12.95 -37.14
CA ALA B 30 -34.23 -14.33 -37.40
C ALA B 30 -35.47 -14.28 -38.26
N MET B 31 -36.03 -15.45 -38.54
CA MET B 31 -37.24 -15.51 -39.35
C MET B 31 -38.28 -16.40 -38.71
N ARG B 32 -39.35 -15.78 -38.23
CA ARG B 32 -40.43 -16.52 -37.62
C ARG B 32 -41.59 -16.51 -38.59
N ASN B 33 -42.35 -17.59 -38.54
CA ASN B 33 -43.53 -17.80 -39.37
C ASN B 33 -44.61 -18.38 -38.47
N THR B 34 -45.76 -17.72 -38.45
CA THR B 34 -46.89 -18.11 -37.62
C THR B 34 -47.32 -19.58 -37.68
N LYS B 35 -46.96 -20.28 -38.75
CA LYS B 35 -47.36 -21.67 -38.89
C LYS B 35 -46.21 -22.69 -38.82
N ARG B 36 -45.03 -22.30 -39.28
CA ARG B 36 -43.88 -23.19 -39.26
C ARG B 36 -42.87 -22.88 -38.17
N GLY B 37 -42.88 -21.64 -37.69
CA GLY B 37 -41.95 -21.24 -36.64
C GLY B 37 -40.73 -20.57 -37.23
N SER B 38 -39.62 -20.62 -36.50
CA SER B 38 -38.38 -20.00 -36.97
C SER B 38 -37.57 -21.01 -37.79
N TRP B 39 -36.89 -20.55 -38.83
CA TRP B 39 -36.09 -21.43 -39.68
C TRP B 39 -35.04 -22.22 -38.90
N TYR B 40 -34.35 -21.53 -38.00
CA TYR B 40 -33.33 -22.19 -37.20
C TYR B 40 -33.90 -23.40 -36.49
N ILE B 41 -35.01 -23.21 -35.79
CA ILE B 41 -35.63 -24.32 -35.06
C ILE B 41 -36.02 -25.46 -35.99
N GLU B 42 -36.63 -25.13 -37.14
CA GLU B 42 -37.03 -26.15 -38.11
C GLU B 42 -35.78 -26.93 -38.52
N ALA B 43 -34.82 -26.22 -39.09
CA ALA B 43 -33.56 -26.81 -39.54
C ALA B 43 -32.96 -27.65 -38.42
N LEU B 44 -33.00 -27.11 -37.22
CA LEU B 44 -32.46 -27.79 -36.07
C LEU B 44 -33.15 -29.12 -35.87
N ALA B 45 -34.47 -29.06 -35.70
CA ALA B 45 -35.27 -30.27 -35.49
C ALA B 45 -35.10 -31.29 -36.64
N GLN B 46 -34.92 -30.78 -37.84
CA GLN B 46 -34.75 -31.63 -39.01
C GLN B 46 -33.45 -32.37 -38.94
N VAL B 47 -32.34 -31.65 -39.09
CA VAL B 47 -31.01 -32.26 -39.06
C VAL B 47 -30.70 -33.10 -37.83
N PHE B 48 -31.16 -32.67 -36.66
CA PHE B 48 -30.90 -33.41 -35.45
C PHE B 48 -31.59 -34.76 -35.43
N SER B 49 -32.89 -34.77 -35.69
CA SER B 49 -33.67 -36.01 -35.69
C SER B 49 -33.15 -36.97 -36.74
N GLU B 50 -32.84 -36.42 -37.91
CA GLU B 50 -32.36 -37.22 -39.02
C GLU B 50 -30.91 -37.74 -38.90
N ARG B 51 -29.99 -36.91 -38.45
CA ARG B 51 -28.58 -37.33 -38.36
C ARG B 51 -27.96 -37.48 -36.97
N ALA B 52 -28.72 -37.24 -35.92
CA ALA B 52 -28.17 -37.36 -34.58
C ALA B 52 -27.55 -38.74 -34.41
N CYS B 53 -28.03 -39.68 -35.22
CA CYS B 53 -27.54 -41.05 -35.15
C CYS B 53 -26.12 -41.27 -35.66
N ASP B 54 -25.71 -40.54 -36.70
CA ASP B 54 -24.38 -40.75 -37.23
C ASP B 54 -23.58 -39.47 -37.41
N MET B 55 -24.10 -38.35 -36.89
CA MET B 55 -23.43 -37.06 -37.01
C MET B 55 -23.32 -36.35 -35.66
N HIS B 56 -22.13 -35.81 -35.34
CA HIS B 56 -21.96 -35.13 -34.06
C HIS B 56 -22.42 -33.67 -34.08
N VAL B 57 -23.00 -33.24 -32.96
CA VAL B 57 -23.54 -31.89 -32.79
C VAL B 57 -22.79 -30.80 -33.52
N ALA B 58 -21.48 -30.83 -33.45
CA ALA B 58 -20.66 -29.82 -34.10
C ALA B 58 -20.81 -29.85 -35.61
N ASP B 59 -20.92 -31.05 -36.19
CA ASP B 59 -21.08 -31.18 -37.64
C ASP B 59 -22.54 -31.03 -38.08
N MET B 60 -23.49 -31.35 -37.20
CA MET B 60 -24.89 -31.22 -37.55
C MET B 60 -25.23 -29.73 -37.69
N LEU B 61 -24.61 -28.92 -36.83
CA LEU B 61 -24.84 -27.50 -36.89
C LEU B 61 -24.31 -26.98 -38.22
N VAL B 62 -23.27 -27.62 -38.74
CA VAL B 62 -22.72 -27.25 -40.03
C VAL B 62 -23.77 -27.56 -41.08
N LYS B 63 -24.55 -28.61 -40.84
CA LYS B 63 -25.62 -29.00 -41.74
C LYS B 63 -26.68 -27.92 -41.66
N VAL B 64 -27.13 -27.63 -40.44
CA VAL B 64 -28.14 -26.60 -40.24
C VAL B 64 -27.71 -25.33 -40.94
N ASN B 65 -26.42 -25.02 -40.88
CA ASN B 65 -25.91 -23.83 -41.56
C ASN B 65 -26.25 -23.93 -43.04
N ALA B 66 -25.84 -25.05 -43.63
CA ALA B 66 -26.07 -25.32 -45.04
C ALA B 66 -27.54 -25.16 -45.39
N LEU B 67 -28.42 -25.71 -44.58
CA LEU B 67 -29.84 -25.59 -44.87
C LEU B 67 -30.26 -24.13 -44.81
N ILE B 68 -30.01 -23.49 -43.67
CA ILE B 68 -30.38 -22.10 -43.48
C ILE B 68 -29.81 -21.20 -44.56
N LYS B 69 -28.61 -21.51 -45.06
CA LYS B 69 -28.00 -20.69 -46.09
C LYS B 69 -28.78 -20.70 -47.39
N ASP B 70 -29.28 -21.87 -47.78
CA ASP B 70 -30.02 -22.01 -49.02
C ASP B 70 -31.45 -21.48 -48.99
N ARG B 71 -32.08 -21.54 -47.82
CA ARG B 71 -33.45 -21.08 -47.67
C ARG B 71 -33.62 -19.61 -48.02
N GLU B 72 -34.72 -19.31 -48.70
CA GLU B 72 -35.06 -17.96 -49.12
C GLU B 72 -36.39 -17.69 -48.45
N GLY B 73 -36.67 -16.44 -48.12
CA GLY B 73 -37.92 -16.14 -47.45
C GLY B 73 -39.12 -16.07 -48.38
N TYR B 74 -40.21 -16.74 -48.02
CA TYR B 74 -41.40 -16.71 -48.84
C TYR B 74 -42.59 -16.15 -48.08
N ALA B 75 -42.87 -14.89 -48.38
CA ALA B 75 -43.98 -14.16 -47.78
C ALA B 75 -44.17 -13.01 -48.76
N PRO B 76 -44.88 -13.27 -49.86
CA PRO B 76 -45.14 -12.26 -50.89
C PRO B 76 -45.80 -10.96 -50.41
N GLY B 77 -45.70 -9.94 -51.25
CA GLY B 77 -46.31 -8.65 -50.95
C GLY B 77 -45.56 -7.78 -49.96
N THR B 78 -44.61 -8.37 -49.23
CA THR B 78 -43.84 -7.64 -48.24
C THR B 78 -42.38 -7.46 -48.63
N GLU B 79 -41.55 -7.05 -47.67
CA GLU B 79 -40.14 -6.86 -47.95
C GLU B 79 -39.31 -7.98 -47.33
N PHE B 80 -40.02 -8.93 -46.73
CA PHE B 80 -39.40 -10.11 -46.11
C PHE B 80 -39.31 -11.19 -47.18
N HIS B 81 -40.07 -10.98 -48.25
CA HIS B 81 -40.11 -11.91 -49.36
C HIS B 81 -38.75 -11.98 -50.07
N ARG B 82 -38.24 -13.19 -50.24
CA ARG B 82 -36.97 -13.41 -50.92
C ARG B 82 -35.80 -12.82 -50.15
N CYS B 83 -35.84 -12.95 -48.83
CA CYS B 83 -34.77 -12.44 -47.99
C CYS B 83 -33.87 -13.60 -47.59
N LYS B 84 -32.75 -13.28 -46.96
CA LYS B 84 -31.81 -14.30 -46.53
C LYS B 84 -31.59 -14.27 -45.02
N GLU B 85 -30.85 -15.26 -44.53
CA GLU B 85 -30.54 -15.38 -43.12
C GLU B 85 -29.37 -16.34 -43.01
N MET B 86 -28.57 -16.21 -41.97
CA MET B 86 -27.41 -17.09 -41.80
C MET B 86 -27.15 -17.44 -40.35
N SER B 87 -27.08 -18.74 -40.07
CA SER B 87 -26.84 -19.23 -38.73
C SER B 87 -25.35 -19.32 -38.45
N GLU B 88 -24.99 -19.53 -37.20
CA GLU B 88 -23.59 -19.60 -36.80
C GLU B 88 -23.54 -20.39 -35.53
N TYR B 89 -22.34 -20.76 -35.07
CA TYR B 89 -22.20 -21.45 -33.78
C TYR B 89 -20.77 -21.29 -33.35
N CYS B 90 -20.56 -21.25 -32.03
CA CYS B 90 -19.22 -21.13 -31.49
C CYS B 90 -18.96 -22.35 -30.61
N SER B 91 -17.73 -22.81 -30.57
CA SER B 91 -17.44 -24.00 -29.79
C SER B 91 -16.15 -24.00 -29.03
N THR B 92 -16.19 -24.61 -27.86
CA THR B 92 -15.02 -24.75 -27.04
C THR B 92 -15.05 -26.21 -26.67
N LEU B 93 -15.77 -27.00 -27.46
CA LEU B 93 -15.86 -28.42 -27.22
C LEU B 93 -14.45 -28.94 -27.47
N CYS B 94 -14.09 -30.07 -26.85
CA CYS B 94 -12.75 -30.61 -27.03
C CYS B 94 -12.70 -32.03 -27.56
N ARG B 95 -13.87 -32.56 -27.92
CA ARG B 95 -13.97 -33.92 -28.44
C ARG B 95 -15.31 -33.99 -29.18
N HIS B 96 -15.45 -34.89 -30.16
CA HIS B 96 -16.70 -34.98 -30.88
C HIS B 96 -17.85 -35.14 -29.89
N LEU B 97 -19.00 -34.56 -30.18
CA LEU B 97 -20.15 -34.68 -29.28
C LEU B 97 -21.29 -35.43 -29.95
N TYR B 98 -21.32 -36.75 -29.81
CA TYR B 98 -22.36 -37.57 -30.41
C TYR B 98 -23.48 -37.78 -29.41
N LEU B 99 -24.73 -37.61 -29.84
CA LEU B 99 -25.86 -37.78 -28.94
C LEU B 99 -26.32 -39.24 -28.83
N PHE B 100 -25.61 -40.14 -29.53
CA PHE B 100 -25.93 -41.57 -29.52
C PHE B 100 -27.37 -41.87 -29.16
N PRO B 101 -28.33 -41.39 -29.96
CA PRO B 101 -29.74 -41.63 -29.69
C PRO B 101 -30.08 -43.08 -29.46
N GLY B 102 -30.80 -43.31 -28.38
CA GLY B 102 -31.21 -44.64 -28.01
C GLY B 102 -30.10 -45.57 -27.57
N HIS B 103 -29.72 -46.47 -28.49
CA HIS B 103 -28.70 -47.49 -28.24
C HIS B 103 -29.46 -48.64 -27.55
N PRO B 104 -30.23 -49.42 -28.35
CA PRO B 104 -31.07 -50.59 -28.03
C PRO B 104 -30.71 -51.45 -26.80
N PRO B 105 -31.66 -51.61 -25.85
CA PRO B 105 -31.55 -52.41 -24.61
C PRO B 105 -31.59 -53.96 -24.92
N HIS C 9 -36.62 -45.19 -47.67
CA HIS C 9 -35.63 -44.09 -47.37
C HIS C 9 -34.33 -44.68 -46.83
N HIS C 10 -33.37 -44.97 -47.71
CA HIS C 10 -32.10 -45.55 -47.27
C HIS C 10 -30.77 -45.22 -48.02
N GLY C 11 -29.93 -44.40 -47.38
CA GLY C 11 -28.64 -44.01 -47.86
C GLY C 11 -28.35 -43.34 -49.21
N SER C 12 -28.22 -42.01 -49.25
CA SER C 12 -27.87 -41.33 -50.46
C SER C 12 -28.91 -41.60 -51.48
N ASP C 13 -30.15 -41.50 -51.03
CA ASP C 13 -31.32 -41.78 -51.85
C ASP C 13 -31.43 -41.36 -53.33
N LEU C 14 -32.34 -42.07 -54.00
CA LEU C 14 -32.69 -41.89 -55.43
C LEU C 14 -33.20 -40.49 -55.76
N GLY C 15 -34.46 -40.21 -55.46
CA GLY C 15 -34.98 -38.90 -55.77
C GLY C 15 -34.37 -37.71 -55.02
N LYS C 16 -33.38 -37.97 -54.18
CA LYS C 16 -32.72 -36.91 -53.43
C LYS C 16 -31.59 -36.29 -54.20
N LYS C 17 -30.84 -37.13 -54.89
CA LYS C 17 -29.74 -36.66 -55.68
C LYS C 17 -30.40 -35.87 -56.77
N LEU C 18 -31.63 -36.26 -57.11
CA LEU C 18 -32.40 -35.54 -58.13
C LEU C 18 -32.54 -34.09 -57.69
N LEU C 19 -33.33 -33.88 -56.64
CA LEU C 19 -33.52 -32.53 -56.12
C LEU C 19 -32.19 -31.80 -56.20
N GLU C 20 -31.11 -32.51 -55.87
CA GLU C 20 -29.78 -31.92 -55.87
C GLU C 20 -29.41 -31.33 -57.23
N ALA C 21 -29.20 -32.19 -58.21
CA ALA C 21 -28.81 -31.75 -59.54
C ALA C 21 -29.89 -30.96 -60.25
N ALA C 22 -31.00 -30.72 -59.55
CA ALA C 22 -32.11 -29.97 -60.14
C ALA C 22 -32.04 -28.51 -59.70
N ARG C 23 -31.72 -28.31 -58.42
CA ARG C 23 -31.59 -26.97 -57.85
C ARG C 23 -30.23 -26.47 -58.27
N ALA C 24 -29.28 -27.40 -58.38
CA ALA C 24 -27.92 -27.10 -58.83
C ALA C 24 -28.02 -26.99 -60.33
N GLY C 25 -29.21 -27.32 -60.82
CA GLY C 25 -29.54 -27.25 -62.22
C GLY C 25 -28.53 -27.67 -63.26
N GLN C 26 -28.10 -28.92 -63.20
CA GLN C 26 -27.14 -29.43 -64.18
C GLN C 26 -27.89 -30.46 -65.04
N ASP C 27 -28.37 -30.00 -66.19
CA ASP C 27 -29.12 -30.82 -67.14
C ASP C 27 -28.79 -32.31 -67.16
N ASP C 28 -27.80 -32.64 -67.98
CA ASP C 28 -27.31 -34.01 -68.17
C ASP C 28 -27.49 -34.87 -66.91
N GLU C 29 -27.21 -34.28 -65.75
CA GLU C 29 -27.30 -34.99 -64.47
C GLU C 29 -28.71 -35.33 -63.97
N VAL C 30 -29.70 -34.63 -64.52
CA VAL C 30 -31.11 -34.81 -64.17
C VAL C 30 -31.73 -35.87 -65.09
N ARG C 31 -31.29 -35.90 -66.33
CA ARG C 31 -31.79 -36.90 -67.28
C ARG C 31 -31.44 -38.27 -66.73
N ILE C 32 -30.16 -38.45 -66.44
CA ILE C 32 -29.62 -39.71 -65.93
C ILE C 32 -30.43 -40.21 -64.73
N LEU C 33 -30.51 -39.41 -63.69
CA LEU C 33 -31.26 -39.77 -62.50
C LEU C 33 -32.67 -40.19 -62.86
N MET C 34 -33.30 -39.49 -63.82
CA MET C 34 -34.66 -39.84 -64.25
C MET C 34 -34.68 -41.22 -64.88
N ALA C 35 -33.69 -41.49 -65.71
CA ALA C 35 -33.57 -42.77 -66.39
C ALA C 35 -33.52 -43.92 -65.38
N ASN C 36 -32.82 -43.70 -64.27
CA ASN C 36 -32.70 -44.73 -63.24
C ASN C 36 -33.96 -44.90 -62.40
N GLY C 37 -35.02 -44.21 -62.78
CA GLY C 37 -36.27 -44.31 -62.03
C GLY C 37 -36.33 -43.53 -60.74
N ALA C 38 -35.74 -42.34 -60.74
CA ALA C 38 -35.76 -41.48 -59.56
C ALA C 38 -37.18 -41.02 -59.33
N ASP C 39 -37.59 -41.00 -58.07
CA ASP C 39 -38.94 -40.56 -57.73
C ASP C 39 -39.09 -39.09 -58.11
N VAL C 40 -39.70 -38.85 -59.26
CA VAL C 40 -39.88 -37.48 -59.75
C VAL C 40 -40.88 -36.67 -58.89
N ASN C 41 -41.05 -37.08 -57.65
CA ASN C 41 -41.94 -36.40 -56.73
C ASN C 41 -41.30 -36.26 -55.36
N ALA C 42 -39.97 -36.16 -55.34
CA ALA C 42 -39.23 -36.02 -54.10
C ALA C 42 -39.42 -34.62 -53.52
N THR C 43 -39.16 -34.45 -52.23
CA THR C 43 -39.35 -33.15 -51.58
C THR C 43 -38.21 -32.78 -50.63
N ASP C 44 -38.03 -31.50 -50.33
CA ASP C 44 -37.02 -31.18 -49.34
C ASP C 44 -37.73 -30.87 -48.04
N TRP C 45 -36.93 -30.51 -47.05
CA TRP C 45 -37.42 -30.17 -45.73
C TRP C 45 -38.41 -29.02 -45.79
N LEU C 46 -38.48 -28.36 -46.95
CA LEU C 46 -39.39 -27.25 -47.18
C LEU C 46 -40.54 -27.67 -48.07
N GLY C 47 -40.46 -28.87 -48.63
CA GLY C 47 -41.52 -29.35 -49.49
C GLY C 47 -41.33 -29.17 -50.99
N HIS C 48 -40.33 -28.42 -51.40
CA HIS C 48 -40.09 -28.22 -52.81
C HIS C 48 -39.85 -29.54 -53.53
N THR C 49 -40.20 -29.59 -54.80
CA THR C 49 -40.00 -30.79 -55.61
C THR C 49 -39.04 -30.40 -56.73
N PRO C 50 -38.45 -31.39 -57.41
CA PRO C 50 -37.52 -31.02 -58.48
C PRO C 50 -38.11 -29.96 -59.40
N LEU C 51 -39.34 -30.17 -59.87
CA LEU C 51 -39.95 -29.19 -60.75
C LEU C 51 -39.97 -27.85 -60.05
N HIS C 52 -40.35 -27.85 -58.78
CA HIS C 52 -40.40 -26.62 -57.99
C HIS C 52 -39.06 -25.89 -58.05
N LEU C 53 -38.01 -26.57 -57.60
CA LEU C 53 -36.66 -26.01 -57.60
C LEU C 53 -36.29 -25.50 -58.96
N ALA C 54 -36.54 -26.31 -59.99
CA ALA C 54 -36.22 -25.95 -61.37
C ALA C 54 -37.05 -24.75 -61.81
N ALA C 55 -38.32 -24.74 -61.44
CA ALA C 55 -39.20 -23.64 -61.78
C ALA C 55 -38.74 -22.36 -61.10
N LYS C 56 -38.55 -22.43 -59.80
CA LYS C 56 -38.11 -21.26 -59.06
C LYS C 56 -36.75 -20.71 -59.49
N THR C 57 -35.76 -21.56 -59.68
CA THR C 57 -34.45 -21.07 -60.06
C THR C 57 -34.31 -20.72 -61.53
N GLY C 58 -35.22 -21.24 -62.35
CA GLY C 58 -35.17 -20.92 -63.77
C GLY C 58 -34.36 -21.79 -64.70
N HIS C 59 -34.47 -23.09 -64.55
CA HIS C 59 -33.74 -24.00 -65.42
C HIS C 59 -34.76 -24.66 -66.31
N LEU C 60 -35.23 -23.89 -67.28
CA LEU C 60 -36.24 -24.33 -68.24
C LEU C 60 -36.01 -25.73 -68.81
N GLU C 61 -34.78 -25.99 -69.19
CA GLU C 61 -34.40 -27.26 -69.76
C GLU C 61 -34.68 -28.49 -68.89
N ILE C 62 -34.52 -28.33 -67.59
CA ILE C 62 -34.76 -29.39 -66.62
C ILE C 62 -36.25 -29.46 -66.32
N VAL C 63 -36.90 -28.30 -66.42
CA VAL C 63 -38.33 -28.18 -66.17
C VAL C 63 -39.07 -28.95 -67.24
N GLU C 64 -38.48 -28.94 -68.42
CA GLU C 64 -39.04 -29.61 -69.58
C GLU C 64 -38.86 -31.13 -69.46
N VAL C 65 -37.62 -31.58 -69.25
CA VAL C 65 -37.34 -33.01 -69.11
C VAL C 65 -38.09 -33.57 -67.90
N LEU C 66 -38.30 -32.73 -66.90
CA LEU C 66 -39.00 -33.18 -65.70
C LEU C 66 -40.46 -33.47 -66.02
N LEU C 67 -41.13 -32.49 -66.60
CA LEU C 67 -42.54 -32.65 -66.95
C LEU C 67 -42.76 -33.91 -67.77
N LYS C 68 -41.76 -34.29 -68.55
CA LYS C 68 -41.81 -35.48 -69.41
C LYS C 68 -41.87 -36.77 -68.61
N TYR C 69 -41.39 -36.77 -67.38
CA TYR C 69 -41.44 -37.99 -66.58
C TYR C 69 -42.60 -38.00 -65.60
N GLY C 70 -43.77 -37.58 -66.11
CA GLY C 70 -44.96 -37.56 -65.30
C GLY C 70 -44.87 -36.69 -64.07
N ALA C 71 -43.95 -35.73 -64.09
CA ALA C 71 -43.80 -34.83 -62.95
C ALA C 71 -45.09 -34.05 -62.75
N ASP C 72 -45.55 -34.00 -61.50
CA ASP C 72 -46.78 -33.29 -61.19
C ASP C 72 -46.52 -31.79 -61.34
N VAL C 73 -47.22 -31.17 -62.27
CA VAL C 73 -47.07 -29.75 -62.54
C VAL C 73 -47.90 -28.89 -61.59
N ASN C 74 -48.79 -29.51 -60.82
CA ASN C 74 -49.60 -28.75 -59.88
C ASN C 74 -49.38 -29.21 -58.46
N ALA C 75 -48.13 -29.21 -58.03
CA ALA C 75 -47.76 -29.61 -56.68
C ALA C 75 -47.51 -28.35 -55.85
N TRP C 76 -47.55 -28.50 -54.54
CA TRP C 76 -47.35 -27.38 -53.61
C TRP C 76 -46.31 -27.68 -52.52
N ASP C 77 -45.74 -26.63 -51.91
CA ASP C 77 -44.78 -26.84 -50.84
C ASP C 77 -45.36 -26.48 -49.49
N ASN C 78 -44.53 -26.53 -48.46
CA ASN C 78 -44.95 -26.23 -47.11
C ASN C 78 -45.56 -24.85 -46.94
N TYR C 79 -45.33 -23.98 -47.92
CA TYR C 79 -45.90 -22.64 -47.89
C TYR C 79 -47.17 -22.67 -48.72
N GLY C 80 -47.32 -23.72 -49.51
CA GLY C 80 -48.49 -23.85 -50.35
C GLY C 80 -48.34 -23.21 -51.72
N ALA C 81 -47.10 -23.07 -52.16
CA ALA C 81 -46.83 -22.47 -53.46
C ALA C 81 -46.77 -23.54 -54.54
N THR C 82 -46.87 -23.12 -55.79
CA THR C 82 -46.84 -24.02 -56.92
C THR C 82 -45.68 -23.67 -57.86
N PRO C 83 -45.23 -24.62 -58.67
CA PRO C 83 -44.14 -24.31 -59.58
C PRO C 83 -44.42 -23.10 -60.43
N LEU C 84 -45.68 -22.85 -60.71
CA LEU C 84 -46.08 -21.68 -61.49
C LEU C 84 -45.82 -20.46 -60.60
N HIS C 85 -46.27 -20.56 -59.35
CA HIS C 85 -46.09 -19.51 -58.36
C HIS C 85 -44.63 -19.05 -58.39
N LEU C 86 -43.73 -19.99 -58.16
CA LEU C 86 -42.31 -19.70 -58.12
C LEU C 86 -41.80 -19.21 -59.46
N ALA C 87 -42.24 -19.85 -60.53
CA ALA C 87 -41.80 -19.48 -61.87
C ALA C 87 -42.15 -18.02 -62.18
N ALA C 88 -43.40 -17.64 -61.90
CA ALA C 88 -43.86 -16.29 -62.15
C ALA C 88 -43.21 -15.32 -61.16
N ASP C 89 -43.17 -15.73 -59.90
CA ASP C 89 -42.58 -14.90 -58.84
C ASP C 89 -41.16 -14.51 -59.14
N ASN C 90 -40.42 -15.38 -59.81
CA ASN C 90 -39.03 -15.08 -60.14
C ASN C 90 -38.81 -14.64 -61.58
N GLY C 91 -39.89 -14.31 -62.28
CA GLY C 91 -39.80 -13.85 -63.65
C GLY C 91 -39.12 -14.72 -64.70
N HIS C 92 -39.62 -15.93 -64.90
CA HIS C 92 -39.05 -16.82 -65.89
C HIS C 92 -40.16 -17.16 -66.89
N LEU C 93 -40.50 -16.15 -67.66
CA LEU C 93 -41.53 -16.23 -68.68
C LEU C 93 -41.62 -17.58 -69.34
N GLU C 94 -40.53 -17.99 -69.98
CA GLU C 94 -40.47 -19.25 -70.70
C GLU C 94 -41.11 -20.42 -69.94
N ILE C 95 -40.63 -20.65 -68.72
CA ILE C 95 -41.14 -21.73 -67.90
C ILE C 95 -42.58 -21.45 -67.49
N VAL C 96 -42.92 -20.19 -67.29
CA VAL C 96 -44.27 -19.81 -66.90
C VAL C 96 -45.21 -20.30 -67.99
N GLU C 97 -44.75 -20.17 -69.23
CA GLU C 97 -45.54 -20.60 -70.37
C GLU C 97 -45.58 -22.12 -70.40
N VAL C 98 -44.40 -22.73 -70.44
CA VAL C 98 -44.29 -24.17 -70.46
C VAL C 98 -45.17 -24.82 -69.39
N LEU C 99 -45.03 -24.34 -68.16
CA LEU C 99 -45.81 -24.86 -67.05
C LEU C 99 -47.30 -24.71 -67.31
N LEU C 100 -47.66 -23.66 -68.02
CA LEU C 100 -49.07 -23.41 -68.32
C LEU C 100 -49.64 -24.34 -69.38
N LYS C 101 -48.87 -24.55 -70.44
CA LYS C 101 -49.31 -25.42 -71.51
C LYS C 101 -49.62 -26.82 -70.97
N HIS C 102 -49.04 -27.13 -69.81
CA HIS C 102 -49.25 -28.44 -69.20
C HIS C 102 -50.38 -28.49 -68.21
N GLY C 103 -51.15 -27.41 -68.13
CA GLY C 103 -52.30 -27.39 -67.25
C GLY C 103 -52.11 -26.86 -65.85
N ALA C 104 -51.29 -25.84 -65.72
CA ALA C 104 -51.04 -25.24 -64.43
C ALA C 104 -52.26 -24.44 -63.99
N ASP C 105 -52.61 -24.59 -62.72
CA ASP C 105 -53.74 -23.91 -62.14
C ASP C 105 -53.47 -22.42 -62.03
N VAL C 106 -53.54 -21.71 -63.16
CA VAL C 106 -53.31 -20.27 -63.21
C VAL C 106 -53.95 -19.50 -62.04
N ASN C 107 -54.99 -20.07 -61.46
CA ASN C 107 -55.69 -19.44 -60.34
C ASN C 107 -55.48 -20.17 -59.01
N ALA C 108 -54.31 -20.76 -58.85
CA ALA C 108 -53.99 -21.48 -57.62
C ALA C 108 -53.60 -20.47 -56.53
N LYS C 109 -53.91 -20.83 -55.29
CA LYS C 109 -53.59 -19.97 -54.16
C LYS C 109 -52.75 -20.74 -53.15
N ASP C 110 -51.82 -20.04 -52.50
CA ASP C 110 -50.97 -20.69 -51.51
C ASP C 110 -51.67 -20.62 -50.15
N TYR C 111 -51.12 -21.30 -49.16
CA TYR C 111 -51.71 -21.32 -47.82
C TYR C 111 -52.23 -19.95 -47.36
N GLU C 112 -51.73 -18.87 -47.93
CA GLU C 112 -52.19 -17.54 -47.52
C GLU C 112 -52.90 -16.76 -48.61
N GLY C 113 -53.33 -17.46 -49.66
CA GLY C 113 -54.09 -16.82 -50.72
C GLY C 113 -53.44 -16.35 -52.00
N PHE C 114 -52.25 -15.75 -51.92
CA PHE C 114 -51.58 -15.24 -53.11
C PHE C 114 -51.66 -16.17 -54.32
N THR C 115 -51.76 -15.57 -55.50
CA THR C 115 -51.84 -16.34 -56.75
C THR C 115 -50.73 -15.90 -57.68
N PRO C 116 -50.39 -16.74 -58.68
CA PRO C 116 -49.33 -16.40 -59.62
C PRO C 116 -49.44 -14.97 -60.14
N LEU C 117 -50.66 -14.49 -60.32
CA LEU C 117 -50.84 -13.13 -60.82
C LEU C 117 -50.25 -12.14 -59.83
N HIS C 118 -50.58 -12.31 -58.55
CA HIS C 118 -50.08 -11.42 -57.53
C HIS C 118 -48.55 -11.42 -57.53
N LEU C 119 -47.96 -12.58 -57.24
CA LEU C 119 -46.51 -12.73 -57.21
C LEU C 119 -45.87 -12.13 -58.45
N ALA C 120 -46.54 -12.30 -59.59
CA ALA C 120 -46.04 -11.77 -60.86
C ALA C 120 -46.26 -10.27 -60.94
N ALA C 121 -47.23 -9.79 -60.17
CA ALA C 121 -47.55 -8.37 -60.13
C ALA C 121 -46.66 -7.65 -59.13
N TYR C 122 -46.67 -8.13 -57.89
CA TYR C 122 -45.87 -7.54 -56.84
C TYR C 122 -44.44 -7.26 -57.30
N ASP C 123 -43.98 -8.01 -58.29
CA ASP C 123 -42.62 -7.82 -58.79
C ASP C 123 -42.57 -7.03 -60.09
N GLY C 124 -43.75 -6.66 -60.59
CA GLY C 124 -43.84 -5.91 -61.80
C GLY C 124 -43.24 -6.59 -63.02
N HIS C 125 -43.68 -7.82 -63.27
CA HIS C 125 -43.19 -8.59 -64.41
C HIS C 125 -44.14 -8.52 -65.58
N LEU C 126 -43.88 -7.56 -66.46
CA LEU C 126 -44.66 -7.35 -67.65
C LEU C 126 -45.24 -8.62 -68.26
N GLU C 127 -44.60 -9.06 -69.33
CA GLU C 127 -44.98 -10.24 -70.09
C GLU C 127 -45.52 -11.40 -69.27
N ILE C 128 -44.98 -11.58 -68.07
CA ILE C 128 -45.42 -12.67 -67.18
C ILE C 128 -46.89 -12.48 -66.77
N VAL C 129 -47.33 -11.24 -66.66
CA VAL C 129 -48.69 -10.95 -66.27
C VAL C 129 -49.56 -11.17 -67.51
N GLU C 130 -49.09 -10.65 -68.63
CA GLU C 130 -49.81 -10.79 -69.88
C GLU C 130 -50.15 -12.26 -70.15
N VAL C 131 -49.16 -13.14 -69.96
CA VAL C 131 -49.36 -14.55 -70.20
C VAL C 131 -50.26 -15.23 -69.17
N LEU C 132 -50.22 -14.77 -67.92
CA LEU C 132 -51.05 -15.37 -66.88
C LEU C 132 -52.52 -15.10 -67.14
N LEU C 133 -52.81 -13.90 -67.68
CA LEU C 133 -54.18 -13.51 -67.98
C LEU C 133 -54.72 -14.51 -69.01
N LYS C 134 -54.03 -14.53 -70.13
CA LYS C 134 -54.34 -15.40 -71.25
C LYS C 134 -54.96 -16.74 -70.88
N TYR C 135 -54.55 -17.29 -69.74
CA TYR C 135 -55.05 -18.57 -69.29
C TYR C 135 -56.12 -18.49 -68.23
N GLY C 136 -56.90 -17.41 -68.27
CA GLY C 136 -57.97 -17.27 -67.31
C GLY C 136 -57.47 -16.85 -65.96
N ALA C 137 -56.75 -15.73 -65.90
CA ALA C 137 -56.23 -15.21 -64.65
C ALA C 137 -57.30 -14.34 -63.97
N ASP C 138 -57.78 -14.82 -62.83
CA ASP C 138 -58.79 -14.09 -62.08
C ASP C 138 -58.23 -12.74 -61.63
N VAL C 139 -58.26 -11.76 -62.52
CA VAL C 139 -57.75 -10.42 -62.21
C VAL C 139 -58.52 -9.81 -61.05
N ASN C 140 -59.50 -10.55 -60.54
CA ASN C 140 -60.32 -10.11 -59.43
C ASN C 140 -60.14 -11.02 -58.22
N ALA C 141 -58.88 -11.31 -57.88
CA ALA C 141 -58.51 -12.15 -56.75
C ALA C 141 -57.97 -11.25 -55.65
N GLN C 142 -58.30 -11.56 -54.41
CA GLN C 142 -57.86 -10.75 -53.28
C GLN C 142 -56.95 -11.57 -52.38
N ASP C 143 -55.71 -11.12 -52.26
CA ASP C 143 -54.76 -11.81 -51.39
C ASP C 143 -55.10 -11.41 -49.97
N LYS C 144 -54.24 -11.77 -49.04
CA LYS C 144 -54.44 -11.46 -47.63
C LYS C 144 -54.61 -9.97 -47.34
N PHE C 145 -53.95 -9.14 -48.13
CA PHE C 145 -54.02 -7.71 -47.95
C PHE C 145 -55.26 -7.04 -48.52
N GLY C 146 -56.10 -7.83 -49.18
CA GLY C 146 -57.31 -7.27 -49.73
C GLY C 146 -57.14 -6.44 -50.99
N LYS C 147 -55.96 -6.54 -51.61
CA LYS C 147 -55.69 -5.81 -52.84
C LYS C 147 -55.72 -6.76 -54.03
N THR C 148 -55.65 -6.19 -55.25
CA THR C 148 -55.69 -7.00 -56.46
C THR C 148 -54.54 -6.64 -57.39
N ALA C 149 -54.34 -7.47 -58.42
CA ALA C 149 -53.27 -7.24 -59.39
C ALA C 149 -53.30 -5.80 -59.88
N PHE C 150 -54.41 -5.13 -59.62
CA PHE C 150 -54.57 -3.75 -60.04
C PHE C 150 -53.91 -2.82 -59.04
N ASP C 151 -54.44 -2.82 -57.82
CA ASP C 151 -53.89 -2.00 -56.74
C ASP C 151 -52.39 -2.08 -56.66
N ILE C 152 -51.83 -3.18 -57.16
CA ILE C 152 -50.40 -3.38 -57.11
C ILE C 152 -49.63 -2.67 -58.22
N SER C 153 -50.33 -2.17 -59.23
CA SER C 153 -49.67 -1.48 -60.34
C SER C 153 -49.41 -0.02 -59.92
N ILE C 154 -50.37 0.57 -59.22
CA ILE C 154 -50.26 1.96 -58.77
C ILE C 154 -49.26 2.09 -57.61
N ASP C 155 -49.59 1.47 -56.47
CA ASP C 155 -48.73 1.53 -55.29
C ASP C 155 -47.26 1.38 -55.65
N ASN C 156 -46.92 0.33 -56.37
CA ASN C 156 -45.55 0.08 -56.77
C ASN C 156 -44.99 1.06 -57.80
N GLY C 157 -45.71 2.14 -58.06
CA GLY C 157 -45.26 3.13 -59.02
C GLY C 157 -44.95 2.56 -60.40
N ASN C 158 -45.69 1.55 -60.81
CA ASN C 158 -45.47 0.94 -62.12
C ASN C 158 -46.75 1.12 -62.92
N GLU C 159 -46.73 2.05 -63.86
CA GLU C 159 -47.93 2.31 -64.65
C GLU C 159 -48.04 1.56 -65.98
N ASP C 160 -46.93 1.07 -66.52
CA ASP C 160 -47.01 0.32 -67.78
C ASP C 160 -47.84 -0.94 -67.54
N LEU C 161 -48.26 -1.13 -66.29
CA LEU C 161 -49.05 -2.28 -65.86
C LEU C 161 -50.39 -1.85 -65.28
N ALA C 162 -50.61 -0.54 -65.21
CA ALA C 162 -51.81 0.07 -64.65
C ALA C 162 -53.16 -0.49 -65.11
N GLU C 163 -53.95 0.37 -65.74
CA GLU C 163 -55.30 0.00 -66.24
C GLU C 163 -55.28 -1.17 -67.21
N ILE C 164 -54.09 -1.70 -67.51
CA ILE C 164 -53.96 -2.82 -68.42
C ILE C 164 -54.60 -4.06 -67.77
N LEU C 165 -55.60 -3.81 -66.92
CA LEU C 165 -56.34 -4.84 -66.23
C LEU C 165 -57.78 -4.32 -66.13
N GLN C 166 -58.82 -5.09 -66.52
CA GLN C 166 -60.20 -4.55 -66.38
C GLN C 166 -61.14 -5.68 -65.91
N CYS D 9 11.70 -29.64 -40.23
CA CYS D 9 11.32 -30.42 -39.02
C CYS D 9 9.80 -30.44 -38.73
N LEU D 10 9.11 -29.36 -39.09
CA LEU D 10 7.66 -29.30 -38.89
C LEU D 10 7.02 -29.79 -40.19
N GLN D 11 7.16 -31.08 -40.46
CA GLN D 11 6.60 -31.69 -41.67
C GLN D 11 5.09 -31.53 -41.69
N VAL D 12 4.44 -32.09 -42.69
CA VAL D 12 2.98 -32.00 -42.78
C VAL D 12 2.41 -33.18 -43.55
N LYS D 13 1.98 -34.19 -42.80
CA LYS D 13 1.43 -35.42 -43.37
C LYS D 13 0.39 -35.17 -44.44
N PRO D 14 0.57 -35.81 -45.60
CA PRO D 14 -0.27 -35.74 -46.81
C PRO D 14 -1.51 -36.61 -46.61
N CYS D 15 -2.43 -36.57 -47.57
CA CYS D 15 -3.64 -37.37 -47.46
C CYS D 15 -3.67 -38.51 -48.45
N THR D 16 -3.96 -39.69 -47.92
CA THR D 16 -4.02 -40.90 -48.70
C THR D 16 -5.11 -40.75 -49.78
N PRO D 17 -4.85 -41.27 -51.00
CA PRO D 17 -5.81 -41.19 -52.09
C PRO D 17 -7.20 -41.78 -51.83
N GLU D 18 -7.33 -42.61 -50.80
CA GLU D 18 -8.64 -43.18 -50.45
C GLU D 18 -9.47 -42.09 -49.77
N PHE D 19 -8.80 -41.31 -48.93
CA PHE D 19 -9.44 -40.21 -48.22
C PHE D 19 -10.15 -39.26 -49.19
N TYR D 20 -9.40 -38.70 -50.13
CA TYR D 20 -10.01 -37.80 -51.08
C TYR D 20 -11.03 -38.52 -51.94
N GLN D 21 -10.78 -39.79 -52.21
CA GLN D 21 -11.71 -40.55 -53.02
C GLN D 21 -12.99 -40.83 -52.24
N THR D 22 -12.94 -40.67 -50.92
CA THR D 22 -14.10 -40.95 -50.12
C THR D 22 -14.72 -39.73 -49.43
N HIS D 23 -14.02 -38.60 -49.43
CA HIS D 23 -14.53 -37.40 -48.76
C HIS D 23 -14.81 -36.18 -49.64
N PHE D 24 -14.07 -36.01 -50.73
CA PHE D 24 -14.25 -34.85 -51.61
C PHE D 24 -15.70 -34.53 -51.96
N GLN D 25 -16.53 -35.55 -52.00
CA GLN D 25 -17.93 -35.35 -52.33
C GLN D 25 -18.57 -34.33 -51.40
N LEU D 26 -18.52 -34.60 -50.10
CA LEU D 26 -19.10 -33.72 -49.09
C LEU D 26 -18.01 -32.85 -48.46
N ALA D 27 -17.44 -31.93 -49.24
CA ALA D 27 -16.39 -31.11 -48.71
C ALA D 27 -15.91 -30.00 -49.65
N TYR D 28 -16.09 -28.75 -49.23
CA TYR D 28 -15.65 -27.60 -50.00
C TYR D 28 -14.52 -28.00 -50.94
N ARG D 29 -14.76 -27.90 -52.25
CA ARG D 29 -13.73 -28.24 -53.24
C ARG D 29 -12.49 -27.41 -52.88
N LEU D 30 -11.40 -28.07 -52.48
CA LEU D 30 -10.22 -27.30 -52.10
C LEU D 30 -8.93 -27.88 -52.65
N GLN D 31 -8.96 -28.29 -53.92
CA GLN D 31 -7.79 -28.89 -54.53
C GLN D 31 -7.11 -28.03 -55.58
N SER D 32 -7.29 -26.72 -55.48
CA SER D 32 -6.68 -25.79 -56.42
C SER D 32 -5.23 -25.53 -56.06
N ARG D 33 -4.45 -25.06 -57.03
CA ARG D 33 -3.04 -24.76 -56.78
C ARG D 33 -2.73 -23.36 -57.28
N PRO D 34 -2.41 -22.43 -56.36
CA PRO D 34 -2.33 -22.63 -54.91
C PRO D 34 -3.68 -23.04 -54.33
N ARG D 35 -3.69 -23.40 -53.05
CA ARG D 35 -4.93 -23.79 -52.42
C ARG D 35 -5.68 -22.56 -51.95
N GLY D 36 -5.09 -21.41 -52.24
CA GLY D 36 -5.69 -20.14 -51.87
C GLY D 36 -4.62 -19.21 -51.35
N LEU D 37 -4.97 -17.96 -51.10
CA LEU D 37 -4.00 -17.00 -50.57
C LEU D 37 -4.06 -16.91 -49.05
N ALA D 38 -2.91 -16.76 -48.42
CA ALA D 38 -2.85 -16.64 -46.98
C ALA D 38 -2.14 -15.35 -46.61
N LEU D 39 -2.68 -14.62 -45.65
CA LEU D 39 -2.07 -13.37 -45.21
C LEU D 39 -1.73 -13.49 -43.74
N VAL D 40 -0.48 -13.20 -43.39
CA VAL D 40 -0.07 -13.29 -41.99
C VAL D 40 0.36 -11.95 -41.38
N LEU D 41 -0.56 -11.01 -41.29
CA LEU D 41 -0.27 -9.72 -40.71
C LEU D 41 -0.01 -9.86 -39.21
N SER D 42 1.16 -9.41 -38.75
CA SER D 42 1.48 -9.51 -37.32
C SER D 42 2.26 -8.31 -36.79
N ASN D 43 1.64 -7.54 -35.90
CA ASN D 43 2.29 -6.38 -35.31
C ASN D 43 3.10 -6.87 -34.12
N VAL D 44 4.24 -6.22 -33.86
CA VAL D 44 5.09 -6.61 -32.74
C VAL D 44 5.69 -5.44 -31.98
N HIS D 45 5.90 -4.31 -32.66
CA HIS D 45 6.46 -3.11 -32.01
C HIS D 45 5.40 -2.02 -31.91
N PHE D 46 5.24 -1.43 -30.74
CA PHE D 46 4.23 -0.41 -30.57
C PHE D 46 4.70 0.96 -30.10
N THR D 47 4.49 1.93 -30.98
CA THR D 47 4.86 3.33 -30.78
C THR D 47 3.70 4.15 -30.18
N GLY D 48 3.33 5.22 -30.88
CA GLY D 48 2.25 6.09 -30.44
C GLY D 48 2.06 6.19 -28.94
N GLU D 49 0.85 6.54 -28.50
CA GLU D 49 0.57 6.65 -27.08
C GLU D 49 1.17 5.41 -26.45
N LYS D 50 2.08 5.60 -25.50
CA LYS D 50 2.74 4.46 -24.87
C LYS D 50 1.89 3.70 -23.85
N GLU D 51 1.65 2.43 -24.16
CA GLU D 51 0.85 1.56 -23.31
C GLU D 51 1.18 0.09 -23.59
N LEU D 52 1.08 -0.30 -24.85
CA LEU D 52 1.32 -1.66 -25.28
C LEU D 52 2.78 -2.06 -25.22
N GLU D 53 3.04 -3.17 -24.53
CA GLU D 53 4.39 -3.72 -24.37
C GLU D 53 5.11 -3.84 -25.71
N PHE D 54 5.50 -5.07 -26.01
CA PHE D 54 6.23 -5.40 -27.21
C PHE D 54 6.07 -6.91 -27.32
N ARG D 55 5.13 -7.34 -28.14
CA ARG D 55 4.84 -8.75 -28.34
C ARG D 55 6.08 -9.59 -28.60
N SER D 56 6.78 -9.98 -27.54
CA SER D 56 8.00 -10.80 -27.63
C SER D 56 7.60 -12.21 -28.02
N GLY D 57 8.37 -12.83 -28.91
CA GLY D 57 8.03 -14.16 -29.35
C GLY D 57 7.02 -14.05 -30.47
N GLY D 58 6.61 -12.81 -30.75
CA GLY D 58 5.66 -12.58 -31.82
C GLY D 58 6.28 -12.92 -33.16
N ASP D 59 7.61 -13.04 -33.16
CA ASP D 59 8.34 -13.37 -34.38
C ASP D 59 8.30 -14.87 -34.64
N VAL D 60 8.26 -15.66 -33.56
CA VAL D 60 8.20 -17.10 -33.70
C VAL D 60 6.82 -17.47 -34.24
N ASP D 61 5.79 -16.89 -33.64
CA ASP D 61 4.42 -17.14 -34.06
C ASP D 61 4.31 -16.83 -35.54
N HIS D 62 4.78 -15.65 -35.91
CA HIS D 62 4.74 -15.21 -37.30
C HIS D 62 5.40 -16.24 -38.21
N SER D 63 6.58 -16.71 -37.83
CA SER D 63 7.28 -17.70 -38.63
C SER D 63 6.55 -19.03 -38.65
N THR D 64 6.22 -19.54 -37.47
CA THR D 64 5.51 -20.82 -37.35
C THR D 64 4.30 -20.86 -38.28
N LEU D 65 3.55 -19.76 -38.36
CA LEU D 65 2.38 -19.68 -39.22
C LEU D 65 2.73 -19.57 -40.70
N VAL D 66 3.65 -18.68 -41.04
CA VAL D 66 4.06 -18.50 -42.43
C VAL D 66 4.47 -19.84 -43.03
N THR D 67 5.32 -20.57 -42.31
CA THR D 67 5.77 -21.88 -42.77
C THR D 67 4.59 -22.81 -42.93
N LEU D 68 3.84 -22.99 -41.85
CA LEU D 68 2.67 -23.85 -41.82
C LEU D 68 1.73 -23.62 -43.00
N PHE D 69 1.32 -22.37 -43.21
CA PHE D 69 0.42 -22.06 -44.29
C PHE D 69 1.07 -22.34 -45.64
N LYS D 70 2.39 -22.31 -45.65
CA LYS D 70 3.17 -22.53 -46.86
C LYS D 70 3.22 -24.01 -47.23
N LEU D 71 3.34 -24.89 -46.24
CA LEU D 71 3.39 -26.33 -46.47
C LEU D 71 1.99 -26.90 -46.71
N LEU D 72 0.99 -26.09 -46.40
CA LEU D 72 -0.39 -26.51 -46.60
C LEU D 72 -0.78 -26.17 -48.04
N GLY D 73 0.14 -25.52 -48.75
CA GLY D 73 -0.07 -25.16 -50.13
C GLY D 73 -0.75 -23.83 -50.36
N TYR D 74 -0.30 -22.81 -49.65
CA TYR D 74 -0.90 -21.48 -49.79
C TYR D 74 0.07 -20.40 -50.22
N ASP D 75 -0.27 -19.70 -51.29
CA ASP D 75 0.54 -18.59 -51.79
C ASP D 75 0.38 -17.57 -50.65
N VAL D 76 1.30 -17.60 -49.69
CA VAL D 76 1.20 -16.69 -48.54
C VAL D 76 1.92 -15.35 -48.65
N HIS D 77 1.25 -14.31 -48.18
CA HIS D 77 1.78 -12.97 -48.19
C HIS D 77 2.13 -12.66 -46.75
N VAL D 78 2.53 -11.43 -46.46
CA VAL D 78 2.90 -11.04 -45.10
C VAL D 78 2.93 -9.55 -44.93
N LEU D 79 2.71 -9.09 -43.70
CA LEU D 79 2.74 -7.68 -43.36
C LEU D 79 3.20 -7.63 -41.92
N CYS D 80 4.00 -6.63 -41.57
CA CYS D 80 4.50 -6.53 -40.21
C CYS D 80 4.39 -5.11 -39.67
N ASP D 81 4.28 -5.01 -38.36
CA ASP D 81 4.18 -3.73 -37.68
C ASP D 81 3.39 -2.71 -38.50
N GLN D 82 2.07 -2.90 -38.56
CA GLN D 82 1.21 -2.02 -39.32
C GLN D 82 0.30 -1.23 -38.39
N THR D 83 -0.24 -0.14 -38.91
CA THR D 83 -1.14 0.72 -38.15
C THR D 83 -2.57 0.31 -38.43
N ALA D 84 -3.46 0.59 -37.48
CA ALA D 84 -4.86 0.25 -37.65
C ALA D 84 -5.32 0.58 -39.06
N GLN D 85 -5.14 1.83 -39.46
CA GLN D 85 -5.58 2.26 -40.78
C GLN D 85 -4.92 1.47 -41.90
N GLU D 86 -3.61 1.24 -41.78
CA GLU D 86 -2.88 0.49 -42.80
C GLU D 86 -3.45 -0.91 -42.99
N MET D 87 -3.89 -1.53 -41.89
CA MET D 87 -4.45 -2.87 -41.93
C MET D 87 -5.75 -2.94 -42.74
N GLN D 88 -6.73 -2.12 -42.37
CA GLN D 88 -8.01 -2.11 -43.09
C GLN D 88 -7.76 -1.82 -44.56
N GLU D 89 -6.75 -0.99 -44.80
CA GLU D 89 -6.38 -0.58 -46.13
C GLU D 89 -5.73 -1.72 -46.92
N LYS D 90 -4.71 -2.35 -46.34
CA LYS D 90 -4.02 -3.45 -47.00
C LYS D 90 -4.80 -4.75 -46.95
N LEU D 91 -5.68 -4.88 -45.97
CA LEU D 91 -6.50 -6.08 -45.86
C LEU D 91 -7.51 -6.08 -46.99
N GLN D 92 -8.13 -4.92 -47.23
CA GLN D 92 -9.11 -4.80 -48.29
C GLN D 92 -8.45 -5.14 -49.62
N ASN D 93 -7.19 -4.75 -49.78
CA ASN D 93 -6.47 -5.03 -51.02
C ASN D 93 -6.29 -6.52 -51.16
N PHE D 94 -5.80 -7.16 -50.10
CA PHE D 94 -5.60 -8.59 -50.11
C PHE D 94 -6.92 -9.28 -50.48
N ALA D 95 -8.02 -8.73 -49.98
CA ALA D 95 -9.33 -9.29 -50.24
C ALA D 95 -9.74 -9.16 -51.69
N GLN D 96 -9.33 -8.07 -52.33
CA GLN D 96 -9.68 -7.84 -53.73
C GLN D 96 -8.81 -8.60 -54.73
N LEU D 97 -7.51 -8.70 -54.44
CA LEU D 97 -6.55 -9.39 -55.32
C LEU D 97 -7.25 -10.39 -56.23
N PRO D 98 -7.21 -10.14 -57.56
CA PRO D 98 -7.83 -10.97 -58.60
C PRO D 98 -7.52 -12.46 -58.57
N ALA D 99 -6.47 -12.84 -57.85
CA ALA D 99 -6.09 -14.26 -57.76
C ALA D 99 -7.20 -15.13 -57.16
N HIS D 100 -7.85 -14.64 -56.12
CA HIS D 100 -8.92 -15.38 -55.45
C HIS D 100 -9.91 -16.05 -56.39
N ARG D 101 -10.06 -15.51 -57.58
CA ARG D 101 -10.99 -16.07 -58.55
C ARG D 101 -10.68 -17.51 -58.93
N VAL D 102 -9.39 -17.83 -59.00
CA VAL D 102 -8.96 -19.18 -59.36
C VAL D 102 -8.72 -20.14 -58.18
N THR D 103 -8.45 -19.60 -56.99
CA THR D 103 -8.21 -20.41 -55.80
C THR D 103 -9.52 -20.92 -55.20
N ASP D 104 -9.43 -21.89 -54.29
CA ASP D 104 -10.65 -22.45 -53.70
C ASP D 104 -10.90 -22.08 -52.23
N SER D 105 -9.99 -21.33 -51.63
CA SER D 105 -10.14 -20.93 -50.25
C SER D 105 -9.24 -19.77 -49.91
N CYS D 106 -9.36 -19.25 -48.69
CA CYS D 106 -8.54 -18.13 -48.27
C CYS D 106 -8.25 -18.21 -46.77
N ILE D 107 -7.02 -17.84 -46.40
CA ILE D 107 -6.59 -17.85 -45.01
C ILE D 107 -6.06 -16.47 -44.65
N VAL D 108 -6.29 -16.06 -43.41
CA VAL D 108 -5.81 -14.76 -42.94
C VAL D 108 -5.54 -14.86 -41.45
N ALA D 109 -4.30 -14.59 -41.04
CA ALA D 109 -3.96 -14.66 -39.63
C ALA D 109 -3.60 -13.28 -39.16
N LEU D 110 -4.28 -12.82 -38.12
CA LEU D 110 -4.00 -11.50 -37.57
C LEU D 110 -3.45 -11.71 -36.18
N LEU D 111 -2.19 -11.37 -35.98
CA LEU D 111 -1.54 -11.52 -34.69
C LEU D 111 -1.05 -10.17 -34.21
N SER D 112 -1.49 -9.76 -33.03
CA SER D 112 -1.11 -8.48 -32.46
C SER D 112 -1.74 -8.36 -31.09
N HIS D 113 -1.72 -7.15 -30.52
CA HIS D 113 -2.31 -6.93 -29.22
C HIS D 113 -3.75 -6.61 -29.55
N GLY D 114 -4.64 -6.66 -28.57
CA GLY D 114 -6.02 -6.34 -28.87
C GLY D 114 -6.95 -6.29 -27.68
N VAL D 115 -8.24 -6.21 -27.97
CA VAL D 115 -9.28 -6.17 -26.97
C VAL D 115 -10.49 -6.85 -27.60
N GLU D 116 -11.53 -7.05 -26.81
CA GLU D 116 -12.74 -7.70 -27.31
C GLU D 116 -13.22 -7.09 -28.60
N GLY D 117 -13.30 -7.90 -29.65
CA GLY D 117 -13.80 -7.40 -30.92
C GLY D 117 -12.83 -6.69 -31.85
N ALA D 118 -11.67 -6.29 -31.36
CA ALA D 118 -10.73 -5.61 -32.24
C ALA D 118 -9.27 -5.82 -31.88
N ILE D 119 -8.39 -5.49 -32.82
CA ILE D 119 -6.96 -5.65 -32.60
C ILE D 119 -6.25 -4.32 -32.72
N TYR D 120 -5.17 -4.15 -31.95
CA TYR D 120 -4.39 -2.93 -31.97
C TYR D 120 -3.38 -2.96 -33.11
N GLY D 121 -3.10 -1.80 -33.68
CA GLY D 121 -2.11 -1.70 -34.74
C GLY D 121 -0.90 -1.12 -34.05
N VAL D 122 0.27 -1.17 -34.67
CA VAL D 122 1.45 -0.60 -34.04
C VAL D 122 1.15 0.86 -33.77
N ASP D 123 0.14 1.35 -34.49
CA ASP D 123 -0.34 2.72 -34.43
C ASP D 123 -0.94 3.08 -33.07
N GLY D 124 -1.38 2.07 -32.33
CA GLY D 124 -1.99 2.32 -31.04
C GLY D 124 -3.50 2.40 -31.19
N LYS D 125 -3.95 2.53 -32.43
CA LYS D 125 -5.37 2.61 -32.75
C LYS D 125 -5.93 1.23 -33.02
N LEU D 126 -7.26 1.10 -32.94
CA LEU D 126 -7.94 -0.17 -33.14
C LEU D 126 -8.55 -0.40 -34.51
N LEU D 127 -8.82 -1.66 -34.80
CA LEU D 127 -9.45 -2.08 -36.05
C LEU D 127 -10.44 -3.17 -35.67
N GLN D 128 -11.73 -2.84 -35.71
CA GLN D 128 -12.79 -3.78 -35.36
C GLN D 128 -12.73 -5.04 -36.22
N LEU D 129 -12.66 -6.19 -35.56
CA LEU D 129 -12.59 -7.47 -36.25
C LEU D 129 -13.81 -7.67 -37.12
N GLN D 130 -14.92 -7.07 -36.72
CA GLN D 130 -16.14 -7.20 -37.52
C GLN D 130 -15.91 -6.52 -38.86
N GLU D 131 -15.13 -5.44 -38.84
CA GLU D 131 -14.83 -4.70 -40.06
C GLU D 131 -13.96 -5.58 -40.95
N VAL D 132 -13.05 -6.32 -40.34
CA VAL D 132 -12.17 -7.23 -41.05
C VAL D 132 -12.95 -8.27 -41.86
N PHE D 133 -13.81 -9.00 -41.17
CA PHE D 133 -14.60 -10.03 -41.82
C PHE D 133 -15.42 -9.47 -42.96
N GLN D 134 -16.08 -8.35 -42.71
CA GLN D 134 -16.91 -7.72 -43.72
C GLN D 134 -16.19 -7.70 -45.07
N LEU D 135 -14.93 -7.30 -45.05
CA LEU D 135 -14.13 -7.20 -46.28
C LEU D 135 -14.13 -8.46 -47.11
N PHE D 136 -14.37 -9.61 -46.49
CA PHE D 136 -14.37 -10.87 -47.22
C PHE D 136 -15.73 -11.54 -47.36
N ASP D 137 -16.81 -10.82 -47.06
CA ASP D 137 -18.13 -11.43 -47.17
C ASP D 137 -18.56 -11.69 -48.59
N ASN D 138 -19.85 -11.99 -48.79
CA ASN D 138 -20.35 -12.28 -50.11
C ASN D 138 -20.63 -11.04 -50.95
N ALA D 139 -20.59 -9.88 -50.31
CA ALA D 139 -20.83 -8.63 -51.02
C ALA D 139 -19.51 -8.01 -51.44
N ASN D 140 -18.76 -7.50 -50.46
CA ASN D 140 -17.49 -6.86 -50.72
C ASN D 140 -16.40 -7.72 -51.37
N CYS D 141 -16.58 -9.03 -51.40
CA CYS D 141 -15.57 -9.91 -52.01
C CYS D 141 -16.21 -11.03 -52.81
N PRO D 142 -16.93 -10.69 -53.88
CA PRO D 142 -17.59 -11.70 -54.73
C PRO D 142 -16.66 -12.76 -55.31
N SER D 143 -15.38 -12.42 -55.44
CA SER D 143 -14.42 -13.36 -55.99
C SER D 143 -14.13 -14.55 -55.06
N LEU D 144 -14.77 -14.55 -53.89
CA LEU D 144 -14.58 -15.61 -52.90
C LEU D 144 -15.85 -16.27 -52.37
N GLN D 145 -16.98 -15.99 -53.00
CA GLN D 145 -18.25 -16.57 -52.58
C GLN D 145 -18.21 -18.10 -52.59
N ASN D 146 -18.93 -18.70 -51.65
CA ASN D 146 -19.01 -20.14 -51.53
C ASN D 146 -17.67 -20.84 -51.34
N LYS D 147 -16.62 -20.06 -51.10
CA LYS D 147 -15.30 -20.62 -50.86
C LYS D 147 -14.97 -20.43 -49.38
N PRO D 148 -14.58 -21.51 -48.68
CA PRO D 148 -14.24 -21.42 -47.26
C PRO D 148 -13.15 -20.39 -47.01
N LYS D 149 -13.32 -19.59 -45.97
CA LYS D 149 -12.36 -18.55 -45.63
C LYS D 149 -12.04 -18.65 -44.16
N MET D 150 -10.85 -19.15 -43.86
CA MET D 150 -10.42 -19.30 -42.47
C MET D 150 -9.75 -18.04 -41.93
N PHE D 151 -9.92 -17.79 -40.64
CA PHE D 151 -9.31 -16.66 -39.98
C PHE D 151 -8.65 -17.15 -38.70
N PHE D 152 -7.50 -16.57 -38.34
CA PHE D 152 -6.81 -16.94 -37.13
C PHE D 152 -6.36 -15.73 -36.34
N ILE D 153 -7.18 -15.33 -35.37
CA ILE D 153 -6.91 -14.14 -34.57
C ILE D 153 -6.10 -14.33 -33.30
N GLN D 154 -4.80 -14.48 -33.44
CA GLN D 154 -3.93 -14.65 -32.29
C GLN D 154 -4.02 -13.54 -31.25
N ALA D 155 -4.47 -12.35 -31.64
CA ALA D 155 -4.58 -11.23 -30.72
C ALA D 155 -5.18 -11.55 -29.34
N CYS D 156 -4.71 -10.84 -28.32
CA CYS D 156 -5.20 -11.01 -26.94
C CYS D 156 -6.63 -10.43 -26.97
N ARG D 157 -7.50 -10.89 -26.08
CA ARG D 157 -8.90 -10.39 -26.05
C ARG D 157 -9.32 -9.86 -24.67
N GLY D 158 -8.37 -9.32 -23.92
CA GLY D 158 -8.69 -8.80 -22.61
C GLY D 158 -7.47 -8.27 -21.89
N ASP D 159 -7.59 -8.11 -20.57
CA ASP D 159 -6.49 -7.58 -19.76
C ASP D 159 -6.14 -8.47 -18.56
N GLU D 160 -7.05 -9.38 -18.21
CA GLU D 160 -6.83 -10.27 -17.07
C GLU D 160 -6.14 -11.56 -17.54
N THR D 161 -6.25 -12.60 -16.71
CA THR D 161 -5.66 -13.90 -17.01
C THR D 161 -6.31 -14.96 -16.12
N ASP D 162 -6.74 -16.05 -16.74
CA ASP D 162 -7.44 -17.15 -16.07
C ASP D 162 -6.62 -17.93 -15.06
N ARG D 163 -6.86 -17.73 -13.76
CA ARG D 163 -6.08 -18.47 -12.78
C ARG D 163 -6.48 -19.93 -12.80
N GLY D 164 -7.69 -20.21 -13.24
CA GLY D 164 -8.15 -21.59 -13.35
C GLY D 164 -8.96 -22.13 -12.19
N VAL D 165 -9.62 -23.26 -12.43
CA VAL D 165 -10.44 -23.94 -11.43
C VAL D 165 -10.13 -25.42 -11.50
N ASP D 166 -10.30 -26.12 -10.39
CA ASP D 166 -10.00 -27.53 -10.31
C ASP D 166 -11.19 -28.48 -10.22
N GLN D 167 -11.02 -29.66 -10.81
CA GLN D 167 -12.04 -30.70 -10.87
C GLN D 167 -12.66 -31.14 -9.55
N GLN D 168 -13.76 -31.90 -9.65
CA GLN D 168 -14.51 -32.40 -8.50
C GLN D 168 -15.16 -31.26 -7.70
N ASP D 169 -16.48 -31.11 -7.84
CA ASP D 169 -17.22 -30.04 -7.18
C ASP D 169 -17.01 -29.93 -5.67
N LYS E 9 -28.55 -15.31 -61.45
CA LYS E 9 -28.56 -16.51 -60.58
C LYS E 9 -29.30 -16.23 -59.27
N MET E 10 -29.33 -17.21 -58.37
CA MET E 10 -30.05 -17.07 -57.11
C MET E 10 -29.32 -16.36 -55.97
N ARG E 11 -30.07 -16.08 -54.91
CA ARG E 11 -29.57 -15.38 -53.73
C ARG E 11 -28.46 -16.07 -52.92
N LEU E 12 -27.88 -15.29 -52.01
CA LEU E 12 -26.79 -15.70 -51.12
C LEU E 12 -26.83 -14.78 -49.91
N PRO E 13 -26.68 -15.32 -48.70
CA PRO E 13 -26.69 -14.40 -47.56
C PRO E 13 -25.51 -13.46 -47.71
N THR E 14 -25.57 -12.31 -47.06
CA THR E 14 -24.48 -11.34 -47.13
C THR E 14 -23.16 -11.92 -46.67
N ARG E 15 -23.20 -12.76 -45.63
CA ARG E 15 -21.99 -13.40 -45.12
C ARG E 15 -22.20 -14.87 -44.84
N SER E 16 -21.17 -15.68 -45.14
CA SER E 16 -21.25 -17.11 -44.90
C SER E 16 -19.98 -17.82 -45.35
N ASP E 17 -19.89 -19.10 -44.99
CA ASP E 17 -18.76 -19.92 -45.37
C ASP E 17 -17.47 -19.45 -44.77
N MET E 18 -17.54 -18.95 -43.55
CA MET E 18 -16.36 -18.48 -42.85
C MET E 18 -16.10 -19.36 -41.64
N ILE E 19 -14.93 -19.17 -41.04
CA ILE E 19 -14.58 -19.92 -39.84
C ILE E 19 -13.42 -19.21 -39.20
N CYS E 20 -13.65 -18.69 -38.00
CA CYS E 20 -12.62 -17.97 -37.29
C CYS E 20 -12.18 -18.67 -36.00
N GLY E 21 -10.87 -18.76 -35.80
CA GLY E 21 -10.36 -19.37 -34.60
C GLY E 21 -9.76 -18.30 -33.71
N TYR E 22 -10.07 -18.34 -32.42
CA TYR E 22 -9.55 -17.35 -31.48
C TYR E 22 -8.65 -18.02 -30.48
N ALA E 23 -7.52 -17.38 -30.18
CA ALA E 23 -6.55 -17.92 -29.24
C ALA E 23 -7.04 -17.93 -27.81
N CYS E 24 -7.92 -17.00 -27.47
CA CYS E 24 -8.44 -16.91 -26.12
C CYS E 24 -9.91 -16.55 -26.10
N LEU E 25 -10.55 -16.76 -24.96
CA LEU E 25 -11.97 -16.44 -24.82
C LEU E 25 -12.18 -14.96 -24.58
N LYS E 26 -13.43 -14.56 -24.42
CA LYS E 26 -13.78 -13.15 -24.19
C LYS E 26 -13.30 -12.71 -22.80
N GLY E 27 -12.59 -11.59 -22.75
CA GLY E 27 -12.10 -11.09 -21.47
C GLY E 27 -10.73 -11.61 -21.03
N THR E 28 -10.41 -12.85 -21.37
CA THR E 28 -9.14 -13.44 -20.98
C THR E 28 -8.01 -13.08 -21.95
N ALA E 29 -6.78 -13.40 -21.56
CA ALA E 29 -5.62 -13.09 -22.38
C ALA E 29 -4.96 -14.35 -22.95
N ALA E 30 -3.99 -14.13 -23.84
CA ALA E 30 -3.25 -15.21 -24.48
C ALA E 30 -1.91 -15.38 -23.77
N MET E 31 -1.41 -16.61 -23.74
CA MET E 31 -0.14 -16.91 -23.09
C MET E 31 1.01 -16.90 -24.08
N ARG E 32 1.86 -15.88 -23.99
CA ARG E 32 3.01 -15.74 -24.88
C ARG E 32 4.27 -16.27 -24.21
N ASN E 33 5.27 -16.63 -25.01
CA ASN E 33 6.55 -17.10 -24.49
C ASN E 33 7.66 -16.72 -25.46
N THR E 34 8.63 -15.97 -24.96
CA THR E 34 9.76 -15.50 -25.75
C THR E 34 10.50 -16.55 -26.60
N LYS E 35 10.38 -17.82 -26.25
CA LYS E 35 11.08 -18.87 -27.00
C LYS E 35 10.18 -19.82 -27.79
N ARG E 36 8.96 -20.06 -27.30
CA ARG E 36 8.05 -20.97 -27.98
C ARG E 36 6.91 -20.25 -28.70
N GLY E 37 6.63 -19.02 -28.28
CA GLY E 37 5.55 -18.27 -28.90
C GLY E 37 4.26 -18.40 -28.12
N SER E 38 3.13 -18.20 -28.80
CA SER E 38 1.82 -18.31 -28.16
C SER E 38 1.31 -19.75 -28.25
N TRP E 39 0.64 -20.21 -27.20
CA TRP E 39 0.10 -21.57 -27.17
C TRP E 39 -0.81 -21.88 -28.35
N TYR E 40 -1.69 -20.95 -28.65
CA TYR E 40 -2.60 -21.15 -29.76
C TYR E 40 -1.82 -21.47 -31.03
N ILE E 41 -0.84 -20.65 -31.37
CA ILE E 41 -0.06 -20.89 -32.58
C ILE E 41 0.62 -22.25 -32.55
N GLU E 42 1.25 -22.60 -31.43
CA GLU E 42 1.92 -23.89 -31.31
C GLU E 42 0.90 -24.99 -31.59
N ALA E 43 -0.14 -25.03 -30.76
CA ALA E 43 -1.21 -26.00 -30.91
C ALA E 43 -1.69 -26.05 -32.35
N LEU E 44 -1.85 -24.88 -32.93
CA LEU E 44 -2.32 -24.77 -34.30
C LEU E 44 -1.36 -25.48 -35.23
N ALA E 45 -0.10 -25.06 -35.20
CA ALA E 45 0.92 -25.64 -36.06
C ALA E 45 1.06 -27.13 -35.84
N GLN E 46 0.85 -27.57 -34.60
CA GLN E 46 0.95 -28.98 -34.26
C GLN E 46 -0.17 -29.79 -34.91
N VAL E 47 -1.39 -29.58 -34.43
CA VAL E 47 -2.55 -30.28 -34.94
C VAL E 47 -2.75 -30.18 -36.44
N PHE E 48 -2.49 -29.02 -37.03
CA PHE E 48 -2.67 -28.86 -38.46
C PHE E 48 -1.72 -29.71 -39.27
N SER E 49 -0.42 -29.62 -38.98
CA SER E 49 0.59 -30.37 -39.70
C SER E 49 0.36 -31.86 -39.54
N GLU E 50 0.05 -32.27 -38.33
CA GLU E 50 -0.17 -33.67 -38.02
C GLU E 50 -1.47 -34.28 -38.57
N ARG E 51 -2.59 -33.58 -38.45
CA ARG E 51 -3.87 -34.12 -38.89
C ARG E 51 -4.55 -33.48 -40.11
N ALA E 52 -3.95 -32.46 -40.70
CA ALA E 52 -4.55 -31.82 -41.86
C ALA E 52 -4.87 -32.86 -42.93
N CYS E 53 -4.15 -33.96 -42.87
CA CYS E 53 -4.32 -35.05 -43.82
C CYS E 53 -5.62 -35.85 -43.68
N ASP E 54 -6.10 -36.06 -42.47
CA ASP E 54 -7.32 -36.83 -42.29
C ASP E 54 -8.37 -36.16 -41.41
N MET E 55 -8.13 -34.89 -41.06
CA MET E 55 -9.07 -34.17 -40.20
C MET E 55 -9.42 -32.81 -40.80
N HIS E 56 -10.71 -32.44 -40.79
CA HIS E 56 -11.11 -31.17 -41.34
C HIS E 56 -10.98 -30.01 -40.36
N VAL E 57 -10.57 -28.86 -40.89
CA VAL E 57 -10.35 -27.63 -40.13
C VAL E 57 -11.29 -27.45 -38.95
N ALA E 58 -12.56 -27.69 -39.13
CA ALA E 58 -13.53 -27.52 -38.06
C ALA E 58 -13.26 -28.47 -36.89
N ASP E 59 -12.85 -29.71 -37.20
CA ASP E 59 -12.55 -30.68 -36.16
C ASP E 59 -11.14 -30.52 -35.61
N MET E 60 -10.21 -30.03 -36.42
CA MET E 60 -8.85 -29.87 -35.93
C MET E 60 -8.84 -28.78 -34.86
N LEU E 61 -9.67 -27.77 -35.05
CA LEU E 61 -9.74 -26.70 -34.08
C LEU E 61 -10.26 -27.26 -32.78
N VAL E 62 -11.09 -28.30 -32.88
CA VAL E 62 -11.63 -28.96 -31.68
C VAL E 62 -10.47 -29.64 -30.99
N LYS E 63 -9.49 -30.10 -31.78
CA LYS E 63 -8.30 -30.75 -31.24
C LYS E 63 -7.51 -29.67 -30.54
N VAL E 64 -7.23 -28.58 -31.26
CA VAL E 64 -6.47 -27.47 -30.69
C VAL E 64 -7.11 -27.07 -29.36
N ASN E 65 -8.43 -27.08 -29.32
CA ASN E 65 -9.14 -26.72 -28.09
C ASN E 65 -8.68 -27.67 -27.00
N ALA E 66 -8.80 -28.97 -27.29
CA ALA E 66 -8.42 -30.01 -26.35
C ALA E 66 -6.99 -29.80 -25.86
N LEU E 67 -6.07 -29.50 -26.76
CA LEU E 67 -4.70 -29.29 -26.34
C LEU E 67 -4.60 -28.08 -25.42
N ILE E 68 -5.07 -26.94 -25.91
CA ILE E 68 -5.01 -25.70 -25.14
C ILE E 68 -5.68 -25.83 -23.78
N LYS E 69 -6.74 -26.63 -23.70
CA LYS E 69 -7.45 -26.81 -22.43
C LYS E 69 -6.60 -27.51 -21.37
N ASP E 70 -5.81 -28.49 -21.79
CA ASP E 70 -4.98 -29.24 -20.85
C ASP E 70 -3.71 -28.54 -20.44
N ARG E 71 -3.19 -27.68 -21.31
CA ARG E 71 -1.95 -26.95 -21.02
C ARG E 71 -2.06 -26.05 -19.81
N GLU E 72 -1.02 -26.05 -19.01
CA GLU E 72 -0.95 -25.23 -17.80
C GLU E 72 0.25 -24.31 -18.03
N GLY E 73 0.22 -23.12 -17.47
CA GLY E 73 1.33 -22.20 -17.68
C GLY E 73 2.56 -22.50 -16.83
N TYR E 74 3.73 -22.53 -17.46
CA TYR E 74 4.95 -22.79 -16.70
C TYR E 74 5.93 -21.63 -16.83
N ALA E 75 5.98 -20.83 -15.77
CA ALA E 75 6.85 -19.67 -15.67
C ALA E 75 6.87 -19.39 -14.17
N PRO E 76 7.79 -20.05 -13.43
CA PRO E 76 7.90 -19.87 -11.98
C PRO E 76 8.28 -18.49 -11.48
N GLY E 77 7.95 -18.23 -10.22
CA GLY E 77 8.26 -16.95 -9.59
C GLY E 77 7.43 -15.80 -10.12
N THR E 78 6.26 -16.13 -10.67
CA THR E 78 5.35 -15.13 -11.24
C THR E 78 3.91 -15.52 -10.88
N GLU E 79 2.94 -14.85 -11.48
CA GLU E 79 1.54 -15.18 -11.22
C GLU E 79 0.93 -15.79 -12.49
N PHE E 80 1.78 -15.97 -13.49
CA PHE E 80 1.39 -16.58 -14.77
C PHE E 80 1.60 -18.08 -14.63
N HIS E 81 2.36 -18.45 -13.61
CA HIS E 81 2.69 -19.85 -13.35
C HIS E 81 1.44 -20.62 -12.96
N ARG E 82 1.21 -21.75 -13.63
CA ARG E 82 0.07 -22.61 -13.36
C ARG E 82 -1.25 -21.94 -13.68
N CYS E 83 -1.28 -21.18 -14.77
CA CYS E 83 -2.48 -20.49 -15.18
C CYS E 83 -3.13 -21.29 -16.29
N LYS E 84 -4.34 -20.91 -16.67
CA LYS E 84 -5.06 -21.59 -17.74
C LYS E 84 -5.42 -20.65 -18.88
N GLU E 85 -5.96 -21.23 -19.94
CA GLU E 85 -6.35 -20.47 -21.11
C GLU E 85 -7.28 -21.38 -21.90
N MET E 86 -8.19 -20.80 -22.67
CA MET E 86 -9.13 -21.58 -23.47
C MET E 86 -9.42 -20.97 -24.84
N SER E 87 -9.18 -21.76 -25.88
CA SER E 87 -9.43 -21.30 -27.25
C SER E 87 -10.89 -21.48 -27.64
N GLU E 88 -11.28 -20.91 -28.75
CA GLU E 88 -12.64 -21.02 -29.23
C GLU E 88 -12.58 -20.88 -30.74
N TYR E 89 -13.68 -21.16 -31.44
CA TYR E 89 -13.70 -21.01 -32.88
C TYR E 89 -15.15 -20.91 -33.29
N CYS E 90 -15.48 -20.04 -34.24
CA CYS E 90 -16.87 -19.94 -34.66
C CYS E 90 -16.91 -20.12 -36.17
N SER E 91 -17.89 -20.87 -36.66
CA SER E 91 -17.97 -21.07 -38.10
C SER E 91 -19.39 -20.98 -38.65
N THR E 92 -19.45 -20.63 -39.92
CA THR E 92 -20.67 -20.51 -40.68
C THR E 92 -20.36 -21.32 -41.91
N LEU E 93 -19.42 -22.25 -41.76
CA LEU E 93 -19.03 -23.13 -42.85
C LEU E 93 -20.27 -23.98 -43.09
N CYS E 94 -20.42 -24.50 -44.29
CA CYS E 94 -21.60 -25.31 -44.63
C CYS E 94 -21.28 -26.71 -45.15
N ARG E 95 -20.00 -27.07 -45.09
CA ARG E 95 -19.56 -28.38 -45.55
C ARG E 95 -18.18 -28.62 -44.94
N HIS E 96 -17.80 -29.86 -44.73
CA HIS E 96 -16.50 -30.14 -44.13
C HIS E 96 -15.42 -29.39 -44.90
N LEU E 97 -14.40 -28.91 -44.20
CA LEU E 97 -13.33 -28.19 -44.86
C LEU E 97 -12.02 -28.93 -44.73
N TYR E 98 -11.72 -29.81 -45.69
CA TYR E 98 -10.46 -30.58 -45.67
C TYR E 98 -9.41 -29.85 -46.49
N LEU E 99 -8.21 -29.73 -45.94
CA LEU E 99 -7.13 -29.04 -46.65
C LEU E 99 -6.38 -29.94 -47.63
N PHE E 100 -6.82 -31.19 -47.73
CA PHE E 100 -6.20 -32.18 -48.62
C PHE E 100 -4.77 -31.88 -48.97
N PRO E 101 -3.87 -31.86 -47.98
CA PRO E 101 -2.45 -31.57 -48.23
C PRO E 101 -1.79 -32.47 -49.26
N GLY E 102 -0.94 -31.90 -50.11
CA GLY E 102 -0.21 -32.66 -51.11
C GLY E 102 -0.88 -33.63 -52.07
N HIS E 103 -2.19 -33.53 -52.24
CA HIS E 103 -2.92 -34.43 -53.16
C HIS E 103 -3.66 -33.64 -54.24
N PRO E 104 -3.42 -33.97 -55.52
CA PRO E 104 -2.49 -35.01 -55.98
C PRO E 104 -1.01 -34.59 -55.88
N PRO E 105 -0.11 -35.57 -55.63
CA PRO E 105 1.34 -35.31 -55.49
C PRO E 105 2.10 -35.17 -56.82
N THR E 106 1.60 -35.85 -57.86
CA THR E 106 2.22 -35.83 -59.18
C THR E 106 1.51 -34.80 -60.09
N SER F 12 -3.74 -46.58 -30.80
CA SER F 12 -2.75 -46.37 -31.90
C SER F 12 -1.33 -46.67 -31.42
N ASP F 13 -0.42 -45.71 -31.60
CA ASP F 13 0.96 -45.88 -31.18
C ASP F 13 1.01 -45.82 -29.67
N LEU F 14 1.60 -46.83 -29.06
CA LEU F 14 1.71 -46.93 -27.62
C LEU F 14 2.15 -45.61 -26.99
N GLY F 15 3.04 -44.91 -27.66
CA GLY F 15 3.51 -43.63 -27.15
C GLY F 15 2.36 -42.79 -26.62
N LYS F 16 1.55 -42.24 -27.52
CA LYS F 16 0.44 -41.41 -27.11
C LYS F 16 -0.45 -42.13 -26.08
N LYS F 17 -0.51 -43.46 -26.20
CA LYS F 17 -1.34 -44.27 -25.30
C LYS F 17 -0.79 -44.37 -23.88
N LEU F 18 0.53 -44.44 -23.76
CA LEU F 18 1.21 -44.51 -22.47
C LEU F 18 1.06 -43.17 -21.76
N LEU F 19 1.26 -42.12 -22.56
CA LEU F 19 1.20 -40.72 -22.18
C LEU F 19 -0.12 -40.22 -21.62
N GLU F 20 -1.18 -40.35 -22.40
CA GLU F 20 -2.48 -39.87 -21.96
C GLU F 20 -3.01 -40.67 -20.79
N ALA F 21 -2.37 -41.80 -20.54
CA ALA F 21 -2.75 -42.66 -19.43
C ALA F 21 -2.10 -42.13 -18.16
N ALA F 22 -0.79 -41.93 -18.24
CA ALA F 22 0.01 -41.42 -17.13
C ALA F 22 -0.58 -40.19 -16.47
N ARG F 23 -0.93 -39.19 -17.27
CA ARG F 23 -1.48 -37.95 -16.70
C ARG F 23 -2.91 -38.03 -16.23
N ALA F 24 -3.62 -39.08 -16.62
CA ALA F 24 -5.03 -39.21 -16.23
C ALA F 24 -5.22 -39.98 -14.93
N GLY F 25 -4.26 -40.85 -14.60
CA GLY F 25 -4.36 -41.64 -13.39
C GLY F 25 -4.26 -43.12 -13.67
N GLN F 26 -5.07 -43.59 -14.62
CA GLN F 26 -5.08 -45.00 -15.01
C GLN F 26 -3.78 -45.70 -14.59
N ASP F 27 -3.83 -46.44 -13.49
CA ASP F 27 -2.66 -47.14 -12.97
C ASP F 27 -2.43 -48.47 -13.70
N ASP F 28 -3.46 -49.32 -13.73
CA ASP F 28 -3.36 -50.62 -14.40
C ASP F 28 -2.95 -50.38 -15.86
N GLU F 29 -3.72 -49.52 -16.53
CA GLU F 29 -3.48 -49.17 -17.93
C GLU F 29 -2.02 -48.98 -18.25
N VAL F 30 -1.33 -48.24 -17.39
CA VAL F 30 0.08 -47.97 -17.61
C VAL F 30 0.94 -49.23 -17.60
N ARG F 31 0.59 -50.17 -16.72
CA ARG F 31 1.34 -51.43 -16.63
C ARG F 31 1.21 -52.16 -17.95
N ILE F 32 -0.04 -52.31 -18.36
CA ILE F 32 -0.37 -52.99 -19.60
C ILE F 32 0.41 -52.43 -20.76
N LEU F 33 0.24 -51.15 -21.02
CA LEU F 33 0.94 -50.49 -22.12
C LEU F 33 2.44 -50.75 -22.05
N MET F 34 3.01 -50.73 -20.84
CA MET F 34 4.44 -50.99 -20.69
C MET F 34 4.76 -52.41 -21.12
N ALA F 35 3.92 -53.34 -20.71
CA ALA F 35 4.11 -54.74 -21.04
C ALA F 35 4.17 -54.95 -22.55
N ASN F 36 3.39 -54.16 -23.29
CA ASN F 36 3.36 -54.27 -24.74
C ASN F 36 4.55 -53.60 -25.42
N GLY F 37 5.50 -53.13 -24.62
CA GLY F 37 6.68 -52.50 -25.18
C GLY F 37 6.48 -51.06 -25.62
N ALA F 38 5.64 -50.33 -24.89
CA ALA F 38 5.39 -48.95 -25.22
C ALA F 38 6.69 -48.19 -25.02
N ASP F 39 6.98 -47.26 -25.92
CA ASP F 39 8.20 -46.45 -25.82
C ASP F 39 8.09 -45.59 -24.56
N VAL F 40 8.78 -46.01 -23.51
CA VAL F 40 8.75 -45.30 -22.24
C VAL F 40 9.53 -43.97 -22.30
N ASN F 41 9.59 -43.40 -23.49
CA ASN F 41 10.26 -42.12 -23.70
C ASN F 41 9.47 -41.25 -24.67
N ALA F 42 8.14 -41.41 -24.65
CA ALA F 42 7.25 -40.66 -25.52
C ALA F 42 7.14 -39.23 -25.02
N THR F 43 6.75 -38.30 -25.90
CA THR F 43 6.66 -36.89 -25.54
C THR F 43 5.39 -36.23 -26.06
N ASP F 44 5.02 -35.08 -25.47
CA ASP F 44 3.85 -34.32 -25.94
C ASP F 44 4.35 -33.24 -26.85
N TRP F 45 3.41 -32.44 -27.30
CA TRP F 45 3.70 -31.31 -28.15
C TRP F 45 4.45 -30.29 -27.30
N LEU F 46 4.55 -30.55 -26.00
CA LEU F 46 5.24 -29.68 -25.07
C LEU F 46 6.54 -30.30 -24.62
N GLY F 47 6.69 -31.60 -24.86
CA GLY F 47 7.93 -32.25 -24.48
C GLY F 47 7.85 -33.14 -23.25
N HIS F 48 6.72 -33.13 -22.55
CA HIS F 48 6.58 -33.96 -21.37
C HIS F 48 6.67 -35.45 -21.73
N THR F 49 7.12 -36.26 -20.77
CA THR F 49 7.21 -37.71 -20.95
C THR F 49 6.28 -38.31 -19.92
N PRO F 50 5.96 -39.61 -20.05
CA PRO F 50 5.05 -40.19 -19.06
C PRO F 50 5.50 -39.89 -17.64
N LEU F 51 6.78 -40.14 -17.36
CA LEU F 51 7.28 -39.87 -16.02
C LEU F 51 6.96 -38.43 -15.66
N HIS F 52 7.30 -37.51 -16.58
CA HIS F 52 7.03 -36.09 -16.38
C HIS F 52 5.58 -35.90 -15.95
N LEU F 53 4.66 -36.34 -16.81
CA LEU F 53 3.24 -36.18 -16.54
C LEU F 53 2.88 -36.77 -15.21
N ALA F 54 3.42 -37.94 -14.92
CA ALA F 54 3.12 -38.61 -13.66
C ALA F 54 3.71 -37.83 -12.49
N ALA F 55 4.93 -37.37 -12.66
CA ALA F 55 5.61 -36.61 -11.61
C ALA F 55 4.86 -35.32 -11.37
N LYS F 56 4.57 -34.59 -12.43
CA LYS F 56 3.87 -33.34 -12.27
C LYS F 56 2.49 -33.47 -11.63
N THR F 57 1.67 -34.40 -12.10
CA THR F 57 0.32 -34.56 -11.55
C THR F 57 0.26 -35.29 -10.21
N GLY F 58 1.31 -36.04 -9.90
CA GLY F 58 1.36 -36.73 -8.62
C GLY F 58 0.81 -38.13 -8.53
N HIS F 59 1.15 -38.97 -9.51
CA HIS F 59 0.69 -40.34 -9.48
C HIS F 59 1.89 -41.22 -9.19
N LEU F 60 2.26 -41.21 -7.92
CA LEU F 60 3.40 -41.96 -7.42
C LEU F 60 3.45 -43.40 -7.92
N GLU F 61 2.33 -44.10 -7.89
CA GLU F 61 2.30 -45.49 -8.34
C GLU F 61 2.73 -45.73 -9.77
N ILE F 62 2.43 -44.77 -10.63
CA ILE F 62 2.79 -44.87 -12.04
C ILE F 62 4.22 -44.41 -12.23
N VAL F 63 4.66 -43.51 -11.35
CA VAL F 63 6.02 -42.97 -11.38
C VAL F 63 6.99 -44.07 -11.02
N GLU F 64 6.53 -44.96 -10.17
CA GLU F 64 7.29 -46.09 -9.70
C GLU F 64 7.38 -47.18 -10.80
N VAL F 65 6.25 -47.62 -11.33
CA VAL F 65 6.25 -48.63 -12.39
C VAL F 65 6.97 -48.10 -13.62
N LEU F 66 6.91 -46.78 -13.82
CA LEU F 66 7.57 -46.17 -14.96
C LEU F 66 9.08 -46.34 -14.85
N LEU F 67 9.62 -45.87 -13.73
CA LEU F 67 11.07 -45.96 -13.47
C LEU F 67 11.59 -47.37 -13.67
N LYS F 68 10.72 -48.33 -13.39
CA LYS F 68 11.09 -49.73 -13.53
C LYS F 68 11.33 -50.17 -14.96
N TYR F 69 10.72 -49.46 -15.92
CA TYR F 69 10.92 -49.82 -17.30
C TYR F 69 11.98 -48.95 -17.97
N GLY F 70 13.09 -48.76 -17.27
CA GLY F 70 14.20 -47.98 -17.80
C GLY F 70 13.85 -46.55 -18.16
N ALA F 71 12.77 -46.03 -17.59
CA ALA F 71 12.34 -44.67 -17.86
C ALA F 71 13.44 -43.69 -17.43
N ASP F 72 13.80 -42.77 -18.32
CA ASP F 72 14.82 -41.78 -18.01
C ASP F 72 14.27 -40.84 -16.95
N VAL F 73 14.92 -40.84 -15.79
CA VAL F 73 14.51 -40.00 -14.67
C VAL F 73 15.05 -38.59 -14.79
N ASN F 74 16.02 -38.36 -15.67
CA ASN F 74 16.57 -37.03 -15.84
C ASN F 74 16.34 -36.47 -17.23
N ALA F 75 15.07 -36.45 -17.63
CA ALA F 75 14.66 -35.94 -18.93
C ALA F 75 14.10 -34.53 -18.77
N TRP F 76 14.04 -33.78 -19.86
CA TRP F 76 13.54 -32.42 -19.84
C TRP F 76 12.49 -32.12 -20.90
N ASP F 77 11.70 -31.08 -20.70
CA ASP F 77 10.70 -30.71 -21.69
C ASP F 77 11.07 -29.43 -22.41
N ASN F 78 10.18 -28.97 -23.29
CA ASN F 78 10.42 -27.79 -24.09
C ASN F 78 10.73 -26.53 -23.29
N TYR F 79 10.48 -26.60 -21.98
CA TYR F 79 10.76 -25.47 -21.10
C TYR F 79 12.08 -25.78 -20.41
N GLY F 80 12.49 -27.05 -20.49
CA GLY F 80 13.74 -27.47 -19.88
C GLY F 80 13.60 -27.95 -18.44
N ALA F 81 12.39 -28.33 -18.07
CA ALA F 81 12.12 -28.82 -16.73
C ALA F 81 12.34 -30.31 -16.62
N THR F 82 12.51 -30.78 -15.39
CA THR F 82 12.75 -32.21 -15.15
C THR F 82 11.64 -32.77 -14.30
N PRO F 83 11.44 -34.10 -14.36
CA PRO F 83 10.37 -34.66 -13.55
C PRO F 83 10.51 -34.28 -12.08
N LEU F 84 11.73 -33.99 -11.64
CA LEU F 84 11.92 -33.58 -10.27
C LEU F 84 11.35 -32.18 -10.18
N HIS F 85 11.77 -31.32 -11.10
CA HIS F 85 11.28 -29.94 -11.13
C HIS F 85 9.78 -29.93 -10.87
N LEU F 86 9.05 -30.62 -11.73
CA LEU F 86 7.60 -30.68 -11.65
C LEU F 86 7.12 -31.31 -10.36
N ALA F 87 7.77 -32.37 -9.92
CA ALA F 87 7.37 -33.05 -8.70
C ALA F 87 7.49 -32.12 -7.51
N ALA F 88 8.62 -31.42 -7.43
CA ALA F 88 8.88 -30.48 -6.35
C ALA F 88 7.96 -29.29 -6.47
N ASP F 89 7.88 -28.75 -7.69
CA ASP F 89 7.04 -27.60 -7.97
C ASP F 89 5.60 -27.81 -7.55
N ASN F 90 5.12 -29.05 -7.67
CA ASN F 90 3.74 -29.32 -7.31
C ASN F 90 3.55 -29.96 -5.95
N GLY F 91 4.62 -30.00 -5.16
CA GLY F 91 4.54 -30.55 -3.82
C GLY F 91 4.16 -32.01 -3.65
N HIS F 92 4.89 -32.90 -4.27
CA HIS F 92 4.61 -34.31 -4.15
C HIS F 92 5.82 -34.98 -3.56
N LEU F 93 6.00 -34.73 -2.26
CA LEU F 93 7.11 -35.24 -1.48
C LEU F 93 7.51 -36.66 -1.86
N GLU F 94 6.58 -37.59 -1.69
CA GLU F 94 6.86 -38.99 -1.99
C GLU F 94 7.63 -39.21 -3.28
N ILE F 95 7.10 -38.69 -4.38
CA ILE F 95 7.73 -38.84 -5.69
C ILE F 95 9.06 -38.08 -5.76
N VAL F 96 9.12 -36.95 -5.06
CA VAL F 96 10.33 -36.14 -5.03
C VAL F 96 11.44 -37.03 -4.49
N GLU F 97 11.09 -37.83 -3.49
CA GLU F 97 12.06 -38.72 -2.87
C GLU F 97 12.37 -39.85 -3.82
N VAL F 98 11.33 -40.52 -4.27
CA VAL F 98 11.47 -41.65 -5.18
C VAL F 98 12.35 -41.24 -6.36
N LEU F 99 12.03 -40.09 -6.96
CA LEU F 99 12.79 -39.60 -8.09
C LEU F 99 14.25 -39.36 -7.73
N LEU F 100 14.48 -39.01 -6.48
CA LEU F 100 15.84 -38.73 -6.01
C LEU F 100 16.66 -39.99 -5.80
N LYS F 101 16.04 -41.00 -5.20
CA LYS F 101 16.73 -42.25 -4.95
C LYS F 101 17.24 -42.86 -6.25
N HIS F 102 16.64 -42.46 -7.37
CA HIS F 102 17.03 -42.98 -8.68
C HIS F 102 18.06 -42.13 -9.40
N GLY F 103 18.62 -41.16 -8.68
CA GLY F 103 19.66 -40.33 -9.25
C GLY F 103 19.24 -39.06 -9.96
N ALA F 104 18.20 -38.40 -9.45
CA ALA F 104 17.72 -37.16 -10.05
C ALA F 104 18.71 -36.03 -9.80
N ASP F 105 18.96 -35.26 -10.84
CA ASP F 105 19.90 -34.16 -10.77
C ASP F 105 19.37 -33.05 -9.88
N VAL F 106 19.39 -33.26 -8.58
CA VAL F 106 18.92 -32.27 -7.64
C VAL F 106 19.31 -30.83 -7.97
N ASN F 107 20.39 -30.64 -8.72
CA ASN F 107 20.84 -29.29 -9.09
C ASN F 107 20.62 -28.97 -10.56
N ALA F 108 19.59 -29.57 -11.14
CA ALA F 108 19.25 -29.35 -12.55
C ALA F 108 18.63 -27.99 -12.75
N LYS F 109 18.90 -27.39 -13.90
CA LYS F 109 18.38 -26.07 -14.24
C LYS F 109 17.55 -26.15 -15.52
N ASP F 110 16.47 -25.38 -15.60
CA ASP F 110 15.66 -25.38 -16.82
C ASP F 110 16.21 -24.32 -17.76
N TYR F 111 15.68 -24.25 -18.97
CA TYR F 111 16.12 -23.29 -19.97
C TYR F 111 16.33 -21.88 -19.44
N GLU F 112 15.73 -21.58 -18.28
CA GLU F 112 15.89 -20.25 -17.69
C GLU F 112 16.55 -20.24 -16.32
N GLY F 113 17.20 -21.34 -15.95
CA GLY F 113 17.91 -21.37 -14.68
C GLY F 113 17.31 -22.02 -13.42
N PHE F 114 16.03 -21.77 -13.14
CA PHE F 114 15.40 -22.32 -11.95
C PHE F 114 15.76 -23.78 -11.66
N THR F 115 15.84 -24.11 -10.39
CA THR F 115 16.18 -25.46 -9.96
C THR F 115 15.08 -25.97 -9.06
N PRO F 116 14.99 -27.29 -8.86
CA PRO F 116 13.96 -27.87 -8.00
C PRO F 116 13.82 -27.13 -6.68
N LEU F 117 14.95 -26.70 -6.11
CA LEU F 117 14.90 -25.99 -4.84
C LEU F 117 14.09 -24.71 -4.97
N HIS F 118 14.31 -23.97 -6.06
CA HIS F 118 13.58 -22.72 -6.29
C HIS F 118 12.09 -23.01 -6.40
N LEU F 119 11.73 -23.83 -7.37
CA LEU F 119 10.34 -24.19 -7.59
C LEU F 119 9.71 -24.68 -6.29
N ALA F 120 10.50 -25.41 -5.49
CA ALA F 120 10.01 -25.93 -4.22
C ALA F 120 9.95 -24.85 -3.17
N ALA F 121 10.74 -23.81 -3.36
CA ALA F 121 10.76 -22.70 -2.42
C ALA F 121 9.68 -21.68 -2.76
N TYR F 122 9.62 -21.28 -4.03
CA TYR F 122 8.63 -20.31 -4.50
C TYR F 122 7.22 -20.69 -4.08
N ASP F 123 7.00 -21.95 -3.78
CA ASP F 123 5.68 -22.41 -3.35
C ASP F 123 5.64 -22.67 -1.86
N GLY F 124 6.78 -22.51 -1.21
CA GLY F 124 6.85 -22.72 0.22
C GLY F 124 6.50 -24.13 0.64
N HIS F 125 7.17 -25.12 0.08
CA HIS F 125 6.91 -26.51 0.42
C HIS F 125 7.95 -27.03 1.40
N LEU F 126 7.59 -26.99 2.68
CA LEU F 126 8.43 -27.45 3.78
C LEU F 126 9.31 -28.64 3.42
N GLU F 127 8.89 -29.80 3.89
CA GLU F 127 9.57 -31.07 3.70
C GLU F 127 10.20 -31.28 2.33
N ILE F 128 9.61 -30.70 1.28
CA ILE F 128 10.15 -30.85 -0.07
C ILE F 128 11.50 -30.17 -0.18
N VAL F 129 11.67 -29.07 0.56
CA VAL F 129 12.93 -28.34 0.54
C VAL F 129 13.92 -29.12 1.38
N GLU F 130 13.47 -29.59 2.54
CA GLU F 130 14.32 -30.37 3.43
C GLU F 130 14.96 -31.57 2.72
N VAL F 131 14.16 -32.27 1.92
CA VAL F 131 14.63 -33.44 1.18
C VAL F 131 15.53 -33.09 0.01
N LEU F 132 15.30 -31.94 -0.62
CA LEU F 132 16.12 -31.52 -1.75
C LEU F 132 17.54 -31.20 -1.30
N LEU F 133 17.66 -30.60 -0.11
CA LEU F 133 18.97 -30.24 0.45
C LEU F 133 19.77 -31.52 0.63
N LYS F 134 19.21 -32.40 1.44
CA LYS F 134 19.76 -33.71 1.76
C LYS F 134 20.57 -34.34 0.62
N TYR F 135 20.17 -34.07 -0.62
CA TYR F 135 20.86 -34.64 -1.79
C TYR F 135 21.80 -33.66 -2.47
N GLY F 136 22.36 -32.75 -1.69
CA GLY F 136 23.28 -31.78 -2.23
C GLY F 136 22.58 -30.70 -3.01
N ALA F 137 21.66 -29.98 -2.36
CA ALA F 137 20.95 -28.90 -3.02
C ALA F 137 21.76 -27.62 -2.92
N ASP F 138 22.20 -27.11 -4.05
CA ASP F 138 22.98 -25.90 -4.10
C ASP F 138 22.14 -24.73 -3.59
N VAL F 139 22.08 -24.58 -2.27
CA VAL F 139 21.31 -23.51 -1.65
C VAL F 139 21.84 -22.14 -2.08
N ASN F 140 22.89 -22.16 -2.90
CA ASN F 140 23.50 -20.93 -3.39
C ASN F 140 23.38 -20.86 -4.91
N ALA F 141 22.17 -21.11 -5.40
CA ALA F 141 21.89 -21.07 -6.82
C ALA F 141 21.09 -19.81 -7.11
N GLN F 142 21.40 -19.15 -8.22
CA GLN F 142 20.71 -17.92 -8.60
C GLN F 142 19.88 -18.09 -9.85
N ASP F 143 18.57 -17.94 -9.70
CA ASP F 143 17.71 -18.06 -10.84
C ASP F 143 17.85 -16.80 -11.66
N LYS F 144 16.96 -16.67 -12.63
CA LYS F 144 16.98 -15.51 -13.50
C LYS F 144 16.78 -14.18 -12.77
N PHE F 145 16.11 -14.19 -11.62
CA PHE F 145 15.86 -12.98 -10.83
C PHE F 145 17.00 -12.61 -9.89
N GLY F 146 18.03 -13.43 -9.87
CA GLY F 146 19.17 -13.16 -9.02
C GLY F 146 18.95 -13.41 -7.53
N LYS F 147 17.88 -14.13 -7.21
CA LYS F 147 17.58 -14.45 -5.81
C LYS F 147 17.90 -15.90 -5.52
N THR F 148 17.83 -16.29 -4.25
CA THR F 148 18.14 -17.66 -3.86
C THR F 148 17.03 -18.25 -2.99
N ALA F 149 17.08 -19.56 -2.77
CA ALA F 149 16.08 -20.24 -1.94
C ALA F 149 15.87 -19.48 -0.63
N PHE F 150 16.81 -18.60 -0.31
CA PHE F 150 16.75 -17.83 0.92
C PHE F 150 15.82 -16.63 0.73
N ASP F 151 16.21 -15.73 -0.17
CA ASP F 151 15.45 -14.54 -0.47
C ASP F 151 13.98 -14.87 -0.68
N ILE F 152 13.70 -16.11 -1.06
CA ILE F 152 12.33 -16.52 -1.32
C ILE F 152 11.56 -16.89 -0.05
N SER F 153 12.25 -17.02 1.08
CA SER F 153 11.60 -17.34 2.34
C SER F 153 11.03 -16.08 2.96
N ILE F 154 11.79 -14.98 2.86
CA ILE F 154 11.37 -13.71 3.43
C ILE F 154 10.28 -13.05 2.59
N ASP F 155 10.60 -12.73 1.35
CA ASP F 155 9.65 -12.08 0.45
C ASP F 155 8.26 -12.71 0.55
N ASN F 156 8.18 -14.03 0.41
CA ASN F 156 6.92 -14.74 0.46
C ASN F 156 6.27 -14.80 1.84
N GLY F 157 6.81 -14.03 2.77
CA GLY F 157 6.27 -14.01 4.12
C GLY F 157 6.21 -15.39 4.76
N ASN F 158 7.13 -16.27 4.41
CA ASN F 158 7.14 -17.61 5.02
C ASN F 158 8.43 -17.72 5.84
N GLU F 159 8.32 -17.63 7.17
CA GLU F 159 9.53 -17.73 7.98
C GLU F 159 9.89 -19.13 8.47
N ASP F 160 8.93 -20.06 8.54
CA ASP F 160 9.28 -21.42 8.97
C ASP F 160 10.27 -22.04 7.97
N LEU F 161 10.44 -21.36 6.84
CA LEU F 161 11.32 -21.85 5.78
C LEU F 161 12.82 -21.55 5.91
N ALA F 162 13.19 -20.29 5.73
CA ALA F 162 14.59 -19.87 5.82
C ALA F 162 15.28 -20.43 7.05
N GLU F 163 14.49 -21.01 7.94
CA GLU F 163 14.97 -21.59 9.19
C GLU F 163 15.55 -23.00 8.98
N ILE F 164 15.54 -23.47 7.73
CA ILE F 164 16.05 -24.80 7.43
C ILE F 164 17.23 -24.78 6.47
N LEU F 165 17.31 -23.74 5.65
CA LEU F 165 18.39 -23.62 4.68
C LEU F 165 19.70 -23.27 5.37
N GLN F 166 19.75 -22.09 5.99
CA GLN F 166 20.96 -21.64 6.68
C GLN F 166 21.38 -22.59 7.80
N LYS F 167 22.00 -23.71 7.41
CA LYS F 167 22.47 -24.69 8.38
C LYS F 167 23.79 -25.34 7.96
N LEU F 168 23.88 -25.75 6.69
CA LEU F 168 25.09 -26.39 6.16
C LEU F 168 25.39 -26.05 4.68
N ASN F 169 25.35 -24.76 4.36
CA ASN F 169 25.59 -24.18 3.02
C ASN F 169 26.68 -24.79 2.07
N CYS G 9 13.88 13.05 37.72
CA CYS G 9 13.49 12.58 39.15
C CYS G 9 13.56 11.04 39.26
N LEU G 10 13.19 10.35 38.16
CA LEU G 10 13.19 8.93 38.13
C LEU G 10 14.43 8.03 38.15
N GLN G 11 14.08 6.76 38.39
CA GLN G 11 15.03 5.64 38.47
C GLN G 11 14.00 4.56 38.08
N VAL G 12 14.16 3.34 38.56
CA VAL G 12 13.29 2.22 38.29
C VAL G 12 13.90 1.07 39.10
N LYS G 13 13.09 0.34 39.85
CA LYS G 13 13.66 -0.76 40.60
C LYS G 13 13.68 -2.07 39.82
N PRO G 14 14.56 -3.00 40.22
CA PRO G 14 14.69 -4.31 39.58
C PRO G 14 14.16 -5.45 40.44
N CYS G 15 13.95 -6.62 39.82
CA CYS G 15 13.42 -7.77 40.54
C CYS G 15 14.41 -8.85 40.96
N THR G 16 14.26 -9.30 42.20
CA THR G 16 15.11 -10.36 42.74
C THR G 16 14.96 -11.54 41.79
N PRO G 17 16.08 -12.15 41.37
CA PRO G 17 16.02 -13.28 40.46
C PRO G 17 15.24 -14.48 40.98
N GLU G 18 15.09 -14.61 42.29
CA GLU G 18 14.34 -15.74 42.83
C GLU G 18 12.86 -15.44 42.66
N PHE G 19 12.57 -14.20 42.28
CA PHE G 19 11.19 -13.76 42.05
C PHE G 19 10.89 -14.22 40.63
N TYR G 20 11.22 -15.47 40.33
CA TYR G 20 10.97 -15.98 39.01
C TYR G 20 10.79 -17.47 39.07
N GLN G 21 11.72 -18.15 39.72
CA GLN G 21 11.62 -19.60 39.83
C GLN G 21 10.34 -19.94 40.58
N THR G 22 9.66 -18.89 41.05
CA THR G 22 8.40 -19.04 41.80
C THR G 22 7.35 -17.99 41.43
N HIS G 23 7.41 -17.46 40.21
CA HIS G 23 6.45 -16.45 39.77
C HIS G 23 6.26 -16.44 38.27
N PHE G 24 7.35 -16.44 37.51
CA PHE G 24 7.28 -16.45 36.05
C PHE G 24 6.47 -17.65 35.61
N GLN G 25 6.48 -18.68 36.47
CA GLN G 25 5.77 -19.93 36.23
C GLN G 25 4.44 -19.74 35.55
N LEU G 26 3.43 -19.35 36.34
CA LEU G 26 2.09 -19.19 35.79
C LEU G 26 1.67 -17.74 35.59
N ALA G 27 2.57 -16.95 35.00
CA ALA G 27 2.29 -15.56 34.65
C ALA G 27 2.43 -15.54 33.15
N TYR G 28 2.30 -14.38 32.52
CA TYR G 28 2.43 -14.35 31.07
C TYR G 28 3.91 -14.40 30.70
N ARG G 29 4.23 -15.05 29.59
CA ARG G 29 5.61 -15.13 29.13
C ARG G 29 5.91 -13.65 29.09
N LEU G 30 6.99 -13.19 29.72
CA LEU G 30 7.26 -11.78 29.63
C LEU G 30 8.71 -11.44 29.86
N GLN G 31 9.58 -12.16 29.17
CA GLN G 31 11.02 -11.94 29.31
C GLN G 31 11.75 -11.74 28.00
N SER G 32 11.03 -11.26 27.00
CA SER G 32 11.62 -11.03 25.70
C SER G 32 12.33 -9.69 25.69
N ARG G 33 13.25 -9.50 24.75
CA ARG G 33 13.98 -8.24 24.64
C ARG G 33 13.92 -7.77 23.20
N PRO G 34 13.25 -6.63 22.95
CA PRO G 34 12.57 -5.81 23.95
C PRO G 34 11.45 -6.59 24.62
N ARG G 35 10.85 -6.01 25.65
CA ARG G 35 9.76 -6.66 26.35
C ARG G 35 8.45 -6.41 25.61
N GLY G 36 8.58 -5.71 24.48
CA GLY G 36 7.41 -5.39 23.66
C GLY G 36 7.50 -3.96 23.18
N LEU G 37 6.58 -3.55 22.33
CA LEU G 37 6.60 -2.18 21.85
C LEU G 37 5.63 -1.30 22.63
N ALA G 38 6.04 -0.06 22.88
CA ALA G 38 5.20 0.87 23.61
C ALA G 38 4.98 2.11 22.75
N LEU G 39 3.74 2.60 22.72
CA LEU G 39 3.40 3.79 21.94
C LEU G 39 2.84 4.86 22.88
N VAL G 40 3.41 6.07 22.84
CA VAL G 40 2.94 7.11 23.72
C VAL G 40 2.33 8.32 23.01
N LEU G 41 1.27 8.09 22.26
CA LEU G 41 0.60 9.15 21.53
C LEU G 41 -0.01 10.16 22.51
N SER G 42 0.39 11.42 22.41
CA SER G 42 -0.16 12.45 23.30
C SER G 42 -0.43 13.77 22.58
N ASN G 43 -1.73 14.06 22.39
CA ASN G 43 -2.15 15.28 21.71
C ASN G 43 -2.06 16.43 22.70
N VAL G 44 -1.11 17.33 22.47
CA VAL G 44 -0.89 18.47 23.36
C VAL G 44 -1.49 19.81 22.94
N HIS G 45 -1.28 20.20 21.69
CA HIS G 45 -1.80 21.48 21.19
C HIS G 45 -3.06 21.23 20.36
N PHE G 46 -4.09 22.04 20.56
CA PHE G 46 -5.33 21.84 19.83
C PHE G 46 -5.89 23.08 19.14
N THR G 47 -6.23 22.93 17.87
CA THR G 47 -6.79 24.02 17.09
C THR G 47 -8.29 23.80 16.95
N GLY G 48 -8.67 22.87 16.07
CA GLY G 48 -10.07 22.56 15.85
C GLY G 48 -10.97 23.77 15.75
N GLU G 49 -12.27 23.58 16.02
CA GLU G 49 -13.23 24.68 15.97
C GLU G 49 -13.68 25.07 17.37
N LYS G 50 -12.76 25.68 18.13
CA LYS G 50 -13.00 26.12 19.50
C LYS G 50 -13.50 25.01 20.43
N GLU G 51 -12.58 24.39 21.16
CA GLU G 51 -12.93 23.33 22.09
C GLU G 51 -11.90 23.08 23.18
N LEU G 52 -10.69 22.72 22.78
CA LEU G 52 -9.61 22.39 23.71
C LEU G 52 -8.77 23.55 24.21
N GLU G 53 -7.84 23.23 25.11
CA GLU G 53 -6.92 24.19 25.71
C GLU G 53 -5.55 23.52 25.73
N PHE G 54 -4.50 24.31 25.91
CA PHE G 54 -3.16 23.74 25.94
C PHE G 54 -3.04 22.65 27.01
N ARG G 55 -2.50 21.51 26.62
CA ARG G 55 -2.31 20.38 27.54
C ARG G 55 -1.48 20.70 28.76
N SER G 56 -1.27 21.98 29.04
CA SER G 56 -0.49 22.43 30.18
C SER G 56 -0.01 21.28 31.07
N GLY G 57 1.24 20.88 30.88
CA GLY G 57 1.79 19.80 31.67
C GLY G 57 1.67 18.49 30.92
N GLY G 58 1.03 18.55 29.76
CA GLY G 58 0.87 17.36 28.94
C GLY G 58 2.22 16.87 28.47
N ASP G 59 3.21 17.76 28.55
CA ASP G 59 4.57 17.43 28.13
C ASP G 59 5.31 16.64 29.21
N VAL G 60 5.00 16.91 30.46
CA VAL G 60 5.61 16.20 31.58
C VAL G 60 5.08 14.77 31.58
N ASP G 61 3.76 14.63 31.45
CA ASP G 61 3.12 13.32 31.42
C ASP G 61 3.78 12.51 30.33
N HIS G 62 3.84 13.10 29.13
CA HIS G 62 4.44 12.45 27.98
C HIS G 62 5.85 11.96 28.28
N SER G 63 6.67 12.82 28.88
CA SER G 63 8.03 12.44 29.23
C SER G 63 8.06 11.38 30.32
N THR G 64 7.34 11.63 31.42
CA THR G 64 7.30 10.69 32.53
C THR G 64 7.00 9.28 32.03
N LEU G 65 6.05 9.16 31.10
CA LEU G 65 5.68 7.85 30.54
C LEU G 65 6.74 7.27 29.61
N VAL G 66 7.23 8.08 28.68
CA VAL G 66 8.23 7.62 27.74
C VAL G 66 9.42 7.02 28.49
N THR G 67 9.91 7.74 29.49
CA THR G 67 11.03 7.27 30.28
C THR G 67 10.65 5.97 30.96
N LEU G 68 9.58 6.01 31.73
CA LEU G 68 9.08 4.85 32.46
C LEU G 68 8.98 3.58 31.61
N PHE G 69 8.32 3.69 30.45
CA PHE G 69 8.18 2.54 29.58
C PHE G 69 9.51 2.11 29.02
N LYS G 70 10.45 3.05 28.98
CA LYS G 70 11.80 2.79 28.47
C LYS G 70 12.65 2.02 29.47
N LEU G 71 12.52 2.33 30.76
CA LEU G 71 13.27 1.64 31.82
C LEU G 71 12.64 0.28 32.14
N LEU G 72 11.42 0.08 31.65
CA LEU G 72 10.74 -1.17 31.88
C LEU G 72 11.16 -2.15 30.80
N GLY G 73 11.95 -1.63 29.86
CA GLY G 73 12.46 -2.46 28.76
C GLY G 73 11.56 -2.53 27.54
N TYR G 74 11.05 -1.37 27.11
CA TYR G 74 10.17 -1.34 25.95
C TYR G 74 10.66 -0.46 24.82
N ASP G 75 10.74 -1.05 23.63
CA ASP G 75 11.16 -0.33 22.43
C ASP G 75 9.99 0.64 22.23
N VAL G 76 10.09 1.83 22.82
CA VAL G 76 9.00 2.80 22.74
C VAL G 76 9.02 3.79 21.59
N HIS G 77 7.84 4.00 21.01
CA HIS G 77 7.68 4.92 19.90
C HIS G 77 6.97 6.14 20.48
N VAL G 78 6.60 7.09 19.63
CA VAL G 78 5.93 8.30 20.09
C VAL G 78 5.23 9.02 18.95
N LEU G 79 4.19 9.77 19.30
CA LEU G 79 3.45 10.56 18.33
C LEU G 79 2.93 11.74 19.13
N CYS G 80 2.88 12.92 18.50
CA CYS G 80 2.41 14.10 19.20
C CYS G 80 1.46 14.91 18.34
N ASP G 81 0.58 15.65 19.01
CA ASP G 81 -0.40 16.50 18.34
C ASP G 81 -0.90 15.88 17.04
N GLN G 82 -1.72 14.84 17.17
CA GLN G 82 -2.27 14.14 16.02
C GLN G 82 -3.76 14.36 15.90
N THR G 83 -4.29 14.11 14.72
CA THR G 83 -5.71 14.28 14.46
C THR G 83 -6.39 12.94 14.65
N ALA G 84 -7.68 12.98 14.94
CA ALA G 84 -8.45 11.76 15.14
C ALA G 84 -8.09 10.74 14.06
N GLN G 85 -8.26 11.14 12.80
CA GLN G 85 -7.97 10.24 11.70
C GLN G 85 -6.53 9.74 11.71
N GLU G 86 -5.58 10.64 11.96
CA GLU G 86 -4.18 10.24 11.98
C GLU G 86 -3.91 9.16 13.01
N MET G 87 -4.60 9.25 14.15
CA MET G 87 -4.43 8.28 15.23
C MET G 87 -4.86 6.87 14.83
N GLN G 88 -6.10 6.73 14.37
CA GLN G 88 -6.60 5.42 13.96
C GLN G 88 -5.69 4.85 12.88
N GLU G 89 -5.18 5.76 12.05
CA GLU G 89 -4.30 5.41 10.94
C GLU G 89 -2.92 4.94 11.43
N LYS G 90 -2.28 5.74 12.27
CA LYS G 90 -0.96 5.39 12.78
C LYS G 90 -1.01 4.34 13.88
N LEU G 91 -2.15 4.24 14.57
CA LEU G 91 -2.31 3.24 15.62
C LEU G 91 -2.39 1.87 14.97
N GLN G 92 -3.17 1.78 13.89
CA GLN G 92 -3.30 0.52 13.17
C GLN G 92 -1.93 0.07 12.67
N ASN G 93 -1.10 1.02 12.26
CA ASN G 93 0.24 0.71 11.77
C ASN G 93 1.07 0.15 12.92
N PHE G 94 1.03 0.85 14.06
CA PHE G 94 1.78 0.40 15.22
C PHE G 94 1.34 -1.03 15.57
N ALA G 95 0.04 -1.28 15.39
CA ALA G 95 -0.52 -2.59 15.70
C ALA G 95 -0.02 -3.68 14.77
N GLN G 96 0.20 -3.32 13.51
CA GLN G 96 0.67 -4.28 12.53
C GLN G 96 2.18 -4.55 12.57
N LEU G 97 2.97 -3.51 12.83
CA LEU G 97 4.44 -3.64 12.89
C LEU G 97 4.87 -5.07 13.19
N PRO G 98 5.56 -5.71 12.23
CA PRO G 98 6.05 -7.09 12.30
C PRO G 98 6.86 -7.46 13.55
N ALA G 99 7.36 -6.46 14.26
CA ALA G 99 8.15 -6.71 15.46
C ALA G 99 7.37 -7.50 16.52
N HIS G 100 6.10 -7.15 16.71
CA HIS G 100 5.26 -7.81 17.71
C HIS G 100 5.38 -9.33 17.74
N ARG G 101 5.74 -9.92 16.60
CA ARG G 101 5.86 -11.37 16.51
C ARG G 101 6.89 -11.95 17.47
N VAL G 102 7.96 -11.19 17.70
CA VAL G 102 9.03 -11.66 18.60
C VAL G 102 8.90 -11.18 20.06
N THR G 103 8.19 -10.09 20.28
CA THR G 103 8.00 -9.56 21.63
C THR G 103 6.93 -10.35 22.41
N ASP G 104 6.87 -10.14 23.73
CA ASP G 104 5.90 -10.87 24.54
C ASP G 104 4.72 -10.06 25.07
N SER G 105 4.72 -8.76 24.81
CA SER G 105 3.64 -7.89 25.27
C SER G 105 3.61 -6.58 24.51
N CYS G 106 2.62 -5.75 24.80
CA CYS G 106 2.49 -4.49 24.11
C CYS G 106 1.91 -3.44 25.03
N ILE G 107 2.40 -2.20 24.92
CA ILE G 107 1.90 -1.10 25.72
C ILE G 107 1.51 0.04 24.81
N VAL G 108 0.46 0.77 25.18
CA VAL G 108 0.00 1.91 24.40
C VAL G 108 -0.62 2.93 25.34
N ALA G 109 -0.10 4.14 25.35
CA ALA G 109 -0.64 5.17 26.22
C ALA G 109 -1.20 6.26 25.34
N LEU G 110 -2.47 6.59 25.55
CA LEU G 110 -3.11 7.64 24.79
C LEU G 110 -3.42 8.75 25.77
N LEU G 111 -2.79 9.90 25.59
CA LEU G 111 -3.03 11.02 26.47
C LEU G 111 -3.51 12.19 25.63
N SER G 112 -4.66 12.74 25.99
CA SER G 112 -5.23 13.86 25.25
C SER G 112 -6.52 14.28 25.95
N HIS G 113 -7.30 15.12 25.30
CA HIS G 113 -8.58 15.54 25.86
C HIS G 113 -9.54 14.47 25.38
N GLY G 114 -10.71 14.38 26.02
CA GLY G 114 -11.65 13.36 25.59
C GLY G 114 -13.02 13.44 26.23
N VAL G 115 -13.78 12.38 26.00
CA VAL G 115 -15.13 12.26 26.54
C VAL G 115 -15.35 10.77 26.74
N GLU G 116 -16.46 10.41 27.38
CA GLU G 116 -16.74 9.01 27.61
C GLU G 116 -16.59 8.18 26.34
N GLY G 117 -15.74 7.16 26.41
CA GLY G 117 -15.58 6.29 25.27
C GLY G 117 -14.63 6.70 24.17
N ALA G 118 -14.26 7.96 24.10
CA ALA G 118 -13.35 8.39 23.05
C ALA G 118 -12.44 9.54 23.44
N ILE G 119 -11.40 9.76 22.63
CA ILE G 119 -10.44 10.82 22.87
C ILE G 119 -10.41 11.79 21.70
N TYR G 120 -10.17 13.06 22.00
CA TYR G 120 -10.10 14.11 21.00
C TYR G 120 -8.71 14.15 20.37
N GLY G 121 -8.66 14.49 19.09
CA GLY G 121 -7.39 14.61 18.42
C GLY G 121 -7.17 16.11 18.31
N VAL G 122 -5.95 16.54 18.02
CA VAL G 122 -5.69 17.96 17.89
C VAL G 122 -6.65 18.49 16.83
N ASP G 123 -7.15 17.55 16.04
CA ASP G 123 -8.08 17.82 14.96
C ASP G 123 -9.43 18.35 15.44
N GLY G 124 -9.77 18.05 16.70
CA GLY G 124 -11.04 18.47 17.24
C GLY G 124 -12.06 17.35 17.10
N LYS G 125 -11.73 16.36 16.26
CA LYS G 125 -12.58 15.21 16.03
C LYS G 125 -12.27 14.09 17.00
N LEU G 126 -13.22 13.17 17.17
CA LEU G 126 -13.06 12.05 18.09
C LEU G 126 -12.61 10.72 17.48
N LEU G 127 -12.10 9.86 18.35
CA LEU G 127 -11.67 8.51 17.98
C LEU G 127 -12.16 7.58 19.09
N GLN G 128 -13.18 6.78 18.78
CA GLN G 128 -13.74 5.87 19.76
C GLN G 128 -12.69 4.91 20.31
N LEU G 129 -12.58 4.88 21.63
CA LEU G 129 -11.61 4.01 22.28
C LEU G 129 -11.89 2.57 21.93
N GLN G 130 -13.16 2.25 21.68
CA GLN G 130 -13.51 0.88 21.34
C GLN G 130 -12.87 0.52 20.00
N GLU G 131 -12.74 1.52 19.13
CA GLU G 131 -12.12 1.32 17.83
C GLU G 131 -10.63 1.05 18.04
N VAL G 132 -10.05 1.75 19.01
CA VAL G 132 -8.64 1.60 19.32
C VAL G 132 -8.30 0.18 19.70
N PHE G 133 -9.01 -0.34 20.70
CA PHE G 133 -8.78 -1.70 21.17
C PHE G 133 -8.93 -2.73 20.07
N GLN G 134 -10.00 -2.60 19.29
CA GLN G 134 -10.27 -3.51 18.20
C GLN G 134 -9.00 -3.78 17.41
N LEU G 135 -8.27 -2.71 17.07
CA LEU G 135 -7.05 -2.83 16.29
C LEU G 135 -6.03 -3.82 16.86
N PHE G 136 -6.12 -4.10 18.16
CA PHE G 136 -5.18 -5.03 18.78
C PHE G 136 -5.79 -6.34 19.24
N ASP G 137 -7.03 -6.64 18.84
CA ASP G 137 -7.65 -7.87 19.29
C ASP G 137 -7.02 -9.12 18.69
N ASN G 138 -7.69 -10.25 18.81
CA ASN G 138 -7.16 -11.51 18.29
C ASN G 138 -7.38 -11.68 16.78
N ALA G 139 -8.20 -10.81 16.20
CA ALA G 139 -8.48 -10.89 14.78
C ALA G 139 -7.55 -9.95 14.01
N ASN G 140 -7.79 -8.66 14.16
CA ASN G 140 -7.01 -7.64 13.48
C ASN G 140 -5.51 -7.60 13.79
N CYS G 141 -5.07 -8.27 14.86
CA CYS G 141 -3.66 -8.27 15.22
C CYS G 141 -3.18 -9.63 15.69
N PRO G 142 -3.24 -10.63 14.81
CA PRO G 142 -2.81 -12.00 15.14
C PRO G 142 -1.39 -12.11 15.68
N SER G 143 -0.54 -11.15 15.32
CA SER G 143 0.85 -11.18 15.77
C SER G 143 0.98 -10.91 17.28
N LEU G 144 -0.14 -10.68 17.96
CA LEU G 144 -0.13 -10.41 19.40
C LEU G 144 -1.07 -11.27 20.24
N GLN G 145 -1.61 -12.34 19.66
CA GLN G 145 -2.52 -13.22 20.38
C GLN G 145 -1.88 -13.81 21.61
N ASN G 146 -2.69 -14.00 22.65
CA ASN G 146 -2.23 -14.58 23.91
C ASN G 146 -1.12 -13.79 24.60
N LYS G 147 -0.81 -12.61 24.08
CA LYS G 147 0.21 -11.76 24.68
C LYS G 147 -0.48 -10.59 25.37
N PRO G 148 -0.17 -10.35 26.65
CA PRO G 148 -0.79 -9.24 27.38
C PRO G 148 -0.60 -7.93 26.67
N LYS G 149 -1.65 -7.12 26.61
CA LYS G 149 -1.57 -5.81 25.96
C LYS G 149 -2.15 -4.74 26.88
N MET G 150 -1.28 -3.96 27.48
CA MET G 150 -1.71 -2.91 28.39
C MET G 150 -2.06 -1.62 27.66
N PHE G 151 -3.01 -0.89 28.20
CA PHE G 151 -3.40 0.39 27.64
C PHE G 151 -3.43 1.35 28.81
N PHE G 152 -2.89 2.55 28.65
CA PHE G 152 -2.89 3.48 29.77
C PHE G 152 -3.54 4.79 29.40
N ILE G 153 -4.83 4.75 29.15
CA ILE G 153 -5.58 5.93 28.78
C ILE G 153 -5.46 7.00 29.81
N GLN G 154 -5.05 8.17 29.36
CA GLN G 154 -4.90 9.33 30.22
C GLN G 154 -5.64 10.48 29.53
N ALA G 155 -6.91 10.63 29.84
CA ALA G 155 -7.70 11.68 29.20
C ALA G 155 -8.86 12.15 30.05
N CYS G 156 -9.53 13.19 29.59
CA CYS G 156 -10.69 13.67 30.30
C CYS G 156 -11.86 12.84 29.81
N ARG G 157 -12.74 12.48 30.74
CA ARG G 157 -13.95 11.70 30.44
C ARG G 157 -15.13 12.60 30.85
N GLY G 158 -14.79 13.73 31.45
CA GLY G 158 -15.80 14.67 31.90
C GLY G 158 -15.41 16.12 31.72
N ASP G 159 -16.19 17.01 32.31
CA ASP G 159 -15.96 18.45 32.21
C ASP G 159 -15.85 19.12 33.57
N GLU G 160 -16.53 18.55 34.57
CA GLU G 160 -16.49 19.13 35.91
C GLU G 160 -15.73 18.22 36.87
N THR G 161 -14.97 18.85 37.77
CA THR G 161 -14.19 18.12 38.74
C THR G 161 -15.08 17.55 39.82
N ASP G 162 -14.58 16.58 40.56
CA ASP G 162 -15.36 15.93 41.59
C ASP G 162 -15.28 16.59 42.97
N ARG G 163 -16.45 17.05 43.43
CA ARG G 163 -16.59 17.71 44.72
C ARG G 163 -16.12 16.84 45.88
N GLY G 164 -16.73 15.66 46.06
CA GLY G 164 -16.32 14.77 47.14
C GLY G 164 -17.25 14.75 48.34
N VAL G 165 -17.21 13.67 49.12
CA VAL G 165 -18.07 13.55 50.29
C VAL G 165 -17.23 13.47 51.59
N ASP G 166 -17.89 13.15 52.70
CA ASP G 166 -17.19 13.04 53.96
C ASP G 166 -17.12 11.59 54.45
N GLN G 167 -16.05 11.24 55.15
CA GLN G 167 -15.86 9.86 55.56
C GLN G 167 -16.56 9.53 56.93
N GLN G 168 -17.58 10.32 57.24
CA GLN G 168 -18.37 10.18 58.41
C GLN G 168 -18.27 8.90 59.23
N MET H 10 -7.09 -24.56 19.72
CA MET H 10 -6.61 -23.72 18.58
C MET H 10 -7.54 -22.54 18.28
N ARG H 11 -8.66 -22.46 18.99
CA ARG H 11 -9.65 -21.39 18.78
C ARG H 11 -9.61 -20.37 19.93
N LEU H 12 -10.07 -19.14 19.67
CA LEU H 12 -10.06 -18.08 20.68
C LEU H 12 -11.21 -17.08 20.53
N PRO H 13 -11.32 -16.17 21.51
CA PRO H 13 -12.38 -15.16 21.40
C PRO H 13 -11.82 -14.02 20.54
N THR H 14 -12.69 -13.20 19.97
CA THR H 14 -12.25 -12.09 19.14
C THR H 14 -11.34 -11.13 19.90
N ARG H 15 -11.64 -10.90 21.17
CA ARG H 15 -10.82 -10.02 22.01
C ARG H 15 -10.53 -10.61 23.37
N SER H 16 -9.31 -10.40 23.85
CA SER H 16 -8.92 -10.91 25.17
C SER H 16 -7.48 -10.57 25.51
N ASP H 17 -7.10 -10.84 26.76
CA ASP H 17 -5.76 -10.59 27.24
C ASP H 17 -5.37 -9.14 27.20
N MET H 18 -6.33 -8.27 27.47
CA MET H 18 -6.07 -6.84 27.50
C MET H 18 -6.23 -6.31 28.91
N ILE H 19 -5.83 -5.06 29.12
CA ILE H 19 -5.97 -4.43 30.41
C ILE H 19 -5.81 -2.94 30.23
N CYS H 20 -6.88 -2.20 30.47
CA CYS H 20 -6.82 -0.77 30.30
C CYS H 20 -6.99 0.01 31.60
N GLY H 21 -6.12 1.00 31.81
CA GLY H 21 -6.21 1.82 33.00
C GLY H 21 -6.72 3.19 32.62
N TYR H 22 -7.68 3.71 33.39
CA TYR H 22 -8.24 5.02 33.12
C TYR H 22 -7.89 5.98 34.25
N ALA H 23 -7.53 7.21 33.89
CA ALA H 23 -7.14 8.21 34.87
C ALA H 23 -8.32 8.70 35.69
N CYS H 24 -9.51 8.69 35.10
CA CYS H 24 -10.70 9.15 35.82
C CYS H 24 -11.91 8.29 35.50
N LEU H 25 -12.93 8.39 36.33
CA LEU H 25 -14.16 7.62 36.14
C LEU H 25 -15.02 8.23 35.04
N LYS H 26 -16.16 7.61 34.79
CA LYS H 26 -17.10 8.08 33.78
C LYS H 26 -17.71 9.39 34.22
N GLY H 27 -17.70 10.38 33.33
CA GLY H 27 -18.28 11.67 33.67
C GLY H 27 -17.36 12.67 34.34
N THR H 28 -16.45 12.20 35.18
CA THR H 28 -15.53 13.08 35.88
C THR H 28 -14.31 13.46 35.04
N ALA H 29 -13.52 14.41 35.53
CA ALA H 29 -12.32 14.87 34.83
C ALA H 29 -11.05 14.50 35.58
N ALA H 30 -9.89 14.80 34.98
CA ALA H 30 -8.60 14.48 35.60
C ALA H 30 -7.80 15.74 35.83
N MET H 31 -7.46 15.99 37.09
CA MET H 31 -6.68 17.17 37.44
C MET H 31 -5.26 17.14 36.91
N ARG H 32 -4.93 18.17 36.13
CA ARG H 32 -3.61 18.32 35.54
C ARG H 32 -2.93 19.41 36.36
N ASN H 33 -1.60 19.47 36.27
CA ASN H 33 -0.83 20.48 36.98
C ASN H 33 0.37 20.85 36.12
N THR H 34 0.48 22.13 35.80
CA THR H 34 1.55 22.66 34.95
C THR H 34 2.98 22.25 35.33
N LYS H 35 3.20 21.84 36.57
CA LYS H 35 4.54 21.47 37.02
C LYS H 35 4.73 19.99 37.35
N ARG H 36 3.67 19.33 37.83
CA ARG H 36 3.77 17.92 38.17
C ARG H 36 3.09 16.99 37.17
N GLY H 37 2.15 17.54 36.39
CA GLY H 37 1.45 16.74 35.40
C GLY H 37 0.12 16.24 35.95
N SER H 38 -0.37 15.13 35.41
CA SER H 38 -1.64 14.54 35.86
C SER H 38 -1.36 13.54 36.99
N TRP H 39 -2.28 13.48 37.96
CA TRP H 39 -2.13 12.58 39.10
C TRP H 39 -1.99 11.13 38.66
N TYR H 40 -2.81 10.72 37.70
CA TYR H 40 -2.75 9.35 37.23
C TYR H 40 -1.33 9.01 36.79
N ILE H 41 -0.75 9.84 35.93
CA ILE H 41 0.59 9.58 35.44
C ILE H 41 1.62 9.52 36.56
N GLU H 42 1.55 10.46 37.50
CA GLU H 42 2.48 10.48 38.62
C GLU H 42 2.34 9.15 39.37
N ALA H 43 1.13 8.89 39.85
CA ALA H 43 0.82 7.66 40.57
C ALA H 43 1.31 6.45 39.78
N LEU H 44 1.09 6.48 38.49
CA LEU H 44 1.49 5.40 37.63
C LEU H 44 3.00 5.23 37.70
N ALA H 45 3.72 6.31 37.36
CA ALA H 45 5.19 6.28 37.36
C ALA H 45 5.74 5.88 38.72
N GLN H 46 5.05 6.29 39.78
CA GLN H 46 5.49 5.99 41.13
C GLN H 46 5.38 4.50 41.43
N VAL H 47 4.16 4.00 41.50
CA VAL H 47 3.90 2.60 41.80
C VAL H 47 4.59 1.62 40.87
N PHE H 48 4.65 1.93 39.57
CA PHE H 48 5.28 1.03 38.61
C PHE H 48 6.77 0.89 38.84
N SER H 49 7.48 2.01 38.93
CA SER H 49 8.93 2.00 39.16
C SER H 49 9.27 1.30 40.47
N GLU H 50 8.51 1.62 41.51
CA GLU H 50 8.73 1.07 42.83
C GLU H 50 8.35 -0.40 43.01
N ARG H 51 7.20 -0.83 42.49
CA ARG H 51 6.76 -2.21 42.67
C ARG H 51 6.72 -3.15 41.46
N ALA H 52 7.08 -2.64 40.28
CA ALA H 52 7.07 -3.49 39.09
C ALA H 52 7.87 -4.75 39.34
N CYS H 53 8.78 -4.66 40.30
CA CYS H 53 9.64 -5.79 40.64
C CYS H 53 8.96 -6.94 41.36
N ASP H 54 7.98 -6.66 42.22
CA ASP H 54 7.32 -7.72 42.95
C ASP H 54 5.80 -7.66 42.89
N MET H 55 5.27 -6.77 42.05
CA MET H 55 3.81 -6.63 41.94
C MET H 55 3.36 -6.65 40.49
N HIS H 56 2.30 -7.42 40.18
CA HIS H 56 1.81 -7.49 38.80
C HIS H 56 0.89 -6.35 38.41
N VAL H 57 1.03 -5.91 37.17
CA VAL H 57 0.27 -4.81 36.60
C VAL H 57 -1.14 -4.68 37.13
N ALA H 58 -1.86 -5.80 37.21
CA ALA H 58 -3.23 -5.78 37.69
C ALA H 58 -3.32 -5.30 39.14
N ASP H 59 -2.37 -5.70 39.98
CA ASP H 59 -2.37 -5.29 41.39
C ASP H 59 -1.74 -3.90 41.60
N MET H 60 -0.83 -3.51 40.71
CA MET H 60 -0.19 -2.20 40.85
C MET H 60 -1.23 -1.13 40.55
N LEU H 61 -2.12 -1.41 39.61
CA LEU H 61 -3.16 -0.46 39.29
C LEU H 61 -4.06 -0.30 40.51
N VAL H 62 -4.21 -1.38 41.28
CA VAL H 62 -5.01 -1.32 42.50
C VAL H 62 -4.30 -0.34 43.44
N LYS H 63 -2.97 -0.35 43.41
CA LYS H 63 -2.18 0.55 44.24
C LYS H 63 -2.45 1.96 43.76
N VAL H 64 -2.26 2.19 42.46
CA VAL H 64 -2.48 3.50 41.88
C VAL H 64 -3.85 4.02 42.28
N ASN H 65 -4.82 3.12 42.32
CA ASN H 65 -6.18 3.48 42.73
C ASN H 65 -6.13 4.03 44.15
N ALA H 66 -5.51 3.26 45.04
CA ALA H 66 -5.35 3.64 46.43
C ALA H 66 -4.71 5.02 46.56
N LEU H 67 -3.64 5.26 45.80
CA LEU H 67 -2.99 6.55 45.87
C LEU H 67 -3.93 7.65 45.40
N ILE H 68 -4.41 7.52 44.17
CA ILE H 68 -5.31 8.50 43.60
C ILE H 68 -6.53 8.77 44.49
N LYS H 69 -7.02 7.74 45.18
CA LYS H 69 -8.19 7.92 46.04
C LYS H 69 -7.93 8.84 47.22
N ASP H 70 -6.74 8.75 47.80
CA ASP H 70 -6.38 9.56 48.95
C ASP H 70 -6.00 10.98 48.59
N ARG H 71 -5.43 11.19 47.41
CA ARG H 71 -5.01 12.52 46.99
C ARG H 71 -6.16 13.51 46.95
N GLU H 72 -5.87 14.73 47.41
CA GLU H 72 -6.83 15.83 47.44
C GLU H 72 -6.21 16.90 46.56
N GLY H 73 -7.04 17.70 45.90
CA GLY H 73 -6.50 18.73 45.03
C GLY H 73 -6.00 19.97 45.76
N TYR H 74 -4.79 20.41 45.45
CA TYR H 74 -4.24 21.60 46.09
C TYR H 74 -3.92 22.67 45.05
N ALA H 75 -4.82 23.64 44.99
CA ALA H 75 -4.70 24.78 44.10
C ALA H 75 -5.64 25.77 44.74
N PRO H 76 -5.16 26.43 45.82
CA PRO H 76 -5.93 27.43 46.55
C PRO H 76 -6.51 28.51 45.65
N GLY H 77 -7.50 29.22 46.15
CA GLY H 77 -8.14 30.26 45.36
C GLY H 77 -8.59 29.67 44.04
N THR H 78 -9.44 28.65 44.12
CA THR H 78 -9.97 27.97 42.94
C THR H 78 -11.04 27.03 43.44
N GLU H 79 -11.84 26.48 42.54
CA GLU H 79 -12.85 25.52 42.94
C GLU H 79 -12.31 24.10 42.72
N PHE H 80 -11.05 24.04 42.29
CA PHE H 80 -10.36 22.78 42.06
C PHE H 80 -9.68 22.39 43.37
N HIS H 81 -9.56 23.36 44.25
CA HIS H 81 -8.95 23.17 45.56
C HIS H 81 -9.75 22.20 46.41
N ARG H 82 -9.08 21.19 46.95
CA ARG H 82 -9.72 20.21 47.81
C ARG H 82 -10.75 19.36 47.07
N CYS H 83 -10.44 19.02 45.83
CA CYS H 83 -11.33 18.22 45.00
C CYS H 83 -10.84 16.78 45.03
N LYS H 84 -11.64 15.88 44.47
CA LYS H 84 -11.26 14.48 44.42
C LYS H 84 -11.24 13.95 42.99
N GLU H 85 -10.77 12.71 42.86
CA GLU H 85 -10.68 12.06 41.58
C GLU H 85 -10.50 10.57 41.85
N MET H 86 -10.96 9.73 40.93
CA MET H 86 -10.86 8.29 41.12
C MET H 86 -10.51 7.53 39.84
N SER H 87 -9.46 6.72 39.91
CA SER H 87 -9.01 5.96 38.76
C SER H 87 -9.76 4.65 38.70
N GLU H 88 -9.59 3.92 37.59
CA GLU H 88 -10.28 2.65 37.39
C GLU H 88 -9.46 1.88 36.35
N TYR H 89 -9.81 0.63 36.12
CA TYR H 89 -9.15 -0.18 35.08
C TYR H 89 -10.00 -1.43 34.83
N CYS H 90 -10.09 -1.88 33.59
CA CYS H 90 -10.86 -3.07 33.27
C CYS H 90 -9.89 -4.07 32.69
N SER H 91 -10.03 -5.34 33.05
CA SER H 91 -9.12 -6.35 32.58
C SER H 91 -9.76 -7.60 32.04
N THR H 92 -9.16 -8.13 30.97
CA THR H 92 -9.59 -9.39 30.36
C THR H 92 -8.32 -10.23 30.33
N LEU H 93 -7.38 -9.87 31.20
CA LEU H 93 -6.14 -10.60 31.30
C LEU H 93 -6.56 -11.95 31.85
N CYS H 94 -5.77 -12.99 31.59
CA CYS H 94 -6.11 -14.34 32.06
C CYS H 94 -5.03 -14.98 32.92
N ARG H 95 -3.99 -14.22 33.26
CA ARG H 95 -2.90 -14.73 34.08
C ARG H 95 -2.18 -13.50 34.63
N HIS H 96 -1.52 -13.63 35.78
CA HIS H 96 -0.82 -12.47 36.36
C HIS H 96 0.10 -11.86 35.31
N LEU H 97 0.24 -10.54 35.29
CA LEU H 97 1.09 -9.89 34.32
C LEU H 97 2.25 -9.17 35.01
N TYR H 98 3.36 -9.87 35.22
CA TYR H 98 4.53 -9.31 35.87
C TYR H 98 5.46 -8.76 34.80
N LEU H 99 5.97 -7.55 35.01
CA LEU H 99 6.89 -6.93 34.05
C LEU H 99 8.33 -7.35 34.26
N PHE H 100 8.58 -8.22 35.22
CA PHE H 100 9.92 -8.72 35.54
C PHE H 100 11.04 -7.80 35.09
N PRO H 101 11.09 -6.58 35.64
CA PRO H 101 12.12 -5.62 35.27
C PRO H 101 13.56 -6.09 35.46
N GLY H 102 14.46 -5.61 34.62
CA GLY H 102 15.86 -5.99 34.75
C GLY H 102 16.13 -7.46 34.98
N HIS H 103 15.52 -8.29 34.13
CA HIS H 103 15.70 -9.74 34.19
C HIS H 103 15.68 -10.26 32.75
N PRO H 104 16.67 -11.07 32.35
CA PRO H 104 17.82 -11.55 33.15
C PRO H 104 18.58 -10.39 33.82
N PRO H 105 19.54 -10.70 34.71
CA PRO H 105 20.35 -9.70 35.40
C PRO H 105 20.67 -8.43 34.60
N HIS I 9 16.18 0.63 48.41
CA HIS I 9 16.37 1.75 49.40
C HIS I 9 16.00 1.37 50.83
N HIS I 10 17.01 1.38 51.70
CA HIS I 10 16.86 1.02 53.09
C HIS I 10 16.05 2.00 53.94
N GLY I 11 15.03 2.58 53.33
CA GLY I 11 14.22 3.52 54.08
C GLY I 11 13.23 2.70 54.90
N SER I 12 13.75 1.74 55.68
CA SER I 12 12.96 0.81 56.49
C SER I 12 11.55 1.33 56.64
N ASP I 13 10.59 0.50 56.23
CA ASP I 13 9.17 0.83 56.27
C ASP I 13 8.66 1.80 57.33
N LEU I 14 9.49 2.17 58.30
CA LEU I 14 9.08 3.12 59.31
C LEU I 14 8.62 4.35 58.54
N GLY I 15 9.38 4.74 57.52
CA GLY I 15 9.05 5.91 56.72
C GLY I 15 7.93 5.55 55.76
N LYS I 16 6.87 5.01 56.35
CA LYS I 16 5.63 4.60 55.67
C LYS I 16 4.73 4.14 56.79
N LYS I 17 5.25 3.20 57.57
CA LYS I 17 4.53 2.66 58.72
C LYS I 17 4.13 3.82 59.61
N LEU I 18 4.87 4.92 59.51
CA LEU I 18 4.60 6.12 60.31
C LEU I 18 3.64 7.08 59.59
N LEU I 19 3.89 7.33 58.31
CA LEU I 19 3.05 8.23 57.55
C LEU I 19 1.64 7.70 57.34
N GLU I 20 1.42 6.43 57.71
CA GLU I 20 0.12 5.81 57.58
C GLU I 20 -0.60 5.92 58.92
N ALA I 21 0.14 5.67 59.99
CA ALA I 21 -0.41 5.72 61.34
C ALA I 21 -0.53 7.19 61.77
N ALA I 22 -0.05 8.08 60.91
CA ALA I 22 -0.11 9.52 61.16
C ALA I 22 -1.37 10.07 60.53
N ARG I 23 -1.59 9.74 59.25
CA ARG I 23 -2.78 10.19 58.56
C ARG I 23 -3.98 9.44 59.13
N ALA I 24 -3.73 8.22 59.61
CA ALA I 24 -4.77 7.40 60.20
C ALA I 24 -5.13 7.97 61.57
N GLY I 25 -4.13 8.47 62.26
CA GLY I 25 -4.36 9.06 63.57
C GLY I 25 -4.10 8.12 64.72
N GLN I 26 -3.28 7.10 64.50
CA GLN I 26 -2.97 6.15 65.55
C GLN I 26 -1.86 6.65 66.44
N ASP I 27 -2.12 7.76 67.12
CA ASP I 27 -1.14 8.35 68.03
C ASP I 27 -0.34 7.28 68.77
N ASP I 28 -1.05 6.31 69.34
CA ASP I 28 -0.43 5.22 70.09
C ASP I 28 0.59 4.46 69.26
N GLU I 29 0.34 4.35 67.97
CA GLU I 29 1.25 3.64 67.07
C GLU I 29 2.28 4.63 66.57
N VAL I 30 1.98 5.91 66.73
CA VAL I 30 2.91 6.94 66.31
C VAL I 30 4.01 7.07 67.36
N ARG I 31 3.63 6.94 68.63
CA ARG I 31 4.60 7.03 69.73
C ARG I 31 5.58 5.89 69.56
N ILE I 32 5.03 4.69 69.43
CA ILE I 32 5.80 3.48 69.28
C ILE I 32 6.80 3.60 68.16
N LEU I 33 6.31 3.86 66.96
CA LEU I 33 7.20 4.01 65.82
C LEU I 33 8.29 5.04 66.11
N MET I 34 7.95 6.14 66.78
CA MET I 34 8.95 7.16 67.10
C MET I 34 10.02 6.59 68.01
N ALA I 35 9.59 5.82 69.00
CA ALA I 35 10.49 5.19 69.97
C ALA I 35 11.52 4.33 69.26
N ASN I 36 11.09 3.60 68.22
CA ASN I 36 11.99 2.73 67.47
C ASN I 36 12.93 3.49 66.53
N GLY I 37 12.91 4.82 66.62
CA GLY I 37 13.79 5.62 65.79
C GLY I 37 13.33 5.79 64.36
N ALA I 38 12.03 5.94 64.16
CA ALA I 38 11.50 6.14 62.83
C ALA I 38 11.96 7.50 62.32
N ASP I 39 12.33 7.57 61.05
CA ASP I 39 12.78 8.83 60.47
C ASP I 39 11.62 9.82 60.49
N VAL I 40 11.61 10.70 61.48
CA VAL I 40 10.55 11.69 61.64
C VAL I 40 10.56 12.75 60.52
N ASN I 41 11.11 12.38 59.37
CA ASN I 41 11.17 13.26 58.23
C ASN I 41 10.85 12.50 56.94
N ALA I 42 10.01 11.48 57.06
CA ALA I 42 9.61 10.67 55.92
C ALA I 42 8.66 11.45 55.03
N THR I 43 8.56 11.07 53.76
CA THR I 43 7.71 11.75 52.79
C THR I 43 6.85 10.82 51.92
N ASP I 44 5.77 11.35 51.34
CA ASP I 44 4.93 10.56 50.44
C ASP I 44 5.38 10.87 49.04
N TRP I 45 4.67 10.26 48.10
CA TRP I 45 4.90 10.46 46.70
C TRP I 45 4.47 11.89 46.39
N LEU I 46 3.87 12.55 47.37
CA LEU I 46 3.43 13.93 47.19
C LEU I 46 4.33 14.87 47.98
N GLY I 47 5.16 14.32 48.84
CA GLY I 47 6.06 15.15 49.61
C GLY I 47 5.67 15.36 51.06
N HIS I 48 4.42 15.06 51.41
CA HIS I 48 3.95 15.24 52.77
C HIS I 48 4.82 14.51 53.81
N THR I 49 4.86 15.03 55.02
CA THR I 49 5.63 14.43 56.10
C THR I 49 4.65 14.08 57.21
N PRO I 50 5.05 13.23 58.17
CA PRO I 50 4.11 12.89 59.23
C PRO I 50 3.43 14.13 59.81
N LEU I 51 4.23 15.13 60.19
CA LEU I 51 3.67 16.36 60.75
C LEU I 51 2.68 16.94 59.76
N HIS I 52 3.05 16.94 58.48
CA HIS I 52 2.17 17.46 57.43
C HIS I 52 0.82 16.79 57.50
N LEU I 53 0.83 15.46 57.33
CA LEU I 53 -0.38 14.65 57.35
C LEU I 53 -1.20 14.87 58.62
N ALA I 54 -0.52 14.94 59.76
CA ALA I 54 -1.18 15.16 61.03
C ALA I 54 -1.76 16.55 61.04
N ALA I 55 -0.99 17.51 60.55
CA ALA I 55 -1.43 18.89 60.53
C ALA I 55 -2.65 19.01 59.66
N LYS I 56 -2.53 18.53 58.43
CA LYS I 56 -3.65 18.62 57.51
C LYS I 56 -4.91 17.92 57.95
N THR I 57 -4.82 16.68 58.41
CA THR I 57 -6.02 15.99 58.83
C THR I 57 -6.56 16.39 60.21
N GLY I 58 -5.74 17.06 61.02
CA GLY I 58 -6.18 17.51 62.32
C GLY I 58 -6.03 16.60 63.52
N HIS I 59 -4.88 15.95 63.64
CA HIS I 59 -4.64 15.08 64.79
C HIS I 59 -3.63 15.74 65.70
N LEU I 60 -4.11 16.77 66.40
CA LEU I 60 -3.31 17.53 67.33
C LEU I 60 -2.37 16.71 68.22
N GLU I 61 -2.89 15.65 68.84
CA GLU I 61 -2.08 14.80 69.70
C GLU I 61 -0.86 14.20 69.05
N ILE I 62 -0.96 13.89 67.77
CA ILE I 62 0.17 13.31 67.05
C ILE I 62 1.09 14.43 66.61
N VAL I 63 0.50 15.61 66.42
CA VAL I 63 1.25 16.79 66.00
C VAL I 63 2.16 17.18 67.14
N GLU I 64 1.70 16.97 68.39
CA GLU I 64 2.55 17.32 69.55
C GLU I 64 3.69 16.33 69.70
N VAL I 65 3.35 15.05 69.80
CA VAL I 65 4.38 14.03 69.97
C VAL I 65 5.35 14.09 68.81
N LEU I 66 4.86 14.47 67.64
CA LEU I 66 5.77 14.56 66.52
C LEU I 66 6.81 15.65 66.74
N LEU I 67 6.35 16.86 67.02
CA LEU I 67 7.22 18.01 67.25
C LEU I 67 8.28 17.72 68.30
N LYS I 68 7.91 16.85 69.22
CA LYS I 68 8.74 16.44 70.32
C LYS I 68 9.94 15.62 69.85
N TYR I 69 9.83 14.98 68.70
CA TYR I 69 10.95 14.19 68.19
C TYR I 69 11.72 14.93 67.10
N GLY I 70 12.00 16.20 67.36
CA GLY I 70 12.77 17.00 66.43
C GLY I 70 12.18 17.13 65.04
N ALA I 71 10.87 16.90 64.95
CA ALA I 71 10.18 17.01 63.67
C ALA I 71 10.31 18.44 63.14
N ASP I 72 10.72 18.57 61.89
CA ASP I 72 10.87 19.89 61.28
C ASP I 72 9.49 20.50 61.10
N VAL I 73 9.23 21.59 61.80
CA VAL I 73 7.95 22.28 61.73
C VAL I 73 7.81 23.18 60.53
N ASN I 74 8.92 23.44 59.85
CA ASN I 74 8.87 24.29 58.67
C ASN I 74 9.29 23.57 57.41
N ALA I 75 8.62 22.45 57.13
CA ALA I 75 8.88 21.62 55.96
C ALA I 75 7.81 21.91 54.90
N TRP I 76 8.10 21.55 53.66
CA TRP I 76 7.18 21.78 52.54
C TRP I 76 6.95 20.56 51.65
N ASP I 77 5.84 20.54 50.89
CA ASP I 77 5.62 19.43 49.96
C ASP I 77 5.97 19.79 48.55
N ASN I 78 5.59 18.88 47.66
CA ASN I 78 5.80 19.04 46.25
C ASN I 78 5.00 20.22 45.73
N TYR I 79 4.03 20.71 46.50
CA TYR I 79 3.25 21.86 46.08
C TYR I 79 3.86 23.08 46.75
N GLY I 80 4.74 22.82 47.72
CA GLY I 80 5.37 23.90 48.45
C GLY I 80 4.58 24.44 49.63
N ALA I 81 3.74 23.59 50.22
CA ALA I 81 2.95 23.98 51.37
C ALA I 81 3.67 23.59 52.65
N THR I 82 3.20 24.14 53.77
CA THR I 82 3.81 23.87 55.07
C THR I 82 2.75 23.34 56.02
N PRO I 83 3.17 22.57 57.03
CA PRO I 83 2.17 22.06 57.96
C PRO I 83 1.23 23.15 58.49
N LEU I 84 1.70 24.39 58.55
CA LEU I 84 0.85 25.49 59.02
C LEU I 84 -0.17 25.74 57.92
N HIS I 85 0.33 25.78 56.68
CA HIS I 85 -0.53 25.98 55.52
C HIS I 85 -1.73 25.06 55.61
N LEU I 86 -1.44 23.76 55.70
CA LEU I 86 -2.47 22.74 55.78
C LEU I 86 -3.32 22.85 57.03
N ALA I 87 -2.68 23.14 58.15
CA ALA I 87 -3.41 23.27 59.41
C ALA I 87 -4.42 24.40 59.32
N ALA I 88 -3.99 25.54 58.81
CA ALA I 88 -4.84 26.71 58.68
C ALA I 88 -5.89 26.48 57.61
N ASP I 89 -5.44 25.96 56.48
CA ASP I 89 -6.33 25.69 55.35
C ASP I 89 -7.52 24.81 55.75
N ASN I 90 -7.28 23.85 56.64
CA ASN I 90 -8.32 22.95 57.08
C ASN I 90 -8.96 23.30 58.42
N GLY I 91 -8.75 24.54 58.85
CA GLY I 91 -9.31 25.02 60.10
C GLY I 91 -9.10 24.24 61.39
N HIS I 92 -7.85 24.05 61.78
CA HIS I 92 -7.57 23.32 63.01
C HIS I 92 -6.81 24.26 63.92
N LEU I 93 -7.55 25.23 64.43
CA LEU I 93 -7.02 26.26 65.31
C LEU I 93 -5.94 25.75 66.27
N GLU I 94 -6.33 24.81 67.12
CA GLU I 94 -5.39 24.25 68.08
C GLU I 94 -3.99 23.99 67.53
N ILE I 95 -3.93 23.24 66.44
CA ILE I 95 -2.67 22.89 65.82
C ILE I 95 -2.01 24.12 65.21
N VAL I 96 -2.83 25.03 64.69
CA VAL I 96 -2.32 26.26 64.08
C VAL I 96 -1.52 27.02 65.12
N GLU I 97 -2.03 27.01 66.36
CA GLU I 97 -1.35 27.69 67.44
C GLU I 97 -0.12 26.88 67.81
N VAL I 98 -0.33 25.60 68.12
CA VAL I 98 0.78 24.73 68.49
C VAL I 98 1.92 24.87 67.49
N LEU I 99 1.61 24.75 66.21
CA LEU I 99 2.63 24.85 65.17
C LEU I 99 3.34 26.18 65.22
N LEU I 100 2.60 27.21 65.63
CA LEU I 100 3.16 28.56 65.70
C LEU I 100 4.11 28.75 66.86
N LYS I 101 3.73 28.25 68.03
CA LYS I 101 4.55 28.37 69.22
C LYS I 101 5.91 27.74 68.97
N HIS I 102 6.01 26.87 67.97
CA HIS I 102 7.26 26.21 67.64
C HIS I 102 8.05 26.90 66.54
N GLY I 103 7.62 28.10 66.17
CA GLY I 103 8.34 28.87 65.18
C GLY I 103 7.95 28.68 63.73
N ALA I 104 6.67 28.52 63.48
CA ALA I 104 6.19 28.34 62.13
C ALA I 104 6.27 29.65 61.36
N ASP I 105 6.79 29.58 60.13
CA ASP I 105 6.94 30.74 59.27
C ASP I 105 5.58 31.30 58.86
N VAL I 106 4.90 31.96 59.80
CA VAL I 106 3.59 32.55 59.55
C VAL I 106 3.47 33.21 58.17
N ASN I 107 4.60 33.66 57.62
CA ASN I 107 4.61 34.31 56.32
C ASN I 107 5.22 33.46 55.23
N ALA I 108 5.07 32.15 55.36
CA ALA I 108 5.61 31.23 54.36
C ALA I 108 4.71 31.23 53.11
N LYS I 109 5.34 31.03 51.95
CA LYS I 109 4.64 31.00 50.67
C LYS I 109 4.88 29.67 49.97
N ASP I 110 3.86 29.14 49.30
CA ASP I 110 4.03 27.88 48.58
C ASP I 110 4.55 28.18 47.18
N TYR I 111 4.90 27.14 46.44
CA TYR I 111 5.41 27.30 45.08
C TYR I 111 4.65 28.34 44.25
N GLU I 112 3.41 28.65 44.64
CA GLU I 112 2.62 29.62 43.89
C GLU I 112 2.25 30.86 44.69
N GLY I 113 2.97 31.09 45.80
CA GLY I 113 2.72 32.28 46.59
C GLY I 113 1.81 32.30 47.81
N PHE I 114 0.66 31.64 47.73
CA PHE I 114 -0.28 31.63 48.86
C PHE I 114 0.38 31.46 50.22
N THR I 115 -0.21 32.11 51.22
CA THR I 115 0.32 32.05 52.58
C THR I 115 -0.77 31.55 53.50
N PRO I 116 -0.40 31.08 54.70
CA PRO I 116 -1.38 30.58 55.67
C PRO I 116 -2.58 31.52 55.82
N LEU I 117 -2.32 32.82 55.80
CA LEU I 117 -3.39 33.80 55.94
C LEU I 117 -4.41 33.63 54.81
N HIS I 118 -3.91 33.53 53.58
CA HIS I 118 -4.79 33.36 52.44
C HIS I 118 -5.65 32.11 52.60
N LEU I 119 -4.98 30.96 52.69
CA LEU I 119 -5.67 29.68 52.85
C LEU I 119 -6.66 29.75 54.00
N ALA I 120 -6.29 30.46 55.06
CA ALA I 120 -7.16 30.61 56.22
C ALA I 120 -8.29 31.58 55.92
N ALA I 121 -8.03 32.49 54.99
CA ALA I 121 -9.01 33.50 54.60
C ALA I 121 -9.98 32.95 53.56
N TYR I 122 -9.44 32.37 52.50
CA TYR I 122 -10.23 31.78 51.42
C TYR I 122 -11.31 30.86 51.95
N ASP I 123 -11.11 30.34 53.15
CA ASP I 123 -12.09 29.44 53.74
C ASP I 123 -12.92 30.14 54.80
N GLY I 124 -12.54 31.37 55.12
CA GLY I 124 -13.27 32.15 56.10
C GLY I 124 -13.23 31.55 57.49
N HIS I 125 -12.02 31.31 57.97
CA HIS I 125 -11.83 30.73 59.29
C HIS I 125 -11.49 31.82 60.31
N LEU I 126 -12.52 32.29 60.99
CA LEU I 126 -12.41 33.32 62.01
C LEU I 126 -11.11 33.30 62.79
N GLU I 127 -11.21 32.78 63.99
CA GLU I 127 -10.12 32.65 64.94
C GLU I 127 -8.78 32.24 64.33
N ILE I 128 -8.81 31.48 63.24
CA ILE I 128 -7.57 31.03 62.60
C ILE I 128 -6.83 32.23 62.00
N VAL I 129 -7.60 33.22 61.55
CA VAL I 129 -7.00 34.41 60.96
C VAL I 129 -6.48 35.28 62.10
N GLU I 130 -7.30 35.41 63.14
CA GLU I 130 -6.93 36.21 64.31
C GLU I 130 -5.59 35.76 64.88
N VAL I 131 -5.39 34.45 64.98
CA VAL I 131 -4.15 33.91 65.51
C VAL I 131 -2.97 34.04 64.54
N LEU I 132 -3.23 34.00 63.24
CA LEU I 132 -2.15 34.11 62.27
C LEU I 132 -1.55 35.51 62.28
N LEU I 133 -2.40 36.51 62.46
CA LEU I 133 -1.99 37.93 62.52
C LEU I 133 -1.02 38.08 63.68
N LYS I 134 -1.52 37.71 64.86
CA LYS I 134 -0.80 37.76 66.11
C LYS I 134 0.69 37.49 66.00
N TYR I 135 1.07 36.62 65.07
CA TYR I 135 2.45 36.26 64.87
C TYR I 135 3.11 36.95 63.70
N GLY I 136 2.66 38.16 63.41
CA GLY I 136 3.24 38.91 62.31
C GLY I 136 2.78 38.42 60.95
N ALA I 137 1.48 38.42 60.73
CA ALA I 137 0.91 37.97 59.47
C ALA I 137 0.87 39.14 58.49
N ASP I 138 1.66 39.02 57.43
CA ASP I 138 1.73 40.07 56.42
C ASP I 138 0.36 40.22 55.74
N VAL I 139 -0.52 40.98 56.39
CA VAL I 139 -1.85 41.21 55.86
C VAL I 139 -1.78 41.91 54.51
N ASN I 140 -0.56 42.20 54.07
CA ASN I 140 -0.34 42.86 52.79
C ASN I 140 0.45 41.94 51.86
N ALA I 141 0.01 40.70 51.77
CA ALA I 141 0.66 39.72 50.90
C ALA I 141 -0.24 39.50 49.69
N GLN I 142 0.37 39.33 48.53
CA GLN I 142 -0.38 39.13 47.29
C GLN I 142 -0.13 37.75 46.70
N ASP I 143 -1.19 36.95 46.63
CA ASP I 143 -1.07 35.63 46.04
C ASP I 143 -1.03 35.81 44.54
N LYS I 144 -1.12 34.71 43.82
CA LYS I 144 -1.10 34.68 42.37
C LYS I 144 -2.16 35.58 41.73
N PHE I 145 -3.31 35.65 42.39
CA PHE I 145 -4.44 36.44 41.89
C PHE I 145 -4.35 37.93 42.15
N GLY I 146 -3.31 38.35 42.86
CA GLY I 146 -3.13 39.76 43.15
C GLY I 146 -4.07 40.33 44.20
N LYS I 147 -4.72 39.44 44.94
CA LYS I 147 -5.64 39.88 46.01
C LYS I 147 -4.99 39.70 47.36
N THR I 148 -5.66 40.19 48.41
CA THR I 148 -5.12 40.06 49.75
C THR I 148 -6.16 39.52 50.72
N ALA I 149 -5.72 39.14 51.91
CA ALA I 149 -6.63 38.61 52.93
C ALA I 149 -7.86 39.49 53.07
N PHE I 150 -7.74 40.71 52.55
CA PHE I 150 -8.82 41.68 52.63
C PHE I 150 -9.84 41.39 51.52
N ASP I 151 -9.41 41.56 50.27
CA ASP I 151 -10.25 41.31 49.12
C ASP I 151 -11.02 40.01 49.23
N ILE I 152 -10.50 39.09 50.04
CA ILE I 152 -11.12 37.79 50.19
C ILE I 152 -12.27 37.77 51.21
N SER I 153 -12.41 38.85 51.98
CA SER I 153 -13.48 38.95 52.97
C SER I 153 -14.77 39.39 52.30
N ILE I 154 -14.63 40.32 51.37
CA ILE I 154 -15.76 40.86 50.63
C ILE I 154 -16.28 39.88 49.59
N ASP I 155 -15.44 39.55 48.60
CA ASP I 155 -15.84 38.63 47.54
C ASP I 155 -16.60 37.42 48.08
N ASN I 156 -16.03 36.74 49.07
CA ASN I 156 -16.66 35.57 49.66
C ASN I 156 -17.90 35.86 50.51
N GLY I 157 -18.38 37.10 50.45
CA GLY I 157 -19.56 37.48 51.19
C GLY I 157 -19.45 37.23 52.68
N ASN I 158 -18.25 37.37 53.24
CA ASN I 158 -18.05 37.16 54.68
C ASN I 158 -17.61 38.48 55.28
N GLU I 159 -18.51 39.16 55.99
CA GLU I 159 -18.11 40.45 56.55
C GLU I 159 -17.58 40.42 57.98
N ASP I 160 -17.90 39.39 58.76
CA ASP I 160 -17.36 39.32 60.13
C ASP I 160 -15.83 39.24 60.02
N LEU I 161 -15.37 38.99 58.80
CA LEU I 161 -13.96 38.89 58.47
C LEU I 161 -13.41 40.27 58.12
N ALA I 162 -14.20 41.30 58.39
CA ALA I 162 -13.81 42.67 58.11
C ALA I 162 -13.46 43.41 59.38
N GLU I 163 -14.35 43.32 60.38
CA GLU I 163 -14.16 44.01 61.66
C GLU I 163 -12.72 43.89 62.13
N ILE I 164 -12.21 42.67 62.15
CA ILE I 164 -10.84 42.47 62.67
C ILE I 164 -9.78 42.52 61.62
N LEU I 165 -10.22 42.46 60.37
CA LEU I 165 -9.25 42.45 59.23
C LEU I 165 -8.57 43.81 59.10
N CYS J 9 -23.96 -30.13 45.35
CA CYS J 9 -22.82 -30.71 46.12
C CYS J 9 -21.73 -29.65 46.35
N LEU J 10 -22.01 -28.43 45.88
CA LEU J 10 -21.13 -27.28 45.99
C LEU J 10 -20.61 -27.10 47.42
N GLN J 11 -19.30 -26.90 47.56
CA GLN J 11 -18.66 -26.75 48.87
C GLN J 11 -17.49 -25.78 48.82
N VAL J 12 -17.50 -24.77 49.70
CA VAL J 12 -16.43 -23.76 49.74
C VAL J 12 -15.36 -24.11 50.77
N LYS J 13 -14.12 -24.23 50.31
CA LYS J 13 -13.01 -24.58 51.20
C LYS J 13 -12.56 -23.35 51.96
N PRO J 14 -12.51 -23.43 53.30
CA PRO J 14 -12.10 -22.36 54.22
C PRO J 14 -10.66 -21.97 54.02
N CYS J 15 -10.17 -21.02 54.79
CA CYS J 15 -8.80 -20.59 54.62
C CYS J 15 -7.92 -20.78 55.85
N THR J 16 -6.69 -21.22 55.61
CA THR J 16 -5.71 -21.44 56.67
C THR J 16 -5.70 -20.30 57.65
N PRO J 17 -5.92 -20.60 58.94
CA PRO J 17 -5.91 -19.52 59.95
C PRO J 17 -4.66 -18.66 59.77
N GLU J 18 -3.55 -19.32 59.51
CA GLU J 18 -2.27 -18.64 59.30
C GLU J 18 -2.23 -17.94 57.94
N PHE J 19 -3.22 -18.21 57.08
CA PHE J 19 -3.28 -17.55 55.78
C PHE J 19 -3.81 -16.15 56.03
N TYR J 20 -4.56 -16.03 57.13
CA TYR J 20 -5.14 -14.75 57.50
C TYR J 20 -4.11 -13.86 58.15
N GLN J 21 -3.50 -14.34 59.22
CA GLN J 21 -2.50 -13.56 59.92
C GLN J 21 -1.37 -13.08 59.02
N THR J 22 -1.46 -13.34 57.72
CA THR J 22 -0.41 -12.92 56.82
C THR J 22 -0.89 -12.00 55.68
N HIS J 23 -2.16 -12.07 55.35
CA HIS J 23 -2.68 -11.23 54.27
C HIS J 23 -3.67 -10.12 54.65
N PHE J 24 -4.32 -10.25 55.80
CA PHE J 24 -5.28 -9.26 56.26
C PHE J 24 -4.66 -7.87 56.41
N GLN J 25 -3.50 -7.83 57.03
CA GLN J 25 -2.80 -6.56 57.29
C GLN J 25 -2.79 -5.61 56.08
N LEU J 26 -2.91 -6.16 54.88
CA LEU J 26 -2.84 -5.36 53.66
C LEU J 26 -4.01 -5.58 52.70
N ALA J 27 -5.17 -5.94 53.25
CA ALA J 27 -6.39 -6.16 52.46
C ALA J 27 -7.56 -5.33 52.97
N TYR J 28 -8.77 -5.80 52.68
CA TYR J 28 -10.00 -5.12 53.11
C TYR J 28 -10.47 -5.79 54.39
N ARG J 29 -10.80 -5.00 55.39
CA ARG J 29 -11.28 -5.55 56.63
C ARG J 29 -12.53 -6.29 56.18
N LEU J 30 -12.49 -7.61 56.19
CA LEU J 30 -13.65 -8.36 55.75
C LEU J 30 -13.86 -9.67 56.53
N GLN J 31 -13.92 -9.57 57.85
CA GLN J 31 -14.13 -10.72 58.69
C GLN J 31 -15.36 -10.56 59.58
N SER J 32 -16.30 -9.75 59.12
CA SER J 32 -17.53 -9.50 59.88
C SER J 32 -18.51 -10.63 59.65
N ARG J 33 -19.47 -10.77 60.56
CA ARG J 33 -20.50 -11.81 60.44
C ARG J 33 -21.87 -11.19 60.62
N PRO J 34 -22.69 -11.18 59.54
CA PRO J 34 -22.37 -11.71 58.21
C PRO J 34 -21.20 -10.98 57.58
N ARG J 35 -20.72 -11.48 56.45
CA ARG J 35 -19.60 -10.84 55.76
C ARG J 35 -20.12 -9.70 54.90
N GLY J 36 -21.43 -9.48 54.98
CA GLY J 36 -22.06 -8.43 54.22
C GLY J 36 -23.36 -8.92 53.63
N LEU J 37 -24.13 -8.03 53.05
CA LEU J 37 -25.39 -8.44 52.44
C LEU J 37 -25.23 -8.71 50.95
N ALA J 38 -25.92 -9.71 50.45
CA ALA J 38 -25.86 -10.07 49.04
C ALA J 38 -27.27 -10.05 48.47
N LEU J 39 -27.42 -9.48 47.28
CA LEU J 39 -28.73 -9.41 46.62
C LEU J 39 -28.64 -10.12 45.29
N VAL J 40 -29.55 -11.04 45.02
CA VAL J 40 -29.50 -11.78 43.77
C VAL J 40 -30.73 -11.59 42.90
N LEU J 41 -30.96 -10.34 42.47
CA LEU J 41 -32.08 -10.02 41.62
C LEU J 41 -31.93 -10.69 40.24
N SER J 42 -32.89 -11.52 39.86
CA SER J 42 -32.82 -12.18 38.56
C SER J 42 -34.18 -12.28 37.85
N ASN J 43 -34.29 -11.55 36.74
CA ASN J 43 -35.50 -11.53 35.91
C ASN J 43 -35.47 -12.70 34.97
N VAL J 44 -36.57 -13.44 34.90
CA VAL J 44 -36.59 -14.63 34.04
C VAL J 44 -37.84 -14.84 33.19
N HIS J 45 -38.94 -14.22 33.58
CA HIS J 45 -40.21 -14.33 32.85
C HIS J 45 -40.53 -12.94 32.32
N PHE J 46 -40.19 -12.68 31.06
CA PHE J 46 -40.44 -11.36 30.49
C PHE J 46 -41.79 -11.18 29.81
N THR J 47 -42.63 -10.41 30.48
CA THR J 47 -43.96 -10.09 29.98
C THR J 47 -43.78 -8.79 29.20
N GLY J 48 -44.62 -7.80 29.48
CA GLY J 48 -44.52 -6.53 28.79
C GLY J 48 -44.31 -6.72 27.29
N GLU J 49 -44.06 -5.63 26.58
CA GLU J 49 -43.85 -5.69 25.13
C GLU J 49 -43.07 -6.96 24.77
N LYS J 50 -43.83 -7.99 24.41
CA LYS J 50 -43.28 -9.29 24.03
C LYS J 50 -42.23 -9.13 22.93
N GLU J 51 -40.97 -9.14 23.36
CA GLU J 51 -39.85 -8.99 22.43
C GLU J 51 -38.72 -9.91 22.87
N LEU J 52 -38.60 -10.08 24.19
CA LEU J 52 -37.54 -10.92 24.77
C LEU J 52 -38.05 -12.31 25.14
N GLU J 53 -37.30 -13.34 24.76
CA GLU J 53 -37.72 -14.70 25.07
C GLU J 53 -37.70 -14.95 26.57
N PHE J 54 -37.91 -16.21 26.95
CA PHE J 54 -37.90 -16.59 28.35
C PHE J 54 -36.51 -17.12 28.66
N ARG J 55 -35.75 -16.36 29.46
CA ARG J 55 -34.39 -16.76 29.82
C ARG J 55 -34.42 -18.07 30.59
N SER J 56 -34.22 -19.17 29.87
CA SER J 56 -34.22 -20.49 30.48
C SER J 56 -32.92 -20.70 31.24
N GLY J 57 -32.93 -21.65 32.17
CA GLY J 57 -31.74 -21.93 32.94
C GLY J 57 -31.43 -20.77 33.85
N GLY J 58 -32.22 -19.71 33.74
CA GLY J 58 -31.99 -18.55 34.58
C GLY J 58 -32.26 -18.91 36.02
N ASP J 59 -32.92 -20.04 36.23
CA ASP J 59 -33.24 -20.51 37.57
C ASP J 59 -32.04 -21.21 38.20
N VAL J 60 -31.23 -21.86 37.37
CA VAL J 60 -30.05 -22.55 37.86
C VAL J 60 -29.03 -21.49 38.28
N ASP J 61 -28.83 -20.49 37.42
CA ASP J 61 -27.91 -19.42 37.71
C ASP J 61 -28.29 -18.81 39.03
N HIS J 62 -29.56 -18.46 39.16
CA HIS J 62 -30.08 -17.86 40.38
C HIS J 62 -29.74 -18.70 41.60
N SER J 63 -30.00 -20.00 41.51
CA SER J 63 -29.71 -20.89 42.62
C SER J 63 -28.21 -21.00 42.86
N THR J 64 -27.45 -21.29 41.82
CA THR J 64 -26.01 -21.44 41.93
C THR J 64 -25.40 -20.27 42.68
N LEU J 65 -25.87 -19.05 42.37
CA LEU J 65 -25.36 -17.85 43.03
C LEU J 65 -25.85 -17.70 44.47
N VAL J 66 -27.14 -17.90 44.70
CA VAL J 66 -27.71 -17.78 46.03
C VAL J 66 -26.93 -18.68 46.99
N THR J 67 -26.74 -19.93 46.60
CA THR J 67 -26.02 -20.87 47.43
C THR J 67 -24.60 -20.36 47.66
N LEU J 68 -23.88 -20.14 46.56
CA LEU J 68 -22.50 -19.66 46.62
C LEU J 68 -22.30 -18.47 47.55
N PHE J 69 -23.12 -17.44 47.41
CA PHE J 69 -22.99 -16.26 48.25
C PHE J 69 -23.34 -16.58 49.69
N LYS J 70 -24.11 -17.65 49.87
CA LYS J 70 -24.53 -18.10 51.19
C LYS J 70 -23.42 -18.85 51.93
N LEU J 71 -22.65 -19.66 51.21
CA LEU J 71 -21.54 -20.42 51.80
C LEU J 71 -20.30 -19.52 51.99
N LEU J 72 -20.33 -18.35 51.36
CA LEU J 72 -19.24 -17.42 51.47
C LEU J 72 -19.47 -16.56 52.70
N GLY J 73 -20.62 -16.78 53.33
CA GLY J 73 -20.98 -16.06 54.55
C GLY J 73 -21.71 -14.75 54.37
N TYR J 74 -22.69 -14.74 53.47
CA TYR J 74 -23.45 -13.53 53.19
C TYR J 74 -24.94 -13.64 53.46
N ASP J 75 -25.46 -12.71 54.25
CA ASP J 75 -26.88 -12.66 54.57
C ASP J 75 -27.47 -12.28 53.22
N VAL J 76 -27.83 -13.27 52.42
CA VAL J 76 -28.35 -13.00 51.09
C VAL J 76 -29.87 -12.83 50.94
N HIS J 77 -30.26 -11.84 50.16
CA HIS J 77 -31.64 -11.55 49.88
C HIS J 77 -31.90 -12.04 48.46
N VAL J 78 -33.09 -11.78 47.92
CA VAL J 78 -33.44 -12.21 46.58
C VAL J 78 -34.65 -11.47 46.04
N LEU J 79 -34.73 -11.36 44.73
CA LEU J 79 -35.84 -10.71 44.05
C LEU J 79 -35.95 -11.41 42.72
N CYS J 80 -37.17 -11.63 42.25
CA CYS J 80 -37.35 -12.31 40.96
C CYS J 80 -38.35 -11.60 40.08
N ASP J 81 -38.19 -11.77 38.78
CA ASP J 81 -39.08 -11.17 37.80
C ASP J 81 -39.56 -9.81 38.25
N GLN J 82 -38.67 -8.83 38.17
CA GLN J 82 -39.00 -7.47 38.55
C GLN J 82 -39.00 -6.56 37.35
N THR J 83 -39.62 -5.39 37.52
CA THR J 83 -39.70 -4.41 36.45
C THR J 83 -38.59 -3.40 36.65
N ALA J 84 -38.18 -2.76 35.55
CA ALA J 84 -37.12 -1.78 35.60
C ALA J 84 -37.31 -0.86 36.81
N GLN J 85 -38.47 -0.23 36.90
CA GLN J 85 -38.75 0.68 38.01
C GLN J 85 -38.64 -0.01 39.37
N GLU J 86 -39.18 -1.23 39.47
CA GLU J 86 -39.13 -1.96 40.73
C GLU J 86 -37.70 -2.20 41.18
N MET J 87 -36.81 -2.44 40.23
CA MET J 87 -35.40 -2.69 40.53
C MET J 87 -34.71 -1.48 41.14
N GLN J 88 -34.75 -0.34 40.46
CA GLN J 88 -34.13 0.87 40.99
C GLN J 88 -34.71 1.19 42.36
N GLU J 89 -35.99 0.88 42.51
CA GLU J 89 -36.72 1.13 43.75
C GLU J 89 -36.28 0.19 44.87
N LYS J 90 -36.28 -1.11 44.60
CA LYS J 90 -35.88 -2.08 45.61
C LYS J 90 -34.36 -2.16 45.78
N LEU J 91 -33.61 -1.75 44.77
CA LEU J 91 -32.15 -1.76 44.86
C LEU J 91 -31.73 -0.65 45.79
N GLN J 92 -32.34 0.51 45.66
CA GLN J 92 -32.02 1.63 46.52
C GLN J 92 -32.32 1.27 47.97
N ASN J 93 -33.38 0.49 48.19
CA ASN J 93 -33.73 0.07 49.54
C ASN J 93 -32.64 -0.85 50.06
N PHE J 94 -32.26 -1.84 49.26
CA PHE J 94 -31.22 -2.77 49.67
C PHE J 94 -29.97 -1.97 50.03
N ALA J 95 -29.71 -0.93 49.27
CA ALA J 95 -28.54 -0.09 49.48
C ALA J 95 -28.60 0.66 50.80
N GLN J 96 -29.80 1.06 51.20
CA GLN J 96 -29.97 1.81 52.44
C GLN J 96 -30.00 0.95 53.69
N LEU J 97 -30.60 -0.24 53.60
CA LEU J 97 -30.71 -1.13 54.75
C LEU J 97 -29.62 -0.87 55.78
N PRO J 98 -30.02 -0.46 56.99
CA PRO J 98 -29.14 -0.14 58.12
C PRO J 98 -28.10 -1.20 58.50
N ALA J 99 -28.31 -2.43 58.04
CA ALA J 99 -27.38 -3.50 58.36
C ALA J 99 -25.96 -3.21 57.86
N HIS J 100 -25.86 -2.68 56.65
CA HIS J 100 -24.55 -2.39 56.07
C HIS J 100 -23.55 -1.70 57.01
N ARG J 101 -24.06 -0.99 58.02
CA ARG J 101 -23.20 -0.29 58.96
C ARG J 101 -22.27 -1.23 59.71
N VAL J 102 -22.76 -2.42 60.02
CA VAL J 102 -21.96 -3.40 60.75
C VAL J 102 -21.17 -4.40 59.88
N THR J 103 -21.59 -4.61 58.64
CA THR J 103 -20.92 -5.53 57.73
C THR J 103 -19.69 -4.90 57.11
N ASP J 104 -18.82 -5.71 56.51
CA ASP J 104 -17.59 -5.19 55.92
C ASP J 104 -17.55 -5.13 54.40
N SER J 105 -18.60 -5.64 53.75
CA SER J 105 -18.65 -5.64 52.29
C SER J 105 -20.07 -5.83 51.80
N CYS J 106 -20.26 -5.76 50.49
CA CYS J 106 -21.57 -5.92 49.90
C CYS J 106 -21.48 -6.60 48.53
N ILE J 107 -22.43 -7.46 48.25
CA ILE J 107 -22.49 -8.16 46.97
C ILE J 107 -23.87 -7.96 46.34
N VAL J 108 -23.91 -7.84 45.02
CA VAL J 108 -25.16 -7.66 44.31
C VAL J 108 -25.04 -8.30 42.94
N ALA J 109 -25.90 -9.26 42.64
CA ALA J 109 -25.85 -9.92 41.36
C ALA J 109 -27.11 -9.60 40.61
N LEU J 110 -26.97 -9.06 39.40
CA LEU J 110 -28.13 -8.73 38.57
C LEU J 110 -28.07 -9.63 37.36
N LEU J 111 -29.05 -10.51 37.24
CA LEU J 111 -29.10 -11.43 36.13
C LEU J 111 -30.42 -11.24 35.40
N SER J 112 -30.34 -10.97 34.10
CA SER J 112 -31.53 -10.73 33.30
C SER J 112 -31.08 -10.50 31.85
N HIS J 113 -31.99 -10.02 31.01
CA HIS J 113 -31.64 -9.74 29.64
C HIS J 113 -31.12 -8.32 29.70
N GLY J 114 -30.43 -7.87 28.65
CA GLY J 114 -29.93 -6.52 28.69
C GLY J 114 -29.30 -6.04 27.41
N VAL J 115 -28.67 -4.87 27.49
CA VAL J 115 -27.97 -4.26 26.38
C VAL J 115 -26.82 -3.49 26.98
N GLU J 116 -25.97 -2.93 26.13
CA GLU J 116 -24.82 -2.18 26.63
C GLU J 116 -25.22 -1.14 27.67
N GLY J 117 -24.66 -1.24 28.87
CA GLY J 117 -24.94 -0.27 29.89
C GLY J 117 -26.18 -0.45 30.73
N ALA J 118 -27.10 -1.30 30.30
CA ALA J 118 -28.30 -1.48 31.11
C ALA J 118 -28.90 -2.87 31.01
N ILE J 119 -29.80 -3.17 31.94
CA ILE J 119 -30.48 -4.45 31.97
C ILE J 119 -31.99 -4.29 31.85
N TYR J 120 -32.62 -5.25 31.20
CA TYR J 120 -34.07 -5.23 31.02
C TYR J 120 -34.77 -5.80 32.25
N GLY J 121 -35.94 -5.26 32.54
CA GLY J 121 -36.72 -5.75 33.65
C GLY J 121 -37.81 -6.59 33.00
N VAL J 122 -38.50 -7.42 33.76
CA VAL J 122 -39.58 -8.22 33.16
C VAL J 122 -40.55 -7.25 32.51
N ASP J 123 -40.46 -6.00 32.94
CA ASP J 123 -41.28 -4.91 32.48
C ASP J 123 -41.05 -4.58 31.02
N GLY J 124 -39.87 -4.94 30.50
CA GLY J 124 -39.55 -4.63 29.12
C GLY J 124 -38.77 -3.33 29.05
N LYS J 125 -38.79 -2.58 30.14
CA LYS J 125 -38.09 -1.31 30.24
C LYS J 125 -36.68 -1.52 30.78
N LEU J 126 -35.81 -0.54 30.55
CA LEU J 126 -34.41 -0.61 30.98
C LEU J 126 -34.06 0.12 32.26
N LEU J 127 -32.93 -0.28 32.84
CA LEU J 127 -32.39 0.31 34.06
C LEU J 127 -30.89 0.44 33.84
N GLN J 128 -30.42 1.67 33.65
CA GLN J 128 -29.02 1.93 33.39
C GLN J 128 -28.15 1.41 34.54
N LEU J 129 -27.16 0.60 34.19
CA LEU J 129 -26.27 0.03 35.19
C LEU J 129 -25.54 1.14 35.91
N GLN J 130 -25.33 2.25 35.23
CA GLN J 130 -24.63 3.37 35.87
C GLN J 130 -25.49 3.89 37.01
N GLU J 131 -26.80 3.82 36.84
CA GLU J 131 -27.73 4.28 37.86
C GLU J 131 -27.63 3.32 39.05
N VAL J 132 -27.46 2.03 38.76
CA VAL J 132 -27.35 0.99 39.79
C VAL J 132 -26.18 1.27 40.72
N PHE J 133 -24.98 1.43 40.13
CA PHE J 133 -23.78 1.68 40.91
C PHE J 133 -23.90 2.94 41.76
N GLN J 134 -24.41 4.01 41.16
CA GLN J 134 -24.58 5.27 41.87
C GLN J 134 -25.21 5.04 43.24
N LEU J 135 -26.25 4.21 43.29
CA LEU J 135 -26.94 3.93 44.54
C LEU J 135 -26.03 3.46 45.67
N PHE J 136 -24.87 2.88 45.32
CA PHE J 136 -23.95 2.37 46.34
C PHE J 136 -22.65 3.17 46.45
N ASP J 137 -22.58 4.35 45.85
CA ASP J 137 -21.34 5.10 45.93
C ASP J 137 -21.08 5.68 47.31
N ASN J 138 -20.13 6.61 47.41
CA ASN J 138 -19.78 7.20 48.69
C ASN J 138 -20.73 8.29 49.14
N ALA J 139 -21.62 8.71 48.24
CA ALA J 139 -22.58 9.75 48.58
C ALA J 139 -23.89 9.12 49.01
N ASN J 140 -24.59 8.55 48.05
CA ASN J 140 -25.88 7.92 48.29
C ASN J 140 -25.90 6.74 49.27
N CYS J 141 -24.75 6.19 49.61
CA CYS J 141 -24.70 5.07 50.53
C CYS J 141 -23.52 5.17 51.50
N PRO J 142 -23.52 6.19 52.35
CA PRO J 142 -22.44 6.41 53.32
C PRO J 142 -22.21 5.25 54.26
N SER J 143 -23.23 4.42 54.46
CA SER J 143 -23.09 3.27 55.35
C SER J 143 -22.18 2.18 54.79
N LEU J 144 -21.65 2.41 53.59
CA LEU J 144 -20.76 1.43 52.95
C LEU J 144 -19.43 1.99 52.45
N GLN J 145 -19.08 3.21 52.86
CA GLN J 145 -17.83 3.83 52.43
C GLN J 145 -16.64 2.99 52.83
N ASN J 146 -15.62 3.00 51.97
CA ASN J 146 -14.38 2.27 52.19
C ASN J 146 -14.55 0.78 52.34
N LYS J 147 -15.75 0.28 52.05
CA LYS J 147 -16.02 -1.15 52.13
C LYS J 147 -16.16 -1.68 50.72
N PRO J 148 -15.43 -2.75 50.37
CA PRO J 148 -15.51 -3.32 49.02
C PRO J 148 -16.93 -3.70 48.67
N LYS J 149 -17.35 -3.40 47.45
CA LYS J 149 -18.69 -3.71 46.99
C LYS J 149 -18.60 -4.40 45.64
N MET J 150 -18.82 -5.71 45.62
CA MET J 150 -18.77 -6.46 44.39
C MET J 150 -20.10 -6.46 43.66
N PHE J 151 -20.03 -6.53 42.34
CA PHE J 151 -21.21 -6.56 41.50
C PHE J 151 -21.01 -7.69 40.48
N PHE J 152 -22.04 -8.43 40.17
CA PHE J 152 -21.96 -9.50 39.17
C PHE J 152 -23.10 -9.29 38.16
N ILE J 153 -22.76 -8.91 36.95
CA ILE J 153 -23.78 -8.62 35.93
C ILE J 153 -23.97 -9.71 34.89
N GLN J 154 -24.98 -10.55 35.06
CA GLN J 154 -25.22 -11.62 34.11
C GLN J 154 -26.22 -11.18 33.04
N ALA J 155 -25.96 -10.02 32.45
CA ALA J 155 -26.81 -9.48 31.41
C ALA J 155 -26.12 -9.65 30.06
N CYS J 156 -26.88 -9.54 28.99
CA CYS J 156 -26.29 -9.63 27.67
C CYS J 156 -25.87 -8.20 27.35
N ARG J 157 -24.74 -8.05 26.67
CA ARG J 157 -24.30 -6.71 26.33
C ARG J 157 -24.47 -6.48 24.84
N GLY J 158 -25.53 -7.04 24.29
CA GLY J 158 -25.81 -6.87 22.89
C GLY J 158 -26.34 -8.16 22.30
N ASP J 159 -25.77 -8.54 21.16
CA ASP J 159 -26.15 -9.77 20.48
C ASP J 159 -25.39 -9.83 19.17
N GLU J 160 -24.16 -10.33 19.23
CA GLU J 160 -23.35 -10.48 18.04
C GLU J 160 -22.60 -11.80 18.17
N THR J 161 -23.28 -12.77 18.77
CA THR J 161 -22.74 -14.10 18.99
C THR J 161 -21.38 -14.27 18.34
N ASP J 162 -20.37 -14.48 19.18
CA ASP J 162 -18.99 -14.62 18.72
C ASP J 162 -18.72 -16.00 18.18
N ARG J 163 -17.97 -16.08 17.09
CA ARG J 163 -17.64 -17.36 16.49
C ARG J 163 -16.16 -17.67 16.73
N GLY J 164 -15.44 -16.65 17.19
CA GLY J 164 -14.01 -16.81 17.45
C GLY J 164 -13.13 -16.57 16.25
N VAL J 165 -11.88 -16.98 16.38
CA VAL J 165 -10.90 -16.86 15.30
C VAL J 165 -9.83 -17.93 15.56
N ASP J 166 -8.77 -17.97 14.75
CA ASP J 166 -7.73 -18.97 14.92
C ASP J 166 -6.36 -18.38 15.30
N GLN J 167 -5.47 -19.22 15.79
CA GLN J 167 -4.17 -18.74 16.23
C GLN J 167 -3.02 -18.49 15.24
N GLN J 168 -2.07 -17.68 15.73
CA GLN J 168 -0.87 -17.30 14.97
C GLN J 168 -0.31 -18.36 13.98
N PRO K 8 -16.41 15.93 59.06
CA PRO K 8 -15.35 15.71 58.05
C PRO K 8 -13.97 15.59 58.68
N LYS K 9 -13.42 14.37 58.65
CA LYS K 9 -12.08 14.12 59.19
C LYS K 9 -11.12 13.88 58.00
N MET K 10 -11.58 13.09 57.03
CA MET K 10 -10.81 12.81 55.83
C MET K 10 -11.68 13.25 54.65
N ARG K 11 -11.53 12.61 53.50
CA ARG K 11 -12.36 12.94 52.35
C ARG K 11 -12.27 11.86 51.26
N LEU K 12 -13.41 11.50 50.70
CA LEU K 12 -13.48 10.44 49.69
C LEU K 12 -14.13 10.83 48.37
N PRO K 13 -13.62 10.30 47.26
CA PRO K 13 -14.17 10.58 45.93
C PRO K 13 -15.62 10.14 45.98
N THR K 14 -16.45 10.64 45.08
CA THR K 14 -17.86 10.27 45.07
C THR K 14 -18.07 8.76 44.94
N ARG K 15 -17.24 8.12 44.13
CA ARG K 15 -17.34 6.67 43.96
C ARG K 15 -15.98 5.99 44.03
N SER K 16 -15.95 4.81 44.65
CA SER K 16 -14.72 4.05 44.77
C SER K 16 -14.92 2.76 45.54
N ASP K 17 -13.90 1.91 45.53
CA ASP K 17 -13.90 0.65 46.23
C ASP K 17 -14.94 -0.31 45.71
N MET K 18 -15.16 -0.26 44.41
CA MET K 18 -16.11 -1.16 43.79
C MET K 18 -15.39 -2.14 42.88
N ILE K 19 -16.13 -3.13 42.40
CA ILE K 19 -15.57 -4.12 41.48
C ILE K 19 -16.73 -4.85 40.83
N CYS K 20 -16.86 -4.69 39.53
CA CYS K 20 -17.94 -5.32 38.80
C CYS K 20 -17.46 -6.33 37.78
N GLY K 21 -18.09 -7.49 37.80
CA GLY K 21 -17.74 -8.53 36.86
C GLY K 21 -18.85 -8.67 35.83
N TYR K 22 -18.47 -8.77 34.56
CA TYR K 22 -19.44 -8.90 33.48
C TYR K 22 -19.28 -10.26 32.81
N ALA K 23 -20.39 -10.91 32.52
CA ALA K 23 -20.38 -12.21 31.89
C ALA K 23 -19.91 -12.18 30.44
N CYS K 24 -20.13 -11.05 29.78
CA CYS K 24 -19.74 -10.91 28.38
C CYS K 24 -19.21 -9.52 28.08
N LEU K 25 -18.52 -9.39 26.95
CA LEU K 25 -17.97 -8.11 26.54
C LEU K 25 -19.04 -7.23 25.92
N LYS K 26 -18.63 -6.03 25.52
CA LYS K 26 -19.54 -5.07 24.89
C LYS K 26 -19.98 -5.59 23.53
N GLY K 27 -21.28 -5.56 23.28
CA GLY K 27 -21.80 -6.02 22.00
C GLY K 27 -22.12 -7.50 21.90
N THR K 28 -21.33 -8.34 22.55
CA THR K 28 -21.53 -9.79 22.50
C THR K 28 -22.59 -10.27 23.49
N ALA K 29 -22.98 -11.54 23.37
CA ALA K 29 -23.99 -12.14 24.24
C ALA K 29 -23.39 -13.19 25.18
N ALA K 30 -24.21 -13.72 26.09
CA ALA K 30 -23.76 -14.70 27.09
C ALA K 30 -24.00 -16.19 26.88
N MET K 31 -24.97 -16.55 26.04
CA MET K 31 -25.26 -17.98 25.80
C MET K 31 -25.62 -18.69 27.10
N ARG K 32 -26.88 -19.12 27.23
CA ARG K 32 -27.31 -19.83 28.43
C ARG K 32 -27.74 -21.26 28.11
N ASN K 33 -27.55 -22.17 29.07
CA ASN K 33 -27.89 -23.58 28.89
C ASN K 33 -28.95 -24.04 29.88
N THR K 34 -30.04 -24.58 29.34
CA THR K 34 -31.17 -25.05 30.14
C THR K 34 -30.85 -25.99 31.31
N LYS K 35 -29.70 -26.64 31.26
CA LYS K 35 -29.35 -27.58 32.33
C LYS K 35 -28.15 -27.16 33.20
N ARG K 36 -27.21 -26.43 32.62
CA ARG K 36 -26.03 -25.98 33.37
C ARG K 36 -26.06 -24.50 33.73
N GLY K 37 -26.85 -23.72 32.99
CA GLY K 37 -26.93 -22.30 33.25
C GLY K 37 -25.99 -21.51 32.35
N SER K 38 -25.59 -20.33 32.81
CA SER K 38 -24.69 -19.48 32.04
C SER K 38 -23.25 -19.81 32.42
N TRP K 39 -22.34 -19.76 31.45
CA TRP K 39 -20.93 -20.06 31.68
C TRP K 39 -20.33 -19.19 32.76
N TYR K 40 -20.62 -17.89 32.71
CA TYR K 40 -20.08 -16.98 33.70
C TYR K 40 -20.42 -17.47 35.11
N ILE K 41 -21.70 -17.75 35.37
CA ILE K 41 -22.09 -18.20 36.69
C ILE K 41 -21.38 -19.49 37.09
N GLU K 42 -21.30 -20.46 36.17
CA GLU K 42 -20.61 -21.72 36.47
C GLU K 42 -19.17 -21.41 36.86
N ALA K 43 -18.45 -20.77 35.96
CA ALA K 43 -17.07 -20.38 36.17
C ALA K 43 -16.94 -19.64 37.49
N LEU K 44 -17.87 -18.74 37.75
CA LEU K 44 -17.86 -17.97 38.98
C LEU K 44 -17.95 -18.91 40.17
N ALA K 45 -18.99 -19.72 40.22
CA ALA K 45 -19.21 -20.66 41.31
C ALA K 45 -18.04 -21.62 41.49
N GLN K 46 -17.42 -21.98 40.38
CA GLN K 46 -16.29 -22.89 40.41
C GLN K 46 -15.10 -22.25 41.07
N VAL K 47 -14.51 -21.26 40.41
CA VAL K 47 -13.34 -20.56 40.91
C VAL K 47 -13.48 -19.97 42.30
N PHE K 48 -14.65 -19.43 42.62
CA PHE K 48 -14.87 -18.84 43.93
C PHE K 48 -14.83 -19.87 45.04
N SER K 49 -15.62 -20.93 44.92
CA SER K 49 -15.67 -21.99 45.92
C SER K 49 -14.30 -22.63 46.11
N GLU K 50 -13.63 -22.89 44.99
CA GLU K 50 -12.34 -23.53 45.02
C GLU K 50 -11.16 -22.66 45.53
N ARG K 51 -11.09 -21.40 45.09
CA ARG K 51 -9.98 -20.53 45.48
C ARG K 51 -10.26 -19.34 46.39
N ALA K 52 -11.52 -19.16 46.79
CA ALA K 52 -11.84 -18.04 47.67
C ALA K 52 -10.95 -18.07 48.89
N CYS K 53 -10.44 -19.25 49.21
CA CYS K 53 -9.58 -19.44 50.37
C CYS K 53 -8.17 -18.86 50.26
N ASP K 54 -7.57 -18.87 49.09
CA ASP K 54 -6.23 -18.33 48.93
C ASP K 54 -6.07 -17.34 47.78
N MET K 55 -7.19 -16.95 47.18
CA MET K 55 -7.15 -16.02 46.05
C MET K 55 -8.13 -14.86 46.24
N HIS K 56 -7.68 -13.63 45.97
CA HIS K 56 -8.58 -12.48 46.12
C HIS K 56 -9.47 -12.20 44.92
N VAL K 57 -10.71 -11.82 45.19
CA VAL K 57 -11.74 -11.54 44.20
C VAL K 57 -11.21 -10.97 42.88
N ALA K 58 -10.29 -10.03 42.96
CA ALA K 58 -9.74 -9.43 41.77
C ALA K 58 -8.96 -10.43 40.92
N ASP K 59 -8.25 -11.34 41.56
CA ASP K 59 -7.49 -12.35 40.84
C ASP K 59 -8.34 -13.56 40.46
N MET K 60 -9.38 -13.85 41.24
CA MET K 60 -10.24 -15.00 40.91
C MET K 60 -11.00 -14.69 39.63
N LEU K 61 -11.36 -13.44 39.45
CA LEU K 61 -12.06 -13.04 38.25
C LEU K 61 -11.13 -13.23 37.06
N VAL K 62 -9.83 -13.09 37.31
CA VAL K 62 -8.84 -13.29 36.26
C VAL K 62 -8.88 -14.76 35.91
N LYS K 63 -9.12 -15.59 36.92
CA LYS K 63 -9.21 -17.03 36.71
C LYS K 63 -10.46 -17.28 35.87
N VAL K 64 -11.60 -16.76 36.32
CA VAL K 64 -12.86 -16.92 35.60
C VAL K 64 -12.66 -16.52 34.15
N ASN K 65 -11.90 -15.47 33.93
CA ASN K 65 -11.63 -15.03 32.58
C ASN K 65 -10.98 -16.17 31.83
N ALA K 66 -9.89 -16.67 32.40
CA ALA K 66 -9.14 -17.76 31.81
C ALA K 66 -10.05 -18.92 31.48
N LEU K 67 -10.94 -19.30 32.40
CA LEU K 67 -11.83 -20.42 32.12
C LEU K 67 -12.75 -20.09 30.96
N ILE K 68 -13.46 -18.99 31.08
CA ILE K 68 -14.40 -18.57 30.06
C ILE K 68 -13.74 -18.45 28.70
N LYS K 69 -12.47 -18.06 28.68
CA LYS K 69 -11.77 -17.88 27.42
C LYS K 69 -11.56 -19.18 26.66
N ASP K 70 -11.25 -20.24 27.40
CA ASP K 70 -11.00 -21.54 26.81
C ASP K 70 -12.26 -22.30 26.40
N ARG K 71 -13.36 -22.06 27.11
CA ARG K 71 -14.62 -22.75 26.81
C ARG K 71 -15.13 -22.47 25.42
N GLU K 72 -15.61 -23.52 24.78
CA GLU K 72 -16.17 -23.46 23.43
C GLU K 72 -17.62 -23.89 23.59
N GLY K 73 -18.51 -23.36 22.75
CA GLY K 73 -19.91 -23.74 22.88
C GLY K 73 -20.26 -25.10 22.31
N TYR K 74 -20.98 -25.91 23.07
CA TYR K 74 -21.37 -27.22 22.56
C TYR K 74 -22.86 -27.37 22.55
N ALA K 75 -23.41 -27.24 21.35
CA ALA K 75 -24.84 -27.36 21.08
C ALA K 75 -24.90 -27.59 19.57
N PRO K 76 -24.78 -28.85 19.12
CA PRO K 76 -24.83 -29.10 17.67
C PRO K 76 -26.18 -28.79 17.02
N GLY K 77 -26.17 -28.73 15.68
CA GLY K 77 -27.40 -28.45 14.93
C GLY K 77 -27.80 -26.99 14.84
N THR K 78 -27.06 -26.13 15.53
CA THR K 78 -27.35 -24.70 15.51
C THR K 78 -26.08 -23.95 15.10
N GLU K 79 -26.07 -22.64 15.34
CA GLU K 79 -24.93 -21.79 15.01
C GLU K 79 -24.23 -21.31 16.29
N PHE K 80 -24.70 -21.83 17.41
CA PHE K 80 -24.15 -21.52 18.72
C PHE K 80 -23.03 -22.51 18.99
N HIS K 81 -23.02 -23.59 18.22
CA HIS K 81 -22.04 -24.65 18.33
C HIS K 81 -20.65 -24.14 17.98
N ARG K 82 -19.70 -24.39 18.87
CA ARG K 82 -18.31 -23.99 18.66
C ARG K 82 -18.14 -22.49 18.63
N CYS K 83 -18.88 -21.80 19.48
CA CYS K 83 -18.82 -20.33 19.56
C CYS K 83 -17.93 -19.95 20.74
N LYS K 84 -17.63 -18.66 20.84
CA LYS K 84 -16.80 -18.18 21.92
C LYS K 84 -17.50 -17.11 22.75
N GLU K 85 -16.86 -16.73 23.84
CA GLU K 85 -17.41 -15.72 24.73
C GLU K 85 -16.25 -15.25 25.60
N MET K 86 -16.32 -14.00 26.06
CA MET K 86 -15.25 -13.45 26.90
C MET K 86 -15.74 -12.56 28.03
N SER K 87 -15.36 -12.90 29.25
CA SER K 87 -15.75 -12.14 30.43
C SER K 87 -14.82 -10.96 30.64
N GLU K 88 -15.20 -10.06 31.53
CA GLU K 88 -14.40 -8.89 31.81
C GLU K 88 -14.74 -8.43 33.21
N TYR K 89 -13.97 -7.49 33.74
CA TYR K 89 -14.27 -6.93 35.05
C TYR K 89 -13.60 -5.56 35.20
N CYS K 90 -14.16 -4.67 36.01
CA CYS K 90 -13.56 -3.37 36.24
C CYS K 90 -13.50 -3.08 37.75
N SER K 91 -12.32 -2.78 38.29
CA SER K 91 -12.28 -2.50 39.72
C SER K 91 -11.70 -1.15 40.04
N THR K 92 -12.24 -0.55 41.09
CA THR K 92 -11.78 0.72 41.61
C THR K 92 -11.42 0.34 43.04
N LEU K 93 -11.18 -0.95 43.24
CA LEU K 93 -10.81 -1.44 44.55
C LEU K 93 -9.45 -0.83 44.81
N CYS K 94 -9.10 -0.67 46.09
CA CYS K 94 -7.83 -0.06 46.44
C CYS K 94 -6.94 -0.94 47.32
N ARG K 95 -7.34 -2.18 47.52
CA ARG K 95 -6.58 -3.11 48.36
C ARG K 95 -7.10 -4.50 48.00
N HIS K 96 -6.27 -5.53 48.16
CA HIS K 96 -6.71 -6.89 47.83
C HIS K 96 -8.01 -7.18 48.55
N LEU K 97 -8.91 -7.92 47.90
CA LEU K 97 -10.19 -8.24 48.50
C LEU K 97 -10.32 -9.74 48.73
N TYR K 98 -9.88 -10.20 49.89
CA TYR K 98 -9.98 -11.63 50.23
C TYR K 98 -11.27 -11.90 50.99
N LEU K 99 -11.98 -12.95 50.61
CA LEU K 99 -13.24 -13.28 51.26
C LEU K 99 -13.06 -14.13 52.51
N PHE K 100 -11.80 -14.40 52.86
CA PHE K 100 -11.46 -15.21 54.04
C PHE K 100 -12.56 -16.15 54.50
N PRO K 101 -12.98 -17.08 53.64
CA PRO K 101 -14.04 -18.02 54.01
C PRO K 101 -13.78 -18.77 55.32
N GLY K 102 -14.78 -18.90 56.18
CA GLY K 102 -14.62 -19.62 57.44
C GLY K 102 -13.91 -18.92 58.59
N HIS K 103 -12.97 -18.04 58.33
CA HIS K 103 -12.25 -17.36 59.41
C HIS K 103 -13.10 -16.36 60.14
N PRO K 104 -13.13 -16.46 61.45
CA PRO K 104 -13.87 -15.66 62.43
C PRO K 104 -13.56 -14.18 62.73
N PRO K 105 -14.55 -13.44 63.31
CA PRO K 105 -14.48 -12.01 63.69
C PRO K 105 -13.82 -11.71 65.07
N ASP L 13 -5.78 -31.85 43.49
CA ASP L 13 -5.44 -33.07 42.70
C ASP L 13 -4.41 -32.70 41.61
N LEU L 14 -3.38 -31.96 42.02
CA LEU L 14 -2.31 -31.53 41.10
C LEU L 14 -1.96 -32.56 40.04
N GLY L 15 -2.22 -33.83 40.36
CA GLY L 15 -1.94 -34.90 39.43
C GLY L 15 -2.48 -34.54 38.06
N LYS L 16 -3.74 -34.11 38.02
CA LYS L 16 -4.39 -33.73 36.77
C LYS L 16 -3.64 -32.56 36.11
N LYS L 17 -2.37 -32.78 35.82
CA LYS L 17 -1.54 -31.76 35.21
C LYS L 17 -1.28 -32.14 33.76
N LEU L 18 -1.92 -33.20 33.31
CA LEU L 18 -1.77 -33.64 31.92
C LEU L 18 -2.87 -33.01 31.10
N LEU L 19 -4.02 -32.76 31.73
CA LEU L 19 -5.15 -32.14 31.04
C LEU L 19 -4.70 -30.86 30.34
N GLU L 20 -4.00 -29.99 31.07
CA GLU L 20 -3.51 -28.73 30.51
C GLU L 20 -2.74 -29.04 29.24
N ALA L 21 -2.00 -30.14 29.28
CA ALA L 21 -1.20 -30.57 28.14
C ALA L 21 -2.02 -31.41 27.15
N ALA L 22 -2.90 -32.26 27.68
CA ALA L 22 -3.74 -33.12 26.86
C ALA L 22 -4.48 -32.26 25.85
N ARG L 23 -4.82 -31.03 26.23
CA ARG L 23 -5.51 -30.11 25.34
C ARG L 23 -4.50 -29.12 24.79
N ALA L 24 -3.24 -29.35 25.11
CA ALA L 24 -2.17 -28.46 24.66
C ALA L 24 -1.17 -29.16 23.76
N GLY L 25 -0.27 -28.37 23.19
CA GLY L 25 0.75 -28.90 22.30
C GLY L 25 1.92 -29.49 23.07
N GLN L 26 1.73 -30.71 23.56
CA GLN L 26 2.74 -31.44 24.33
C GLN L 26 2.42 -32.94 24.35
N ASP L 27 3.32 -33.73 23.78
CA ASP L 27 3.15 -35.19 23.74
C ASP L 27 4.09 -35.86 24.73
N ASP L 28 5.36 -35.44 24.72
CA ASP L 28 6.34 -36.02 25.63
C ASP L 28 5.86 -35.88 27.06
N GLU L 29 5.33 -34.72 27.38
CA GLU L 29 4.85 -34.48 28.73
C GLU L 29 3.87 -35.55 29.17
N VAL L 30 2.76 -35.66 28.45
CA VAL L 30 1.71 -36.59 28.78
C VAL L 30 2.21 -37.98 29.18
N ARG L 31 3.29 -38.44 28.53
CA ARG L 31 3.88 -39.74 28.85
C ARG L 31 4.36 -39.70 30.27
N ILE L 32 5.19 -38.69 30.51
CA ILE L 32 5.80 -38.47 31.81
C ILE L 32 4.75 -38.50 32.90
N LEU L 33 3.79 -37.59 32.82
CA LEU L 33 2.73 -37.54 33.82
C LEU L 33 2.08 -38.91 34.02
N MET L 34 1.88 -39.65 32.93
CA MET L 34 1.27 -40.98 33.04
C MET L 34 2.17 -41.92 33.84
N ALA L 35 3.48 -41.84 33.55
CA ALA L 35 4.45 -42.68 34.24
C ALA L 35 4.39 -42.46 35.73
N ASN L 36 4.16 -41.20 36.14
CA ASN L 36 4.10 -40.86 37.56
C ASN L 36 2.78 -41.26 38.22
N GLY L 37 1.94 -41.98 37.49
CA GLY L 37 0.67 -42.44 38.03
C GLY L 37 -0.40 -41.39 38.11
N ALA L 38 -0.43 -40.49 37.12
CA ALA L 38 -1.44 -39.44 37.09
C ALA L 38 -2.78 -40.12 36.89
N ASP L 39 -3.81 -39.62 37.57
CA ASP L 39 -5.15 -40.19 37.46
C ASP L 39 -5.64 -39.96 36.04
N VAL L 40 -5.57 -41.01 35.24
CA VAL L 40 -5.99 -40.94 33.85
C VAL L 40 -7.51 -40.80 33.72
N ASN L 41 -8.15 -40.25 34.75
CA ASN L 41 -9.59 -40.04 34.75
C ASN L 41 -9.93 -38.67 35.33
N ALA L 42 -9.01 -37.72 35.18
CA ALA L 42 -9.20 -36.37 35.69
C ALA L 42 -10.26 -35.64 34.88
N THR L 43 -10.88 -34.62 35.48
CA THR L 43 -11.93 -33.85 34.80
C THR L 43 -11.76 -32.33 34.94
N ASP L 44 -12.43 -31.58 34.04
CA ASP L 44 -12.41 -30.12 34.11
C ASP L 44 -13.67 -29.68 34.80
N TRP L 45 -13.81 -28.36 34.92
CA TRP L 45 -14.96 -27.76 35.51
C TRP L 45 -16.13 -28.04 34.56
N LEU L 46 -15.82 -28.57 33.38
CA LEU L 46 -16.83 -28.90 32.38
C LEU L 46 -17.04 -30.39 32.29
N GLY L 47 -16.14 -31.16 32.91
CA GLY L 47 -16.28 -32.60 32.87
C GLY L 47 -15.35 -33.32 31.90
N HIS L 48 -14.70 -32.59 31.00
CA HIS L 48 -13.80 -33.24 30.05
C HIS L 48 -12.70 -34.03 30.76
N THR L 49 -12.18 -35.06 30.09
CA THR L 49 -11.10 -35.88 30.62
C THR L 49 -9.94 -35.74 29.63
N PRO L 50 -8.73 -36.16 30.03
CA PRO L 50 -7.62 -36.02 29.08
C PRO L 50 -7.96 -36.58 27.70
N LEU L 51 -8.50 -37.80 27.67
CA LEU L 51 -8.86 -38.41 26.39
C LEU L 51 -9.78 -37.48 25.65
N HIS L 52 -10.80 -36.99 26.37
CA HIS L 52 -11.77 -36.05 25.81
C HIS L 52 -11.01 -34.89 25.13
N LEU L 53 -10.26 -34.15 25.92
CA LEU L 53 -9.51 -33.01 25.41
C LEU L 53 -8.66 -33.36 24.21
N ALA L 54 -8.02 -34.51 24.27
CA ALA L 54 -7.16 -34.96 23.18
C ALA L 54 -8.03 -35.33 21.98
N ALA L 55 -9.13 -36.01 22.26
CA ALA L 55 -10.03 -36.41 21.19
C ALA L 55 -10.55 -35.17 20.49
N LYS L 56 -11.14 -34.27 21.26
CA LYS L 56 -11.70 -33.05 20.71
C LYS L 56 -10.72 -32.18 19.92
N THR L 57 -9.54 -31.93 20.49
CA THR L 57 -8.57 -31.07 19.82
C THR L 57 -7.81 -31.77 18.70
N GLY L 58 -7.78 -33.10 18.74
CA GLY L 58 -7.11 -33.85 17.69
C GLY L 58 -5.64 -34.15 17.84
N HIS L 59 -5.27 -34.65 19.00
CA HIS L 59 -3.90 -35.01 19.24
C HIS L 59 -3.87 -36.52 19.34
N LEU L 60 -3.96 -37.14 18.16
CA LEU L 60 -3.95 -38.59 18.04
C LEU L 60 -2.90 -39.28 18.90
N GLU L 61 -1.65 -38.82 18.82
CA GLU L 61 -0.58 -39.42 19.60
C GLU L 61 -0.80 -39.51 21.10
N ILE L 62 -1.45 -38.50 21.65
CA ILE L 62 -1.74 -38.49 23.07
C ILE L 62 -2.97 -39.36 23.32
N VAL L 63 -3.83 -39.46 22.31
CA VAL L 63 -5.03 -40.26 22.40
C VAL L 63 -4.66 -41.74 22.49
N GLU L 64 -3.54 -42.11 21.85
CA GLU L 64 -3.06 -43.50 21.91
C GLU L 64 -2.44 -43.81 23.24
N VAL L 65 -1.44 -43.02 23.60
CA VAL L 65 -0.75 -43.23 24.86
C VAL L 65 -1.76 -43.21 25.99
N LEU L 66 -2.79 -42.40 25.86
CA LEU L 66 -3.81 -42.31 26.90
C LEU L 66 -4.55 -43.63 27.05
N LEU L 67 -5.11 -44.11 25.95
CA LEU L 67 -5.86 -45.36 25.92
C LEU L 67 -5.03 -46.50 26.50
N LYS L 68 -3.72 -46.39 26.32
CA LYS L 68 -2.78 -47.39 26.81
C LYS L 68 -2.72 -47.46 28.34
N TYR L 69 -3.10 -46.38 29.02
CA TYR L 69 -3.08 -46.38 30.48
C TYR L 69 -4.47 -46.58 31.06
N GLY L 70 -5.18 -47.57 30.52
CA GLY L 70 -6.51 -47.89 30.99
C GLY L 70 -7.49 -46.74 30.95
N ALA L 71 -7.20 -45.76 30.10
CA ALA L 71 -8.08 -44.61 29.97
C ALA L 71 -9.45 -45.08 29.51
N ASP L 72 -10.50 -44.58 30.18
CA ASP L 72 -11.88 -44.94 29.84
C ASP L 72 -12.22 -44.27 28.51
N VAL L 73 -12.48 -45.09 27.50
CA VAL L 73 -12.79 -44.60 26.17
C VAL L 73 -14.27 -44.25 26.02
N ASN L 74 -15.09 -44.66 26.99
CA ASN L 74 -16.51 -44.36 26.92
C ASN L 74 -16.97 -43.50 28.08
N ALA L 75 -16.31 -42.35 28.25
CA ALA L 75 -16.62 -41.40 29.32
C ALA L 75 -17.41 -40.23 28.73
N TRP L 76 -18.08 -39.50 29.61
CA TRP L 76 -18.89 -38.38 29.17
C TRP L 76 -18.63 -37.11 29.98
N ASP L 77 -19.02 -35.95 29.43
CA ASP L 77 -18.82 -34.68 30.15
C ASP L 77 -20.15 -34.10 30.59
N ASN L 78 -20.09 -32.93 31.22
CA ASN L 78 -21.29 -32.30 31.75
C ASN L 78 -22.39 -32.06 30.72
N TYR L 79 -22.07 -32.23 29.45
CA TYR L 79 -23.04 -32.05 28.37
C TYR L 79 -23.50 -33.45 27.96
N GLY L 80 -22.76 -34.45 28.41
CA GLY L 80 -23.09 -35.83 28.09
C GLY L 80 -22.46 -36.32 26.81
N ALA L 81 -21.36 -35.70 26.40
CA ALA L 81 -20.68 -36.09 25.16
C ALA L 81 -19.61 -37.13 25.46
N THR L 82 -19.11 -37.78 24.41
CA THR L 82 -18.08 -38.80 24.54
C THR L 82 -16.88 -38.44 23.70
N PRO L 83 -15.71 -39.00 24.02
CA PRO L 83 -14.53 -38.68 23.22
C PRO L 83 -14.76 -38.96 21.73
N LEU L 84 -15.68 -39.87 21.43
CA LEU L 84 -15.99 -40.17 20.03
C LEU L 84 -16.76 -38.97 19.53
N HIS L 85 -17.80 -38.60 20.27
CA HIS L 85 -18.61 -37.44 19.94
C HIS L 85 -17.71 -36.30 19.48
N LEU L 86 -16.81 -35.90 20.37
CA LEU L 86 -15.91 -34.80 20.10
C LEU L 86 -14.98 -35.06 18.93
N ALA L 87 -14.49 -36.29 18.84
CA ALA L 87 -13.59 -36.65 17.75
C ALA L 87 -14.29 -36.52 16.41
N ALA L 88 -15.47 -37.10 16.31
CA ALA L 88 -16.24 -37.04 15.09
C ALA L 88 -16.67 -35.60 14.81
N ASP L 89 -17.22 -34.95 15.83
CA ASP L 89 -17.69 -33.59 15.71
C ASP L 89 -16.65 -32.64 15.15
N ASN L 90 -15.38 -32.87 15.49
CA ASN L 90 -14.33 -32.00 15.00
C ASN L 90 -13.55 -32.56 13.82
N GLY L 91 -14.04 -33.66 13.26
CA GLY L 91 -13.43 -34.26 12.08
C GLY L 91 -12.01 -34.77 12.17
N HIS L 92 -11.78 -35.68 13.09
CA HIS L 92 -10.45 -36.23 13.25
C HIS L 92 -10.55 -37.73 13.02
N LEU L 93 -10.73 -38.07 11.75
CA LEU L 93 -10.86 -39.44 11.30
C LEU L 93 -10.01 -40.44 12.06
N GLU L 94 -8.70 -40.29 11.94
CA GLU L 94 -7.76 -41.18 12.61
C GLU L 94 -8.17 -41.56 14.06
N ILE L 95 -8.42 -40.55 14.89
CA ILE L 95 -8.81 -40.79 16.27
C ILE L 95 -10.19 -41.41 16.34
N VAL L 96 -11.05 -41.02 15.40
CA VAL L 96 -12.40 -41.56 15.37
C VAL L 96 -12.29 -43.06 15.22
N GLU L 97 -11.34 -43.50 14.39
CA GLU L 97 -11.09 -44.93 14.16
C GLU L 97 -10.46 -45.53 15.40
N VAL L 98 -9.34 -44.94 15.80
CA VAL L 98 -8.65 -45.43 16.98
C VAL L 98 -9.63 -45.61 18.13
N LEU L 99 -10.41 -44.57 18.40
CA LEU L 99 -11.37 -44.64 19.48
C LEU L 99 -12.36 -45.78 19.32
N LEU L 100 -12.67 -46.10 18.06
CA LEU L 100 -13.63 -47.14 17.75
C LEU L 100 -13.08 -48.54 17.96
N LYS L 101 -11.85 -48.76 17.52
CA LYS L 101 -11.21 -50.06 17.67
C LYS L 101 -11.16 -50.48 19.14
N HIS L 102 -11.25 -49.50 20.03
CA HIS L 102 -11.20 -49.75 21.48
C HIS L 102 -12.56 -49.94 22.11
N GLY L 103 -13.59 -50.04 21.28
CA GLY L 103 -14.94 -50.27 21.78
C GLY L 103 -15.78 -49.04 22.10
N ALA L 104 -15.66 -48.01 21.28
CA ALA L 104 -16.43 -46.80 21.49
C ALA L 104 -17.89 -47.03 21.12
N ASP L 105 -18.79 -46.58 21.99
CA ASP L 105 -20.21 -46.74 21.79
C ASP L 105 -20.67 -45.91 20.59
N VAL L 106 -20.42 -46.36 19.36
CA VAL L 106 -20.81 -45.53 18.24
C VAL L 106 -22.27 -45.09 18.23
N ASN L 107 -23.11 -45.67 19.08
CA ASN L 107 -24.49 -45.24 19.17
C ASN L 107 -24.78 -44.52 20.48
N ALA L 108 -23.76 -43.87 21.02
CA ALA L 108 -23.92 -43.14 22.28
C ALA L 108 -24.67 -41.84 22.06
N LYS L 109 -25.43 -41.43 23.07
CA LYS L 109 -26.22 -40.21 23.01
C LYS L 109 -25.83 -39.27 24.15
N ASP L 110 -25.79 -37.97 23.88
CA ASP L 110 -25.47 -37.01 24.94
C ASP L 110 -26.75 -36.64 25.68
N TYR L 111 -26.62 -35.85 26.74
CA TYR L 111 -27.78 -35.46 27.54
C TYR L 111 -28.98 -35.00 26.71
N GLU L 112 -28.74 -34.63 25.46
CA GLU L 112 -29.83 -34.18 24.60
C GLU L 112 -30.09 -35.06 23.38
N GLY L 113 -29.52 -36.26 23.38
CA GLY L 113 -29.75 -37.20 22.29
C GLY L 113 -28.75 -37.38 21.15
N PHE L 114 -28.18 -36.30 20.64
CA PHE L 114 -27.24 -36.38 19.52
C PHE L 114 -26.25 -37.52 19.64
N THR L 115 -25.89 -38.11 18.50
CA THR L 115 -24.95 -39.21 18.47
C THR L 115 -23.81 -38.83 17.55
N PRO L 116 -22.67 -39.53 17.65
CA PRO L 116 -21.51 -39.22 16.80
C PRO L 116 -21.88 -39.06 15.32
N LEU L 117 -22.83 -39.86 14.84
CA LEU L 117 -23.22 -39.76 13.45
C LEU L 117 -23.79 -38.37 13.16
N HIS L 118 -24.68 -37.89 14.01
CA HIS L 118 -25.27 -36.57 13.83
C HIS L 118 -24.17 -35.51 13.78
N LEU L 119 -23.41 -35.39 14.87
CA LEU L 119 -22.34 -34.42 14.98
C LEU L 119 -21.42 -34.52 13.77
N ALA L 120 -21.19 -35.75 13.30
CA ALA L 120 -20.33 -35.98 12.15
C ALA L 120 -21.06 -35.60 10.87
N ALA L 121 -22.39 -35.64 10.92
CA ALA L 121 -23.22 -35.30 9.77
C ALA L 121 -23.42 -33.79 9.69
N TYR L 122 -23.86 -33.20 10.79
CA TYR L 122 -24.10 -31.76 10.87
C TYR L 122 -22.93 -30.95 10.35
N ASP L 123 -21.75 -31.55 10.36
CA ASP L 123 -20.55 -30.87 9.88
C ASP L 123 -20.15 -31.33 8.48
N GLY L 124 -20.85 -32.35 7.98
CA GLY L 124 -20.59 -32.85 6.65
C GLY L 124 -19.19 -33.42 6.50
N HIS L 125 -18.84 -34.35 7.39
CA HIS L 125 -17.53 -35.01 7.36
C HIS L 125 -17.61 -36.37 6.65
N LEU L 126 -17.29 -36.37 5.36
CA LEU L 126 -17.37 -37.60 4.57
C LEU L 126 -16.94 -38.85 5.34
N GLU L 127 -15.69 -39.22 5.10
CA GLU L 127 -15.07 -40.39 5.69
C GLU L 127 -15.43 -40.69 7.14
N ILE L 128 -15.67 -39.65 7.93
CA ILE L 128 -16.02 -39.82 9.33
C ILE L 128 -17.38 -40.51 9.48
N VAL L 129 -18.27 -40.25 8.53
CA VAL L 129 -19.60 -40.85 8.56
C VAL L 129 -19.45 -42.29 8.09
N GLU L 130 -18.70 -42.47 7.01
CA GLU L 130 -18.46 -43.80 6.46
C GLU L 130 -17.94 -44.76 7.52
N VAL L 131 -16.99 -44.31 8.33
CA VAL L 131 -16.40 -45.13 9.38
C VAL L 131 -17.35 -45.36 10.57
N LEU L 132 -18.21 -44.39 10.84
CA LEU L 132 -19.15 -44.54 11.95
C LEU L 132 -20.19 -45.63 11.65
N LEU L 133 -20.62 -45.68 10.39
CA LEU L 133 -21.59 -46.69 9.95
C LEU L 133 -21.01 -48.06 10.21
N LYS L 134 -19.87 -48.29 9.58
CA LYS L 134 -19.11 -49.54 9.68
C LYS L 134 -19.19 -50.24 11.03
N TYR L 135 -19.32 -49.46 12.11
CA TYR L 135 -19.39 -50.03 13.45
C TYR L 135 -20.81 -50.09 14.00
N GLY L 136 -21.78 -50.24 13.12
CA GLY L 136 -23.16 -50.31 13.54
C GLY L 136 -23.71 -48.94 13.95
N ALA L 137 -23.68 -48.00 13.01
CA ALA L 137 -24.19 -46.66 13.28
C ALA L 137 -25.68 -46.65 12.99
N ASP L 138 -26.47 -46.43 14.03
CA ASP L 138 -27.92 -46.39 13.89
C ASP L 138 -28.33 -45.21 13.01
N VAL L 139 -28.25 -45.40 11.70
CA VAL L 139 -28.60 -44.36 10.74
C VAL L 139 -30.07 -43.95 10.89
N ASN L 140 -30.75 -44.59 11.85
CA ASN L 140 -32.14 -44.30 12.14
C ASN L 140 -32.30 -43.76 13.55
N ALA L 141 -31.44 -42.81 13.90
CA ALA L 141 -31.49 -42.20 15.22
C ALA L 141 -32.07 -40.80 15.06
N GLN L 142 -32.88 -40.40 16.03
CA GLN L 142 -33.52 -39.10 16.00
C GLN L 142 -33.03 -38.21 17.14
N ASP L 143 -32.38 -37.11 16.79
CA ASP L 143 -31.89 -36.18 17.80
C ASP L 143 -33.09 -35.37 18.29
N LYS L 144 -32.82 -34.32 19.06
CA LYS L 144 -33.86 -33.45 19.60
C LYS L 144 -34.76 -32.86 18.53
N PHE L 145 -34.19 -32.57 17.37
CA PHE L 145 -34.93 -31.97 16.27
C PHE L 145 -35.79 -32.93 15.45
N GLY L 146 -35.72 -34.21 15.79
CA GLY L 146 -36.51 -35.19 15.07
C GLY L 146 -36.01 -35.53 13.68
N LYS L 147 -34.79 -35.13 13.38
CA LYS L 147 -34.19 -35.42 12.07
C LYS L 147 -33.19 -36.56 12.17
N THR L 148 -32.68 -37.00 11.03
CA THR L 148 -31.71 -38.09 11.03
C THR L 148 -30.51 -37.74 10.17
N ALA L 149 -29.45 -38.54 10.27
CA ALA L 149 -28.23 -38.33 9.49
C ALA L 149 -28.56 -38.10 8.03
N PHE L 150 -29.79 -38.45 7.66
CA PHE L 150 -30.24 -38.30 6.29
C PHE L 150 -30.69 -36.86 6.06
N ASP L 151 -31.75 -36.46 6.74
CA ASP L 151 -32.29 -35.12 6.64
C ASP L 151 -31.20 -34.06 6.72
N ILE L 152 -30.09 -34.42 7.33
CA ILE L 152 -29.00 -33.48 7.48
C ILE L 152 -28.12 -33.36 6.23
N SER L 153 -28.28 -34.29 5.29
CA SER L 153 -27.49 -34.27 4.06
C SER L 153 -28.10 -33.28 3.07
N ILE L 154 -29.42 -33.27 3.02
CA ILE L 154 -30.15 -32.38 2.12
C ILE L 154 -30.14 -30.94 2.61
N ASP L 155 -30.73 -30.71 3.78
CA ASP L 155 -30.81 -29.37 4.34
C ASP L 155 -29.49 -28.61 4.19
N ASN L 156 -28.40 -29.23 4.65
CA ASN L 156 -27.09 -28.61 4.58
C ASN L 156 -26.50 -28.49 3.18
N GLY L 157 -27.31 -28.76 2.17
CA GLY L 157 -26.86 -28.67 0.79
C GLY L 157 -25.64 -29.52 0.47
N ASN L 158 -25.50 -30.65 1.15
CA ASN L 158 -24.37 -31.54 0.92
C ASN L 158 -24.93 -32.84 0.37
N GLU L 159 -24.73 -33.04 -0.93
CA GLU L 159 -25.28 -34.21 -1.57
C GLU L 159 -24.33 -35.42 -1.70
N ASP L 160 -23.03 -35.19 -1.65
CA ASP L 160 -22.08 -36.30 -1.70
C ASP L 160 -22.25 -37.15 -0.44
N LEU L 161 -22.88 -36.55 0.58
CA LEU L 161 -23.12 -37.22 1.84
C LEU L 161 -24.41 -38.02 1.75
N ALA L 162 -25.09 -37.88 0.61
CA ALA L 162 -26.34 -38.59 0.36
C ALA L 162 -26.07 -39.86 -0.44
N GLU L 163 -25.07 -39.80 -1.31
CA GLU L 163 -24.71 -40.97 -2.13
C GLU L 163 -24.11 -42.00 -1.19
N ILE L 164 -24.58 -41.98 0.05
CA ILE L 164 -24.08 -42.88 1.09
C ILE L 164 -25.18 -43.47 2.01
N LEU L 165 -26.13 -42.63 2.43
CA LEU L 165 -27.17 -43.05 3.33
C LEU L 165 -28.62 -42.48 3.00
N VAL M 12 4.46 34.39 -3.28
CA VAL M 12 5.38 33.96 -4.37
C VAL M 12 5.13 34.72 -5.66
N LYS M 13 5.74 35.90 -5.78
CA LYS M 13 5.61 36.73 -6.98
C LYS M 13 5.84 35.93 -8.24
N PRO M 14 5.44 36.47 -9.39
CA PRO M 14 5.61 35.84 -10.69
C PRO M 14 6.68 36.67 -11.40
N CYS M 15 6.81 36.49 -12.71
CA CYS M 15 7.78 37.25 -13.51
C CYS M 15 7.68 36.58 -14.86
N THR M 16 8.08 35.32 -14.87
CA THR M 16 7.99 34.46 -16.05
C THR M 16 8.50 35.13 -17.33
N PRO M 17 8.36 34.46 -18.49
CA PRO M 17 8.82 35.03 -19.76
C PRO M 17 8.70 36.54 -19.95
N GLU M 18 9.53 37.05 -20.85
CA GLU M 18 9.64 38.47 -21.19
C GLU M 18 10.62 39.05 -20.16
N PHE M 19 11.31 38.11 -19.50
CA PHE M 19 12.34 38.36 -18.50
C PHE M 19 13.04 37.00 -18.36
N TYR M 20 12.39 35.99 -18.95
CA TYR M 20 12.88 34.62 -18.98
C TYR M 20 13.49 34.47 -20.37
N GLN M 21 12.86 35.13 -21.35
CA GLN M 21 13.33 35.09 -22.73
C GLN M 21 14.68 35.79 -22.82
N THR M 22 15.14 36.33 -21.70
CA THR M 22 16.42 37.03 -21.62
C THR M 22 17.41 36.34 -20.68
N HIS M 23 16.89 35.59 -19.71
CA HIS M 23 17.73 34.92 -18.73
C HIS M 23 17.84 33.41 -18.84
N PHE M 24 16.89 32.78 -19.54
CA PHE M 24 16.90 31.32 -19.69
C PHE M 24 18.01 30.79 -20.61
N GLN M 25 18.54 31.66 -21.47
CA GLN M 25 19.60 31.30 -22.42
C GLN M 25 20.71 30.48 -21.74
N LEU M 26 21.32 31.06 -20.71
CA LEU M 26 22.39 30.38 -19.98
C LEU M 26 21.97 30.16 -18.53
N ALA M 27 21.24 29.08 -18.30
CA ALA M 27 20.75 28.72 -16.97
C ALA M 27 19.95 27.42 -17.04
N TYR M 28 19.82 26.76 -15.88
CA TYR M 28 19.10 25.50 -15.76
C TYR M 28 17.71 25.51 -16.42
N ARG M 29 17.43 24.46 -17.18
CA ARG M 29 16.16 24.31 -17.89
C ARG M 29 15.00 24.07 -16.92
N LEU M 30 14.91 24.93 -15.92
CA LEU M 30 13.88 24.78 -14.90
C LEU M 30 12.48 25.32 -15.23
N GLN M 31 11.66 24.54 -15.93
CA GLN M 31 10.29 24.96 -16.24
C GLN M 31 9.35 23.75 -16.34
N SER M 32 9.73 22.64 -15.71
CA SER M 32 8.93 21.42 -15.72
C SER M 32 7.82 21.53 -14.68
N ARG M 33 6.78 20.72 -14.84
CA ARG M 33 5.66 20.71 -13.91
C ARG M 33 5.37 19.28 -13.48
N PRO M 34 5.60 18.95 -12.20
CA PRO M 34 6.10 19.86 -11.16
C PRO M 34 7.51 20.36 -11.50
N ARG M 35 7.99 21.33 -10.73
CA ARG M 35 9.32 21.86 -10.97
C ARG M 35 10.36 20.94 -10.33
N GLY M 36 9.88 19.84 -9.75
CA GLY M 36 10.75 18.89 -9.10
C GLY M 36 10.14 18.45 -7.78
N LEU M 37 10.73 17.46 -7.13
CA LEU M 37 10.20 16.99 -5.86
C LEU M 37 10.92 17.66 -4.68
N ALA M 38 10.17 17.96 -3.62
CA ALA M 38 10.75 18.58 -2.45
C ALA M 38 10.45 17.71 -1.24
N LEU M 39 11.43 17.53 -0.37
CA LEU M 39 11.26 16.71 0.83
C LEU M 39 11.54 17.58 2.05
N VAL M 40 10.63 17.61 3.01
CA VAL M 40 10.82 18.45 4.18
C VAL M 40 10.89 17.67 5.48
N LEU M 41 11.87 16.78 5.60
CA LEU M 41 12.05 15.97 6.80
C LEU M 41 12.42 16.87 7.99
N SER M 42 11.62 16.82 9.05
CA SER M 42 11.91 17.63 10.24
C SER M 42 11.61 16.93 11.58
N ASN M 43 12.64 16.72 12.39
CA ASN M 43 12.47 16.06 13.68
C ASN M 43 12.23 17.04 14.81
N VAL M 44 11.23 16.74 15.66
CA VAL M 44 10.89 17.61 16.77
C VAL M 44 10.77 16.94 18.14
N HIS M 45 10.54 15.64 18.17
CA HIS M 45 10.43 14.92 19.45
C HIS M 45 11.53 13.87 19.54
N PHE M 46 12.43 13.99 20.52
CA PHE M 46 13.52 13.04 20.65
C PHE M 46 13.45 12.07 21.83
N THR M 47 13.64 10.79 21.53
CA THR M 47 13.61 9.70 22.50
C THR M 47 15.02 9.17 22.75
N GLY M 48 15.12 7.92 23.21
CA GLY M 48 16.41 7.30 23.47
C GLY M 48 17.26 7.96 24.55
N GLU M 49 18.57 8.03 24.29
CA GLU M 49 19.51 8.65 25.24
C GLU M 49 19.21 10.15 25.17
N LYS M 50 17.94 10.47 25.42
CA LYS M 50 17.41 11.82 25.38
C LYS M 50 18.27 12.94 25.97
N GLU M 51 19.52 13.05 25.51
CA GLU M 51 20.40 14.10 25.99
C GLU M 51 20.19 15.32 25.10
N LEU M 52 18.91 15.66 24.89
CA LEU M 52 18.52 16.81 24.06
C LEU M 52 17.26 17.47 24.60
N GLU M 53 16.55 18.17 23.73
CA GLU M 53 15.32 18.85 24.14
C GLU M 53 14.28 18.94 23.04
N PHE M 54 13.35 19.88 23.19
CA PHE M 54 12.27 20.07 22.24
C PHE M 54 12.65 21.11 21.19
N ARG M 55 12.52 20.75 19.91
CA ARG M 55 12.85 21.65 18.81
C ARG M 55 11.66 22.59 18.61
N SER M 56 11.30 23.30 19.68
CA SER M 56 10.17 24.24 19.69
C SER M 56 10.09 25.08 18.43
N GLY M 57 8.86 25.42 18.03
CA GLY M 57 8.70 26.23 16.84
C GLY M 57 9.17 25.47 15.61
N GLY M 58 9.60 24.24 15.83
CA GLY M 58 10.05 23.42 14.72
C GLY M 58 8.89 23.11 13.81
N ASP M 59 7.68 23.33 14.31
CA ASP M 59 6.45 23.09 13.54
C ASP M 59 6.16 24.25 12.60
N VAL M 60 6.54 25.46 13.00
CA VAL M 60 6.33 26.64 12.17
C VAL M 60 7.29 26.55 11.00
N ASP M 61 8.55 26.27 11.30
CA ASP M 61 9.57 26.14 10.27
C ASP M 61 9.08 25.13 9.25
N HIS M 62 8.69 23.95 9.74
CA HIS M 62 8.20 22.88 8.89
C HIS M 62 7.08 23.38 7.96
N SER M 63 6.12 24.09 8.54
CA SER M 63 5.01 24.60 7.73
C SER M 63 5.47 25.68 6.77
N THR M 64 6.20 26.67 7.28
CA THR M 64 6.69 27.77 6.45
C THR M 64 7.39 27.23 5.21
N LEU M 65 8.18 26.18 5.37
CA LEU M 65 8.89 25.57 4.24
C LEU M 65 7.97 24.77 3.31
N VAL M 66 7.12 23.93 3.89
CA VAL M 66 6.20 23.12 3.10
C VAL M 66 5.39 24.01 2.16
N THR M 67 4.83 25.08 2.71
CA THR M 67 4.03 26.02 1.93
C THR M 67 4.90 26.62 0.84
N LEU M 68 5.99 27.26 1.26
CA LEU M 68 6.93 27.90 0.35
C LEU M 68 7.33 27.03 -0.84
N PHE M 69 7.79 25.81 -0.57
CA PHE M 69 8.19 24.92 -1.64
C PHE M 69 7.01 24.54 -2.51
N LYS M 70 5.81 24.64 -1.93
CA LYS M 70 4.57 24.30 -2.61
C LYS M 70 4.15 25.39 -3.58
N LEU M 71 4.36 26.65 -3.21
CA LEU M 71 4.00 27.79 -4.06
C LEU M 71 5.08 28.03 -5.12
N LEU M 72 6.22 27.37 -4.94
CA LEU M 72 7.31 27.50 -5.89
C LEU M 72 7.09 26.46 -6.99
N GLY M 73 6.05 25.66 -6.81
CA GLY M 73 5.71 24.64 -7.78
C GLY M 73 6.41 23.31 -7.59
N TYR M 74 6.46 22.83 -6.36
CA TYR M 74 7.13 21.56 -6.08
C TYR M 74 6.23 20.50 -5.45
N ASP M 75 6.19 19.33 -6.08
CA ASP M 75 5.41 18.19 -5.58
C ASP M 75 6.16 17.86 -4.29
N VAL M 76 5.75 18.48 -3.18
CA VAL M 76 6.44 18.25 -1.91
C VAL M 76 5.94 17.11 -1.05
N HIS M 77 6.90 16.38 -0.48
CA HIS M 77 6.61 15.27 0.42
C HIS M 77 6.94 15.76 1.83
N VAL M 78 6.87 14.87 2.81
CA VAL M 78 7.15 15.23 4.19
C VAL M 78 7.42 14.01 5.05
N LEU M 79 8.18 14.23 6.12
CA LEU M 79 8.51 13.19 7.08
C LEU M 79 8.71 13.91 8.40
N CYS M 80 8.28 13.29 9.50
CA CYS M 80 8.41 13.93 10.80
C CYS M 80 8.93 12.98 11.84
N ASP M 81 9.61 13.53 12.84
CA ASP M 81 10.17 12.75 13.93
C ASP M 81 10.67 11.39 13.46
N GLN M 82 11.80 11.40 12.76
CA GLN M 82 12.38 10.18 12.24
C GLN M 82 13.70 9.85 12.94
N THR M 83 14.12 8.60 12.83
CA THR M 83 15.36 8.15 13.44
C THR M 83 16.47 8.23 12.40
N ALA M 84 17.70 8.37 12.87
CA ALA M 84 18.84 8.46 11.98
C ALA M 84 18.71 7.43 10.87
N GLN M 85 18.58 6.15 11.25
CA GLN M 85 18.47 5.09 10.25
C GLN M 85 17.28 5.29 9.31
N GLU M 86 16.14 5.67 9.86
CA GLU M 86 14.94 5.87 9.05
C GLU M 86 15.19 6.93 7.96
N MET M 87 15.96 7.96 8.32
CA MET M 87 16.26 9.05 7.40
C MET M 87 17.07 8.60 6.19
N GLN M 88 18.21 7.96 6.44
CA GLN M 88 19.06 7.49 5.35
C GLN M 88 18.25 6.53 4.47
N GLU M 89 17.37 5.78 5.13
CA GLU M 89 16.52 4.80 4.48
C GLU M 89 15.44 5.47 3.61
N LYS M 90 14.69 6.39 4.19
CA LYS M 90 13.64 7.07 3.44
C LYS M 90 14.17 8.15 2.51
N LEU M 91 15.37 8.67 2.80
CA LEU M 91 15.98 9.68 1.96
C LEU M 91 16.42 9.03 0.66
N GLN M 92 17.03 7.84 0.78
CA GLN M 92 17.48 7.11 -0.40
C GLN M 92 16.27 6.79 -1.30
N ASN M 93 15.14 6.50 -0.68
CA ASN M 93 13.93 6.20 -1.44
C ASN M 93 13.50 7.44 -2.19
N PHE M 94 13.42 8.56 -1.48
CA PHE M 94 13.03 9.81 -2.10
C PHE M 94 13.95 10.09 -3.28
N ALA M 95 15.22 9.76 -3.10
CA ALA M 95 16.22 9.98 -4.14
C ALA M 95 15.99 9.11 -5.36
N GLN M 96 15.51 7.88 -5.14
CA GLN M 96 15.26 6.97 -6.24
C GLN M 96 13.95 7.21 -6.98
N LEU M 97 12.89 7.59 -6.26
CA LEU M 97 11.58 7.83 -6.85
C LEU M 97 11.68 8.17 -8.34
N PRO M 98 11.13 7.30 -9.20
CA PRO M 98 11.12 7.45 -10.66
C PRO M 98 10.66 8.78 -11.23
N ALA M 99 9.95 9.56 -10.42
CA ALA M 99 9.45 10.84 -10.88
C ALA M 99 10.57 11.79 -11.33
N HIS M 100 11.67 11.81 -10.58
CA HIS M 100 12.80 12.68 -10.89
C HIS M 100 13.20 12.71 -12.35
N ARG M 101 12.91 11.63 -13.07
CA ARG M 101 13.26 11.55 -14.48
C ARG M 101 12.60 12.63 -15.33
N VAL M 102 11.38 13.01 -14.97
CA VAL M 102 10.65 14.03 -15.72
C VAL M 102 10.81 15.47 -15.18
N THR M 103 11.15 15.61 -13.89
CA THR M 103 11.32 16.92 -13.29
C THR M 103 12.68 17.55 -13.65
N ASP M 104 12.84 18.84 -13.39
CA ASP M 104 14.09 19.51 -13.73
C ASP M 104 14.99 19.88 -12.56
N SER M 105 14.53 19.64 -11.34
CA SER M 105 15.31 19.96 -10.15
C SER M 105 14.80 19.21 -8.95
N CYS M 106 15.50 19.36 -7.83
CA CYS M 106 15.12 18.68 -6.60
C CYS M 106 15.45 19.50 -5.35
N ILE M 107 14.55 19.48 -4.38
CA ILE M 107 14.74 20.22 -3.15
C ILE M 107 14.61 19.27 -1.97
N VAL M 108 15.39 19.51 -0.93
CA VAL M 108 15.35 18.67 0.26
C VAL M 108 15.72 19.52 1.45
N ALA M 109 14.82 19.62 2.42
CA ALA M 109 15.09 20.40 3.60
C ALA M 109 15.17 19.48 4.81
N LEU M 110 16.28 19.52 5.52
CA LEU M 110 16.45 18.70 6.70
C LEU M 110 16.51 19.63 7.88
N LEU M 111 15.52 19.53 8.76
CA LEU M 111 15.47 20.39 9.94
C LEU M 111 15.42 19.50 11.16
N SER M 112 16.37 19.70 12.06
CA SER M 112 16.44 18.89 13.28
C SER M 112 17.59 19.41 14.13
N HIS M 113 17.96 18.66 15.16
CA HIS M 113 19.08 19.06 15.99
C HIS M 113 20.28 18.48 15.27
N GLY M 114 21.47 18.91 15.62
CA GLY M 114 22.64 18.36 14.96
C GLY M 114 23.97 18.84 15.48
N VAL M 115 25.01 18.49 14.74
CA VAL M 115 26.38 18.86 15.06
C VAL M 115 27.12 19.02 13.75
N GLU M 116 28.35 19.49 13.80
CA GLU M 116 29.11 19.68 12.59
C GLU M 116 29.08 18.44 11.69
N GLY M 117 28.61 18.63 10.46
CA GLY M 117 28.59 17.52 9.52
C GLY M 117 27.43 16.55 9.56
N ALA M 118 26.67 16.54 10.64
CA ALA M 118 25.55 15.61 10.71
C ALA M 118 24.36 16.13 11.51
N ILE M 119 23.22 15.46 11.34
CA ILE M 119 22.00 15.84 12.03
C ILE M 119 21.49 14.69 12.90
N TYR M 120 20.90 15.05 14.03
CA TYR M 120 20.35 14.06 14.94
C TYR M 120 18.96 13.61 14.49
N GLY M 121 18.65 12.35 14.75
CA GLY M 121 17.32 11.84 14.43
C GLY M 121 16.62 11.79 15.76
N VAL M 122 15.29 11.65 15.77
CA VAL M 122 14.57 11.59 17.04
C VAL M 122 15.16 10.41 17.80
N ASP M 123 15.83 9.55 17.06
CA ASP M 123 16.47 8.35 17.57
C ASP M 123 17.63 8.66 18.52
N GLY M 124 18.20 9.86 18.39
CA GLY M 124 19.32 10.25 19.22
C GLY M 124 20.62 9.95 18.50
N LYS M 125 20.53 9.16 17.43
CA LYS M 125 21.68 8.80 16.63
C LYS M 125 21.89 9.82 15.49
N LEU M 126 23.09 9.83 14.93
CA LEU M 126 23.44 10.77 13.87
C LEU M 126 23.38 10.21 12.46
N LEU M 127 23.32 11.12 11.50
CA LEU M 127 23.30 10.81 10.08
C LEU M 127 24.20 11.84 9.42
N GLN M 128 25.37 11.40 8.98
CA GLN M 128 26.33 12.30 8.33
C GLN M 128 25.74 12.98 7.11
N LEU M 129 25.79 14.30 7.08
CA LEU M 129 25.26 15.07 5.96
C LEU M 129 25.97 14.69 4.66
N GLN M 130 27.22 14.25 4.78
CA GLN M 130 27.96 13.86 3.60
C GLN M 130 27.28 12.62 3.01
N GLU M 131 26.75 11.77 3.88
CA GLU M 131 26.07 10.56 3.44
C GLU M 131 24.80 10.96 2.71
N VAL M 132 24.14 12.01 3.20
CA VAL M 132 22.91 12.51 2.60
C VAL M 132 23.11 12.93 1.16
N PHE M 133 24.09 13.81 0.93
CA PHE M 133 24.39 14.31 -0.41
C PHE M 133 24.72 13.19 -1.36
N GLN M 134 25.56 12.27 -0.90
CA GLN M 134 25.98 11.13 -1.72
C GLN M 134 24.78 10.50 -2.42
N LEU M 135 23.69 10.32 -1.68
CA LEU M 135 22.48 9.69 -2.22
C LEU M 135 21.94 10.38 -3.45
N PHE M 136 22.25 11.66 -3.63
CA PHE M 136 21.78 12.40 -4.80
C PHE M 136 22.85 12.76 -5.82
N ASP M 137 24.05 12.21 -5.70
CA ASP M 137 25.11 12.56 -6.65
C ASP M 137 24.85 12.02 -8.07
N ASN M 138 25.88 12.03 -8.90
CA ASN M 138 25.74 11.57 -10.27
C ASN M 138 25.82 10.06 -10.42
N ALA M 139 26.22 9.37 -9.35
CA ALA M 139 26.30 7.93 -9.40
C ALA M 139 25.02 7.30 -8.86
N ASN M 140 24.82 7.42 -7.55
CA ASN M 140 23.67 6.86 -6.88
C ASN M 140 22.30 7.37 -7.33
N CYS M 141 22.26 8.48 -8.04
CA CYS M 141 20.97 9.02 -8.50
C CYS M 141 21.05 9.56 -9.92
N PRO M 142 21.30 8.66 -10.89
CA PRO M 142 21.41 9.04 -12.30
C PRO M 142 20.19 9.76 -12.84
N SER M 143 19.03 9.52 -12.24
CA SER M 143 17.79 10.15 -12.70
C SER M 143 17.76 11.67 -12.43
N LEU M 144 18.83 12.19 -11.83
CA LEU M 144 18.91 13.62 -11.52
C LEU M 144 20.17 14.34 -12.01
N GLN M 145 20.95 13.67 -12.85
CA GLN M 145 22.20 14.25 -13.36
C GLN M 145 21.96 15.56 -14.09
N ASN M 146 22.91 16.48 -13.96
CA ASN M 146 22.84 17.80 -14.59
C ASN M 146 21.63 18.64 -14.20
N LYS M 147 20.88 18.17 -13.20
CA LYS M 147 19.72 18.90 -12.71
C LYS M 147 20.06 19.50 -11.34
N PRO M 148 19.87 20.82 -11.17
CA PRO M 148 20.18 21.46 -9.90
C PRO M 148 19.46 20.79 -8.74
N LYS M 149 20.15 20.62 -7.62
CA LYS M 149 19.58 19.98 -6.46
C LYS M 149 19.88 20.82 -5.25
N MET M 150 18.88 21.52 -4.75
CA MET M 150 19.06 22.38 -3.59
C MET M 150 18.87 21.60 -2.29
N PHE M 151 19.59 22.04 -1.26
CA PHE M 151 19.48 21.44 0.06
C PHE M 151 19.35 22.54 1.07
N PHE M 152 18.59 22.26 2.13
CA PHE M 152 18.36 23.21 3.20
C PHE M 152 18.47 22.54 4.57
N ILE M 153 19.59 22.79 5.26
CA ILE M 153 19.83 22.21 6.56
C ILE M 153 19.58 23.19 7.69
N GLN M 154 18.44 23.01 8.37
CA GLN M 154 18.04 23.86 9.49
C GLN M 154 18.47 23.19 10.80
N ALA M 155 19.45 22.31 10.68
CA ALA M 155 19.98 21.59 11.82
C ALA M 155 20.70 22.53 12.77
N CYS M 156 21.64 21.96 13.51
CA CYS M 156 22.45 22.67 14.48
C CYS M 156 23.88 22.38 14.04
N ARG M 157 24.85 23.21 14.41
CA ARG M 157 26.23 22.98 14.00
C ARG M 157 27.25 23.05 15.14
N GLY M 158 26.77 23.25 16.37
CA GLY M 158 27.67 23.34 17.50
C GLY M 158 26.95 23.47 18.84
N ASP M 159 27.43 24.39 19.68
CA ASP M 159 26.86 24.66 20.99
C ASP M 159 27.13 26.11 21.42
N GLU M 160 28.32 26.59 21.07
CA GLU M 160 28.75 27.96 21.37
C GLU M 160 27.88 28.96 20.62
N THR M 161 26.96 29.60 21.35
CA THR M 161 26.08 30.58 20.73
C THR M 161 26.79 31.93 20.69
N ASP M 162 27.42 32.24 19.55
CA ASP M 162 28.14 33.49 19.41
C ASP M 162 27.30 34.68 19.86
N ARG M 163 27.66 35.23 21.02
CA ARG M 163 26.93 36.35 21.60
C ARG M 163 26.96 37.55 20.66
N GLY M 164 28.07 37.75 19.96
CA GLY M 164 28.16 38.86 19.03
C GLY M 164 29.31 39.83 19.24
N VAL M 165 30.00 40.19 18.17
CA VAL M 165 31.11 41.13 18.24
C VAL M 165 30.56 42.55 18.24
N ASP M 166 31.42 43.52 18.54
CA ASP M 166 31.06 44.93 18.61
C ASP M 166 31.01 45.64 17.25
N GLN M 167 29.95 46.43 17.07
CA GLN M 167 29.74 47.21 15.85
C GLN M 167 30.69 48.44 15.79
N GLN M 168 31.76 48.30 15.00
CA GLN M 168 32.72 49.35 14.76
C GLN M 168 32.62 50.02 13.41
N MET N 10 30.21 13.04 -22.05
CA MET N 10 29.73 11.74 -21.54
C MET N 10 30.02 11.56 -20.05
N ARG N 11 31.30 11.51 -19.69
CA ARG N 11 31.71 11.33 -18.30
C ARG N 11 31.26 12.52 -17.44
N LEU N 12 31.19 12.32 -16.14
CA LEU N 12 30.77 13.38 -15.22
C LEU N 12 31.40 13.18 -13.85
N PRO N 13 31.70 14.28 -13.14
CA PRO N 13 32.29 14.06 -11.82
C PRO N 13 31.28 13.31 -10.97
N THR N 14 31.75 12.60 -9.95
CA THR N 14 30.86 11.85 -9.08
C THR N 14 29.77 12.73 -8.45
N ARG N 15 30.14 13.96 -8.10
CA ARG N 15 29.18 14.88 -7.49
C ARG N 15 29.30 16.28 -8.09
N SER N 16 28.16 16.93 -8.29
CA SER N 16 28.13 18.28 -8.84
C SER N 16 26.72 18.82 -8.98
N ASP N 17 26.62 20.09 -9.32
CA ASP N 17 25.33 20.74 -9.53
C ASP N 17 24.48 20.77 -8.28
N MET N 18 25.12 20.91 -7.12
CA MET N 18 24.38 20.97 -5.87
C MET N 18 24.52 22.35 -5.27
N ILE N 19 23.77 22.60 -4.22
CA ILE N 19 23.85 23.87 -3.52
C ILE N 19 23.17 23.70 -2.18
N CYS N 20 23.95 23.83 -1.11
CA CYS N 20 23.41 23.68 0.22
C CYS N 20 23.47 24.96 1.04
N GLY N 21 22.35 25.29 1.69
CA GLY N 21 22.28 26.46 2.53
C GLY N 21 22.28 26.03 3.98
N TYR N 22 23.07 26.69 4.82
CA TYR N 22 23.13 26.34 6.23
C TYR N 22 22.63 27.52 7.04
N ALA N 23 21.84 27.22 8.07
CA ALA N 23 21.26 28.25 8.93
C ALA N 23 22.31 28.93 9.81
N CYS N 24 23.35 28.21 10.18
CA CYS N 24 24.40 28.76 11.03
C CYS N 24 25.78 28.27 10.61
N LEU N 25 26.81 28.95 11.09
CA LEU N 25 28.19 28.60 10.77
C LEU N 25 28.65 27.42 11.59
N LYS N 26 29.89 27.01 11.36
CA LYS N 26 30.50 25.90 12.08
C LYS N 26 30.70 26.26 13.56
N GLY N 27 30.23 25.38 14.44
CA GLY N 27 30.37 25.62 15.87
C GLY N 27 29.25 26.41 16.53
N THR N 28 28.68 27.38 15.80
CA THR N 28 27.61 28.21 16.35
C THR N 28 26.24 27.54 16.27
N ALA N 29 25.26 28.15 16.92
CA ALA N 29 23.90 27.61 16.95
C ALA N 29 22.92 28.51 16.22
N ALA N 30 21.67 28.10 16.20
CA ALA N 30 20.62 28.88 15.56
C ALA N 30 19.74 29.50 16.63
N MET N 31 18.94 30.49 16.25
CA MET N 31 18.03 31.16 17.17
C MET N 31 16.62 30.63 16.83
N ARG N 32 16.03 29.92 17.79
CA ARG N 32 14.72 29.31 17.63
C ARG N 32 13.67 30.09 18.44
N ASN N 33 12.58 30.48 17.79
CA ASN N 33 11.54 31.24 18.48
C ASN N 33 10.20 30.54 18.39
N THR N 34 9.62 30.25 19.55
CA THR N 34 8.34 29.57 19.66
C THR N 34 7.18 30.11 18.82
N LYS N 35 7.26 31.38 18.42
CA LYS N 35 6.19 31.98 17.62
C LYS N 35 6.55 32.33 16.17
N ARG N 36 7.82 32.65 15.92
CA ARG N 36 8.25 33.00 14.57
C ARG N 36 9.08 31.91 13.89
N GLY N 37 9.67 31.03 14.70
CA GLY N 37 10.48 29.95 14.15
C GLY N 37 11.95 30.33 14.13
N SER N 38 12.71 29.71 13.22
CA SER N 38 14.13 29.99 13.11
C SER N 38 14.35 31.13 12.12
N TRP N 39 15.34 31.99 12.41
CA TRP N 39 15.66 33.13 11.54
C TRP N 39 15.95 32.70 10.10
N TYR N 40 16.75 31.65 9.96
CA TYR N 40 17.09 31.18 8.64
C TYR N 40 15.82 30.92 7.83
N ILE N 41 14.90 30.13 8.39
CA ILE N 41 13.67 29.81 7.67
C ILE N 41 12.87 31.07 7.31
N GLU N 42 12.73 31.99 8.27
CA GLU N 42 12.01 33.24 8.02
C GLU N 42 12.66 33.95 6.83
N ALA N 43 13.94 34.28 7.00
CA ALA N 43 14.72 34.95 5.97
C ALA N 43 14.57 34.23 4.64
N LEU N 44 14.63 32.90 4.69
CA LEU N 44 14.50 32.09 3.50
C LEU N 44 13.13 32.32 2.85
N ALA N 45 12.07 32.10 3.61
CA ALA N 45 10.71 32.28 3.10
C ALA N 45 10.49 33.71 2.59
N GLN N 46 11.13 34.67 3.25
CA GLN N 46 10.99 36.07 2.87
C GLN N 46 11.62 36.33 1.51
N VAL N 47 12.95 36.23 1.46
CA VAL N 47 13.70 36.49 0.24
C VAL N 47 13.25 35.65 -0.96
N PHE N 48 12.94 34.38 -0.72
CA PHE N 48 12.53 33.52 -1.82
C PHE N 48 11.21 33.94 -2.45
N SER N 49 10.19 34.12 -1.62
CA SER N 49 8.88 34.52 -2.12
C SER N 49 8.97 35.86 -2.83
N GLU N 50 9.70 36.78 -2.23
CA GLU N 50 9.85 38.13 -2.77
C GLU N 50 10.70 38.25 -4.03
N ARG N 51 11.86 37.58 -4.07
CA ARG N 51 12.76 37.69 -5.22
C ARG N 51 12.96 36.48 -6.13
N ALA N 52 12.31 35.36 -5.82
CA ALA N 52 12.47 34.17 -6.65
C ALA N 52 12.16 34.52 -8.10
N CYS N 53 11.39 35.58 -8.31
CA CYS N 53 10.99 36.02 -9.64
C CYS N 53 12.09 36.65 -10.48
N ASP N 54 13.01 37.38 -9.84
CA ASP N 54 14.08 38.01 -10.60
C ASP N 54 15.49 37.76 -10.04
N MET N 55 15.59 36.87 -9.06
CA MET N 55 16.88 36.56 -8.44
C MET N 55 17.11 35.05 -8.38
N HIS N 56 18.33 34.62 -8.74
CA HIS N 56 18.64 33.19 -8.71
C HIS N 56 19.09 32.69 -7.34
N VAL N 57 18.64 31.49 -7.00
CA VAL N 57 18.93 30.83 -5.73
C VAL N 57 20.27 31.16 -5.10
N ALA N 58 21.32 31.15 -5.92
CA ALA N 58 22.67 31.44 -5.44
C ALA N 58 22.78 32.88 -4.92
N ASP N 59 22.12 33.82 -5.59
CA ASP N 59 22.14 35.21 -5.15
C ASP N 59 21.13 35.50 -4.02
N MET N 60 20.01 34.79 -4.01
CA MET N 60 19.01 35.01 -2.97
C MET N 60 19.60 34.60 -1.62
N LEU N 61 20.38 33.53 -1.62
CA LEU N 61 21.00 33.09 -0.38
C LEU N 61 21.95 34.18 0.09
N VAL N 62 22.50 34.93 -0.85
CA VAL N 62 23.39 36.02 -0.49
C VAL N 62 22.53 37.06 0.23
N LYS N 63 21.29 37.19 -0.22
CA LYS N 63 20.35 38.13 0.39
C LYS N 63 20.06 37.62 1.81
N VAL N 64 19.64 36.37 1.91
CA VAL N 64 19.35 35.77 3.20
C VAL N 64 20.53 36.01 4.15
N ASN N 65 21.74 35.89 3.62
CA ASN N 65 22.94 36.13 4.41
C ASN N 65 22.87 37.54 4.97
N ALA N 66 22.68 38.51 4.07
CA ALA N 66 22.60 39.90 4.44
C ALA N 66 21.54 40.12 5.52
N LEU N 67 20.36 39.51 5.35
CA LEU N 67 19.32 39.68 6.36
C LEU N 67 19.75 39.09 7.72
N ILE N 68 20.12 37.82 7.71
CA ILE N 68 20.55 37.15 8.92
C ILE N 68 21.70 37.87 9.61
N LYS N 69 22.59 38.49 8.83
CA LYS N 69 23.72 39.20 9.40
C LYS N 69 23.32 40.41 10.24
N ASP N 70 22.31 41.13 9.76
CA ASP N 70 21.84 42.32 10.45
C ASP N 70 20.96 42.04 11.67
N ARG N 71 20.21 40.94 11.62
CA ARG N 71 19.33 40.59 12.73
C ARG N 71 20.06 40.41 14.03
N GLU N 72 19.45 40.90 15.10
CA GLU N 72 19.99 40.81 16.45
C GLU N 72 18.94 40.02 17.24
N GLY N 73 19.37 39.27 18.24
CA GLY N 73 18.41 38.49 19.00
C GLY N 73 17.61 39.28 20.03
N TYR N 74 16.29 39.12 20.02
CA TYR N 74 15.47 39.84 20.98
C TYR N 74 14.68 38.87 21.84
N ALA N 75 15.20 38.68 23.05
CA ALA N 75 14.62 37.81 24.06
C ALA N 75 15.17 38.36 25.37
N PRO N 76 14.44 39.33 25.94
CA PRO N 76 14.56 40.14 27.16
C PRO N 76 14.81 39.38 28.45
N GLY N 77 16.05 39.40 28.92
CA GLY N 77 16.40 38.69 30.14
C GLY N 77 17.55 37.74 29.90
N THR N 78 17.29 36.63 29.22
CA THR N 78 18.33 35.64 28.93
C THR N 78 19.58 36.22 28.26
N GLU N 79 20.53 35.32 28.05
CA GLU N 79 21.82 35.65 27.43
C GLU N 79 21.76 35.49 25.92
N PHE N 80 20.56 35.23 25.42
CA PHE N 80 20.31 35.08 23.99
C PHE N 80 19.97 36.46 23.45
N HIS N 81 19.64 37.35 24.38
CA HIS N 81 19.28 38.73 24.04
C HIS N 81 20.46 39.47 23.42
N ARG N 82 20.24 40.07 22.25
CA ARG N 82 21.27 40.83 21.57
C ARG N 82 22.42 39.96 21.10
N CYS N 83 22.09 38.77 20.63
CA CYS N 83 23.09 37.84 20.13
C CYS N 83 23.12 37.91 18.60
N LYS N 84 24.11 37.25 18.00
CA LYS N 84 24.24 37.24 16.55
C LYS N 84 24.20 35.82 15.99
N GLU N 85 24.19 35.74 14.67
CA GLU N 85 24.13 34.47 13.98
C GLU N 85 24.51 34.75 12.54
N MET N 86 25.11 33.76 11.87
CA MET N 86 25.52 33.96 10.48
C MET N 86 25.29 32.75 9.61
N SER N 87 24.56 32.95 8.50
CA SER N 87 24.25 31.87 7.58
C SER N 87 25.40 31.70 6.58
N GLU N 88 25.34 30.60 5.83
CA GLU N 88 26.37 30.30 4.85
C GLU N 88 25.74 29.40 3.79
N TYR N 89 26.46 29.19 2.68
CA TYR N 89 26.00 28.33 1.60
C TYR N 89 27.22 27.93 0.80
N CYS N 90 27.23 26.69 0.33
CA CYS N 90 28.35 26.22 -0.47
C CYS N 90 27.73 25.70 -1.77
N SER N 91 28.38 25.99 -2.89
CA SER N 91 27.84 25.55 -4.17
C SER N 91 28.77 24.84 -5.14
N THR N 92 28.16 24.02 -5.99
CA THR N 92 28.89 23.33 -7.03
C THR N 92 27.98 23.47 -8.22
N LEU N 93 27.10 24.46 -8.16
CA LEU N 93 26.20 24.72 -9.27
C LEU N 93 27.11 25.21 -10.38
N CYS N 94 26.69 25.03 -11.62
CA CYS N 94 27.51 25.45 -12.75
C CYS N 94 26.82 26.43 -13.69
N ARG N 95 25.65 26.91 -13.31
CA ARG N 95 24.89 27.86 -14.13
C ARG N 95 23.88 28.50 -13.19
N HIS N 96 23.46 29.73 -13.47
CA HIS N 96 22.48 30.39 -12.60
C HIS N 96 21.29 29.47 -12.36
N LEU N 97 20.73 29.49 -11.16
CA LEU N 97 19.58 28.65 -10.85
C LEU N 97 18.33 29.49 -10.55
N TYR N 98 17.56 29.81 -11.60
CA TYR N 98 16.35 30.61 -11.44
C TYR N 98 15.14 29.69 -11.28
N LEU N 99 14.30 29.96 -10.28
CA LEU N 99 13.12 29.14 -10.03
C LEU N 99 11.94 29.52 -10.92
N PHE N 100 12.12 30.54 -11.77
CA PHE N 100 11.07 31.02 -12.68
C PHE N 100 9.66 30.69 -12.20
N PRO N 101 9.25 31.26 -11.04
CA PRO N 101 7.92 31.02 -10.47
C PRO N 101 6.80 31.31 -11.45
N GLY N 102 5.79 30.44 -11.42
CA GLY N 102 4.68 30.60 -12.32
C GLY N 102 5.10 30.08 -13.67
N HIS N 103 4.89 30.91 -14.71
CA HIS N 103 5.24 30.55 -16.09
C HIS N 103 4.22 31.01 -17.16
N GLY O 15 7.22 50.31 -2.36
CA GLY O 15 8.46 51.12 -2.51
C GLY O 15 8.92 51.76 -1.22
N LYS O 16 9.81 51.06 -0.51
CA LYS O 16 10.35 51.55 0.76
C LYS O 16 11.88 51.41 0.79
N LYS O 17 12.56 52.55 0.74
CA LYS O 17 14.03 52.58 0.73
C LYS O 17 14.61 53.18 2.01
N LEU O 18 13.73 53.72 2.84
CA LEU O 18 14.13 54.37 4.09
C LEU O 18 14.54 53.47 5.25
N LEU O 19 13.79 52.38 5.44
CA LEU O 19 14.06 51.44 6.53
C LEU O 19 15.53 51.03 6.58
N GLU O 20 16.15 50.92 5.41
CA GLU O 20 17.54 50.51 5.33
C GLU O 20 18.44 51.75 5.40
N ALA O 21 17.82 52.91 5.21
CA ALA O 21 18.51 54.19 5.24
C ALA O 21 18.92 54.62 6.64
N ALA O 22 17.94 55.00 7.45
CA ALA O 22 18.19 55.45 8.82
C ALA O 22 19.20 54.59 9.59
N ARG O 23 18.94 53.27 9.66
CA ARG O 23 19.81 52.33 10.37
C ARG O 23 21.31 52.42 10.03
N ALA O 24 21.70 53.35 9.18
CA ALA O 24 23.10 53.50 8.82
C ALA O 24 23.67 54.69 9.56
N GLY O 25 22.79 55.65 9.86
CA GLY O 25 23.24 56.83 10.55
C GLY O 25 23.02 58.05 9.70
N GLN O 26 22.48 57.80 8.51
CA GLN O 26 22.23 58.84 7.52
C GLN O 26 21.46 60.05 8.01
N ASP O 27 22.17 60.99 8.64
CA ASP O 27 21.56 62.21 9.16
C ASP O 27 21.05 63.12 8.03
N ASP O 28 21.25 62.71 6.78
CA ASP O 28 20.81 63.49 5.62
C ASP O 28 19.80 62.80 4.70
N GLU O 29 20.22 61.71 4.08
CA GLU O 29 19.37 60.96 3.14
C GLU O 29 17.98 60.63 3.68
N VAL O 30 17.79 60.70 4.99
CA VAL O 30 16.47 60.41 5.56
C VAL O 30 15.51 61.61 5.32
N ARG O 31 16.06 62.81 5.38
CA ARG O 31 15.26 64.01 5.14
C ARG O 31 14.76 63.95 3.71
N ILE O 32 15.71 63.74 2.81
CA ILE O 32 15.44 63.67 1.39
C ILE O 32 14.33 62.66 1.09
N LEU O 33 14.55 61.41 1.48
CA LEU O 33 13.56 60.38 1.25
C LEU O 33 12.18 60.80 1.77
N MET O 34 12.16 61.45 2.94
CA MET O 34 10.89 61.90 3.51
C MET O 34 10.23 62.94 2.60
N ALA O 35 11.05 63.84 2.08
CA ALA O 35 10.57 64.89 1.19
C ALA O 35 9.87 64.30 -0.02
N ASN O 36 10.41 63.20 -0.54
CA ASN O 36 9.83 62.55 -1.72
C ASN O 36 8.56 61.76 -1.41
N GLY O 37 8.07 61.87 -0.18
CA GLY O 37 6.86 61.18 0.21
C GLY O 37 7.06 59.71 0.52
N ALA O 38 8.18 59.38 1.13
CA ALA O 38 8.47 57.99 1.48
C ALA O 38 7.46 57.51 2.51
N ASP O 39 6.99 56.27 2.42
CA ASP O 39 6.02 55.78 3.40
C ASP O 39 6.69 55.70 4.76
N VAL O 40 6.43 56.70 5.59
CA VAL O 40 7.03 56.76 6.90
C VAL O 40 6.49 55.66 7.82
N ASN O 41 5.99 54.57 7.23
CA ASN O 41 5.47 53.45 8.00
C ASN O 41 5.92 52.12 7.40
N ALA O 42 7.09 52.14 6.77
CA ALA O 42 7.64 50.93 6.16
C ALA O 42 8.13 49.93 7.21
N THR O 43 8.21 48.66 6.83
CA THR O 43 8.63 47.60 7.76
C THR O 43 9.67 46.64 7.17
N ASP O 44 10.46 45.97 8.02
CA ASP O 44 11.34 44.97 7.46
C ASP O 44 10.74 43.61 7.71
N TRP O 45 11.47 42.58 7.31
CA TRP O 45 11.04 41.20 7.46
C TRP O 45 10.86 40.83 8.94
N LEU O 46 11.24 41.76 9.82
CA LEU O 46 11.11 41.58 11.26
C LEU O 46 10.03 42.49 11.82
N GLY O 47 9.58 43.44 10.98
CA GLY O 47 8.53 44.36 11.39
C GLY O 47 8.97 45.75 11.84
N HIS O 48 10.27 45.95 12.01
CA HIS O 48 10.77 47.25 12.44
C HIS O 48 10.40 48.36 11.45
N THR O 49 10.25 49.57 11.97
CA THR O 49 9.92 50.72 11.13
C THR O 49 11.11 51.68 11.22
N PRO O 50 11.14 52.72 10.37
CA PRO O 50 12.27 53.64 10.43
C PRO O 50 12.48 54.13 11.86
N LEU O 51 11.41 54.63 12.46
CA LEU O 51 11.50 55.12 13.84
C LEU O 51 12.12 54.04 14.71
N HIS O 52 11.59 52.82 14.59
CA HIS O 52 12.10 51.67 15.34
C HIS O 52 13.61 51.56 15.20
N LEU O 53 14.06 51.38 13.96
CA LEU O 53 15.48 51.25 13.66
C LEU O 53 16.28 52.40 14.22
N ALA O 54 15.77 53.61 14.04
CA ALA O 54 16.45 54.79 14.54
C ALA O 54 16.48 54.74 16.07
N ALA O 55 15.33 54.43 16.66
CA ALA O 55 15.21 54.36 18.11
C ALA O 55 16.18 53.32 18.66
N LYS O 56 16.13 52.13 18.09
CA LYS O 56 17.00 51.08 18.56
C LYS O 56 18.49 51.36 18.43
N THR O 57 18.88 51.91 17.29
CA THR O 57 20.31 52.14 17.05
C THR O 57 20.83 53.43 17.68
N GLY O 58 19.91 54.33 18.02
CA GLY O 58 20.31 55.58 18.66
C GLY O 58 20.69 56.76 17.80
N HIS O 59 19.87 57.02 16.79
CA HIS O 59 20.11 58.14 15.90
C HIS O 59 19.01 59.14 16.16
N LEU O 60 19.18 59.83 17.28
CA LEU O 60 18.24 60.85 17.74
C LEU O 60 17.79 61.81 16.64
N GLU O 61 18.76 62.35 15.88
CA GLU O 61 18.46 63.29 14.81
C GLU O 61 17.46 62.78 13.79
N ILE O 62 17.53 61.51 13.46
CA ILE O 62 16.62 60.92 12.49
C ILE O 62 15.30 60.59 13.18
N VAL O 63 15.37 60.31 14.48
CA VAL O 63 14.20 59.99 15.28
C VAL O 63 13.32 61.23 15.38
N GLU O 64 13.98 62.37 15.38
CA GLU O 64 13.33 63.66 15.50
C GLU O 64 12.65 64.01 14.16
N VAL O 65 13.41 64.03 13.06
CA VAL O 65 12.85 64.34 11.75
C VAL O 65 11.77 63.33 11.35
N LEU O 66 11.90 62.10 11.84
CA LEU O 66 10.92 61.07 11.54
C LEU O 66 9.58 61.42 12.17
N LEU O 67 9.60 61.62 13.49
CA LEU O 67 8.39 61.97 14.22
C LEU O 67 7.65 63.12 13.53
N LYS O 68 8.41 64.06 12.96
CA LYS O 68 7.88 65.23 12.25
C LYS O 68 7.05 64.85 11.03
N TYR O 69 7.28 63.68 10.46
CA TYR O 69 6.50 63.31 9.29
C TYR O 69 5.38 62.34 9.64
N GLY O 70 4.66 62.68 10.70
CA GLY O 70 3.53 61.88 11.13
C GLY O 70 3.89 60.45 11.47
N ALA O 71 5.18 60.21 11.74
CA ALA O 71 5.62 58.86 12.09
C ALA O 71 4.91 58.35 13.34
N ASP O 72 4.38 57.13 13.24
CA ASP O 72 3.68 56.54 14.37
C ASP O 72 4.71 56.22 15.45
N VAL O 73 4.58 56.92 16.58
CA VAL O 73 5.50 56.72 17.70
C VAL O 73 5.14 55.51 18.56
N ASN O 74 3.94 54.97 18.38
CA ASN O 74 3.52 53.80 19.14
C ASN O 74 3.29 52.57 18.27
N ALA O 75 4.28 52.23 17.46
CA ALA O 75 4.22 51.06 16.57
C ALA O 75 4.98 49.90 17.21
N TRP O 76 4.68 48.69 16.75
CA TRP O 76 5.29 47.48 17.25
C TRP O 76 5.83 46.58 16.14
N ASP O 77 6.77 45.70 16.46
CA ASP O 77 7.33 44.77 15.49
C ASP O 77 6.85 43.37 15.73
N ASN O 78 7.35 42.44 14.93
CA ASN O 78 6.95 41.05 15.04
C ASN O 78 7.20 40.45 16.42
N TYR O 79 7.96 41.14 17.25
CA TYR O 79 8.18 40.63 18.60
C TYR O 79 7.19 41.36 19.53
N GLY O 80 6.61 42.46 19.02
CA GLY O 80 5.66 43.23 19.79
C GLY O 80 6.34 44.32 20.57
N ALA O 81 7.52 44.75 20.11
CA ALA O 81 8.25 45.80 20.79
C ALA O 81 7.90 47.17 20.22
N THR O 82 8.20 48.21 20.98
CA THR O 82 7.91 49.58 20.56
C THR O 82 9.20 50.39 20.49
N PRO O 83 9.19 51.48 19.70
CA PRO O 83 10.41 52.29 19.59
C PRO O 83 10.93 52.74 20.95
N LEU O 84 10.03 52.83 21.93
CA LEU O 84 10.44 53.19 23.29
C LEU O 84 11.19 51.97 23.84
N HIS O 85 10.54 50.81 23.72
CA HIS O 85 11.11 49.55 24.16
C HIS O 85 12.57 49.54 23.75
N LEU O 86 12.81 49.60 22.45
CA LEU O 86 14.16 49.55 21.89
C LEU O 86 15.05 50.69 22.35
N ALA O 87 14.47 51.89 22.42
CA ALA O 87 15.22 53.07 22.84
C ALA O 87 15.73 52.88 24.27
N ALA O 88 14.83 52.49 25.16
CA ALA O 88 15.17 52.27 26.56
C ALA O 88 16.09 51.06 26.70
N ASP O 89 15.74 49.97 25.98
CA ASP O 89 16.52 48.73 26.01
C ASP O 89 17.98 48.95 25.64
N ASN O 90 18.23 49.89 24.73
CA ASN O 90 19.60 50.13 24.32
C ASN O 90 20.22 51.36 24.96
N GLY O 91 19.56 51.90 25.97
CA GLY O 91 20.06 53.05 26.71
C GLY O 91 20.32 54.34 25.94
N HIS O 92 19.29 54.88 25.32
CA HIS O 92 19.45 56.12 24.59
C HIS O 92 18.48 57.12 25.20
N LEU O 93 18.86 57.61 26.37
CA LEU O 93 18.08 58.55 27.17
C LEU O 93 17.36 59.62 26.34
N GLU O 94 18.16 60.36 25.59
CA GLU O 94 17.72 61.44 24.72
C GLU O 94 16.43 61.07 23.96
N ILE O 95 16.51 60.03 23.15
CA ILE O 95 15.39 59.51 22.37
C ILE O 95 14.27 58.97 23.28
N VAL O 96 14.64 58.36 24.41
CA VAL O 96 13.65 57.84 25.35
C VAL O 96 12.76 58.99 25.76
N GLU O 97 13.38 60.15 26.00
CA GLU O 97 12.66 61.36 26.39
C GLU O 97 11.85 61.87 25.22
N VAL O 98 12.52 62.10 24.10
CA VAL O 98 11.86 62.58 22.89
C VAL O 98 10.66 61.71 22.54
N LEU O 99 10.86 60.38 22.53
CA LEU O 99 9.74 59.48 22.24
C LEU O 99 8.56 59.65 23.20
N LEU O 100 8.87 59.96 24.46
CA LEU O 100 7.91 60.15 25.53
C LEU O 100 7.12 61.42 25.36
N LYS O 101 7.79 62.53 25.08
CA LYS O 101 7.12 63.82 24.86
C LYS O 101 6.05 63.75 23.74
N HIS O 102 6.18 62.73 22.89
CA HIS O 102 5.24 62.56 21.79
C HIS O 102 4.11 61.58 22.08
N GLY O 103 4.02 61.17 23.35
CA GLY O 103 2.97 60.28 23.77
C GLY O 103 3.22 58.80 23.68
N ALA O 104 4.44 58.38 24.04
CA ALA O 104 4.81 56.98 24.00
C ALA O 104 4.15 56.24 25.15
N ASP O 105 3.58 55.08 24.85
CA ASP O 105 2.92 54.26 25.86
C ASP O 105 3.92 53.70 26.85
N VAL O 106 4.38 54.54 27.77
CA VAL O 106 5.33 54.13 28.79
C VAL O 106 5.02 52.77 29.45
N ASN O 107 3.76 52.35 29.37
CA ASN O 107 3.33 51.08 29.94
C ASN O 107 2.97 50.04 28.89
N ALA O 108 3.60 50.13 27.73
CA ALA O 108 3.37 49.20 26.64
C ALA O 108 4.05 47.88 26.92
N LYS O 109 3.43 46.79 26.46
CA LYS O 109 3.97 45.45 26.66
C LYS O 109 4.15 44.76 25.31
N ASP O 110 5.21 43.97 25.18
CA ASP O 110 5.44 43.23 23.92
C ASP O 110 4.67 41.92 23.97
N TYR O 111 4.68 41.19 22.86
CA TYR O 111 3.98 39.91 22.77
C TYR O 111 4.19 39.00 24.00
N GLU O 112 5.25 39.25 24.76
CA GLU O 112 5.52 38.45 25.95
C GLU O 112 5.47 39.21 27.28
N GLY O 113 4.87 40.40 27.26
CA GLY O 113 4.73 41.16 28.50
C GLY O 113 5.70 42.29 28.87
N PHE O 114 7.00 42.06 28.71
CA PHE O 114 7.99 43.07 29.07
C PHE O 114 7.59 44.50 28.70
N THR O 115 8.00 45.44 29.53
CA THR O 115 7.70 46.86 29.32
C THR O 115 9.01 47.64 29.32
N PRO O 116 9.02 48.85 28.75
CA PRO O 116 10.22 49.67 28.71
C PRO O 116 10.97 49.70 30.03
N LEU O 117 10.23 49.73 31.13
CA LEU O 117 10.84 49.77 32.45
C LEU O 117 11.71 48.53 32.66
N HIS O 118 11.15 47.36 32.34
CA HIS O 118 11.88 46.10 32.46
C HIS O 118 13.17 46.18 31.64
N LEU O 119 13.00 46.29 30.31
CA LEU O 119 14.14 46.37 29.40
C LEU O 119 15.15 47.39 29.89
N ALA O 120 14.67 48.50 30.44
CA ALA O 120 15.55 49.54 30.94
C ALA O 120 16.17 49.12 32.27
N ALA O 121 15.47 48.22 32.96
CA ALA O 121 15.95 47.73 34.25
C ALA O 121 16.93 46.59 34.06
N TYR O 122 16.54 45.59 33.28
CA TYR O 122 17.37 44.43 33.02
C TYR O 122 18.79 44.79 32.61
N ASP O 123 18.95 46.00 32.09
CA ASP O 123 20.26 46.48 31.65
C ASP O 123 20.89 47.46 32.64
N GLY O 124 20.15 47.77 33.69
CA GLY O 124 20.65 48.69 34.70
C GLY O 124 20.93 50.08 34.15
N HIS O 125 19.95 50.67 33.47
CA HIS O 125 20.14 52.00 32.92
C HIS O 125 19.56 53.07 33.84
N LEU O 126 20.40 53.62 34.69
CA LEU O 126 20.01 54.67 35.62
C LEU O 126 18.91 55.61 35.14
N GLU O 127 19.35 56.79 34.75
CA GLU O 127 18.50 57.88 34.26
C GLU O 127 17.34 57.42 33.35
N ILE O 128 17.54 56.34 32.61
CA ILE O 128 16.50 55.83 31.71
C ILE O 128 15.30 55.33 32.51
N VAL O 129 15.57 54.81 33.70
CA VAL O 129 14.51 54.32 34.58
C VAL O 129 13.84 55.52 35.21
N GLU O 130 14.66 56.46 35.68
CA GLU O 130 14.17 57.68 36.30
C GLU O 130 13.18 58.41 35.41
N VAL O 131 13.49 58.48 34.11
CA VAL O 131 12.62 59.16 33.15
C VAL O 131 11.36 58.36 32.79
N LEU O 132 11.46 57.03 32.76
CA LEU O 132 10.30 56.20 32.45
C LEU O 132 9.25 56.31 33.55
N LEU O 133 9.72 56.41 34.80
CA LEU O 133 8.81 56.55 35.96
C LEU O 133 7.96 57.79 35.75
N LYS O 134 8.65 58.91 35.67
CA LYS O 134 8.06 60.22 35.51
C LYS O 134 6.78 60.26 34.66
N TYR O 135 6.68 59.36 33.69
CA TYR O 135 5.52 59.34 32.80
C TYR O 135 4.51 58.24 33.19
N GLY O 136 4.45 57.94 34.49
CA GLY O 136 3.53 56.94 34.98
C GLY O 136 3.99 55.55 34.62
N ALA O 137 5.17 55.18 35.11
CA ALA O 137 5.71 53.85 34.83
C ALA O 137 5.18 52.90 35.88
N ASP O 138 4.37 51.94 35.45
CA ASP O 138 3.79 50.96 36.36
C ASP O 138 4.91 50.12 36.97
N VAL O 139 5.53 50.65 38.03
CA VAL O 139 6.61 49.96 38.73
C VAL O 139 6.13 48.63 39.31
N ASN O 140 4.85 48.35 39.12
CA ASN O 140 4.23 47.12 39.59
C ASN O 140 3.73 46.27 38.43
N ALA O 141 4.60 46.10 37.44
CA ALA O 141 4.31 45.30 36.26
C ALA O 141 5.10 44.00 36.35
N GLN O 142 4.47 42.91 35.96
CA GLN O 142 5.09 41.59 36.01
C GLN O 142 5.32 41.01 34.63
N ASP O 143 6.59 40.85 34.28
CA ASP O 143 6.92 40.29 32.99
C ASP O 143 6.59 38.81 33.07
N LYS O 144 7.04 38.03 32.10
CA LYS O 144 6.66 36.65 32.19
C LYS O 144 7.40 35.80 33.21
N PHE O 145 8.43 36.38 33.83
CA PHE O 145 9.17 35.69 34.89
C PHE O 145 8.55 36.01 36.26
N GLY O 146 7.52 36.85 36.28
CA GLY O 146 6.85 37.18 37.51
C GLY O 146 7.63 38.12 38.40
N LYS O 147 8.64 38.77 37.86
CA LYS O 147 9.45 39.72 38.62
C LYS O 147 9.10 41.15 38.23
N THR O 148 9.64 42.11 38.98
CA THR O 148 9.35 43.52 38.71
C THR O 148 10.63 44.34 38.61
N ALA O 149 10.52 45.57 38.12
CA ALA O 149 11.66 46.48 38.01
C ALA O 149 12.47 46.49 39.30
N PHE O 150 11.85 45.99 40.37
CA PHE O 150 12.47 45.94 41.68
C PHE O 150 13.39 44.73 41.78
N ASP O 151 12.78 43.55 41.71
CA ASP O 151 13.50 42.29 41.78
C ASP O 151 14.72 42.28 40.86
N ILE O 152 14.68 43.13 39.84
CA ILE O 152 15.77 43.20 38.89
C ILE O 152 16.95 44.07 39.35
N SER O 153 16.77 44.84 40.41
CA SER O 153 17.82 45.70 40.94
C SER O 153 18.75 44.86 41.81
N ILE O 154 18.15 43.99 42.61
CA ILE O 154 18.90 43.13 43.50
C ILE O 154 19.64 42.02 42.77
N ASP O 155 18.88 41.14 42.10
CA ASP O 155 19.46 40.04 41.37
C ASP O 155 20.69 40.45 40.56
N ASN O 156 20.54 41.48 39.74
CA ASN O 156 21.62 42.00 38.91
C ASN O 156 22.76 42.70 39.67
N GLY O 157 22.71 42.61 41.00
CA GLY O 157 23.76 43.22 41.81
C GLY O 157 23.95 44.70 41.59
N ASN O 158 22.86 45.39 41.27
CA ASN O 158 22.91 46.83 41.05
C ASN O 158 22.08 47.49 42.13
N GLU O 159 22.72 48.08 43.13
CA GLU O 159 21.91 48.68 44.19
C GLU O 159 21.59 50.16 44.03
N ASP O 160 22.35 50.89 43.19
CA ASP O 160 22.07 52.32 42.97
C ASP O 160 20.74 52.42 42.23
N LEU O 161 20.40 51.35 41.52
CA LEU O 161 19.19 51.25 40.72
C LEU O 161 17.92 51.08 41.55
N ALA O 162 18.09 50.73 42.82
CA ALA O 162 16.95 50.55 43.71
C ALA O 162 16.13 51.84 43.81
N GLU O 163 16.54 52.85 43.03
CA GLU O 163 15.86 54.16 42.99
C GLU O 163 14.37 54.07 43.29
N ILE O 164 13.64 53.50 42.34
CA ILE O 164 12.19 53.33 42.51
C ILE O 164 11.93 52.51 43.76
N LEU O 165 11.38 53.16 44.79
CA LEU O 165 11.10 52.48 46.05
C LEU O 165 9.64 52.26 46.42
N GLN O 166 9.16 53.03 47.40
CA GLN O 166 7.82 52.93 47.89
C GLN O 166 7.78 51.60 48.65
N LEU P 10 47.25 35.72 -17.95
CA LEU P 10 48.04 36.92 -18.34
C LEU P 10 47.21 38.20 -18.19
N GLN P 11 47.37 39.13 -19.14
CA GLN P 11 46.66 40.41 -19.13
C GLN P 11 45.24 40.31 -18.56
N VAL P 12 44.79 41.39 -17.92
CA VAL P 12 43.45 41.46 -17.33
C VAL P 12 42.59 42.53 -17.99
N LYS P 13 41.47 42.13 -18.58
CA LYS P 13 40.58 43.08 -19.24
C LYS P 13 40.03 44.16 -18.34
N PRO P 14 40.16 45.42 -18.77
CA PRO P 14 39.67 46.58 -18.00
C PRO P 14 38.22 46.87 -18.36
N CYS P 15 37.31 46.63 -17.41
CA CYS P 15 35.89 46.86 -17.64
C CYS P 15 35.58 48.29 -18.12
N THR P 16 34.92 48.38 -19.27
CA THR P 16 34.56 49.66 -19.86
C THR P 16 33.76 50.54 -18.88
N PRO P 17 33.82 51.87 -19.04
CA PRO P 17 33.11 52.84 -18.19
C PRO P 17 31.70 52.45 -17.80
N GLU P 18 31.15 51.45 -18.47
CA GLU P 18 29.80 50.98 -18.18
C GLU P 18 29.83 49.98 -17.03
N PHE P 19 30.64 48.93 -17.19
CA PHE P 19 30.76 47.89 -16.17
C PHE P 19 31.49 48.41 -14.93
N TYR P 20 30.98 49.49 -14.34
CA TYR P 20 31.62 50.05 -13.15
C TYR P 20 30.75 51.03 -12.38
N GLN P 21 29.82 51.70 -13.06
CA GLN P 21 28.95 52.67 -12.40
C GLN P 21 27.52 52.17 -12.24
N THR P 22 27.26 50.97 -12.74
CA THR P 22 25.92 50.38 -12.64
C THR P 22 25.92 49.17 -11.70
N HIS P 23 27.03 48.43 -11.67
CA HIS P 23 27.18 47.26 -10.79
C HIS P 23 27.65 47.77 -9.43
N PHE P 24 28.48 48.81 -9.46
CA PHE P 24 29.00 49.44 -8.24
C PHE P 24 27.84 49.47 -7.27
N GLN P 25 26.71 49.95 -7.78
CA GLN P 25 25.45 50.07 -7.05
C GLN P 25 25.43 49.18 -5.80
N LEU P 26 24.93 47.96 -5.96
CA LEU P 26 24.83 47.02 -4.86
C LEU P 26 26.05 46.12 -4.80
N ALA P 27 27.11 46.61 -4.15
CA ALA P 27 28.34 45.84 -4.02
C ALA P 27 29.16 46.37 -2.86
N TYR P 28 30.43 45.98 -2.80
CA TYR P 28 31.32 46.42 -1.74
C TYR P 28 32.14 47.64 -2.20
N ARG P 29 32.65 48.41 -1.25
CA ARG P 29 33.46 49.59 -1.58
C ARG P 29 34.85 49.11 -1.95
N LEU P 30 35.00 48.68 -3.20
CA LEU P 30 36.28 48.15 -3.69
C LEU P 30 36.89 48.77 -4.97
N GLN P 31 37.72 49.80 -4.74
CA GLN P 31 38.43 50.53 -5.78
C GLN P 31 39.66 51.21 -5.16
N SER P 32 40.18 50.62 -4.09
CA SER P 32 41.35 51.15 -3.39
C SER P 32 42.61 50.72 -4.11
N ARG P 33 43.70 51.44 -3.87
CA ARG P 33 44.98 51.10 -4.49
C ARG P 33 46.06 51.05 -3.42
N PRO P 34 46.63 49.85 -3.18
CA PRO P 34 46.30 48.59 -3.84
C PRO P 34 44.85 48.20 -3.59
N ARG P 35 44.39 47.16 -4.28
CA ARG P 35 43.02 46.70 -4.11
C ARG P 35 42.94 45.79 -2.88
N GLY P 36 44.08 45.64 -2.21
CA GLY P 36 44.15 44.80 -1.03
C GLY P 36 45.42 43.97 -1.06
N LEU P 37 45.71 43.25 0.01
CA LEU P 37 46.91 42.43 0.04
C LEU P 37 46.60 40.99 -0.33
N ALA P 38 47.50 40.36 -1.04
CA ALA P 38 47.33 38.98 -1.46
C ALA P 38 48.53 38.17 -0.98
N LEU P 39 48.27 37.00 -0.44
CA LEU P 39 49.32 36.11 0.05
C LEU P 39 49.25 34.78 -0.71
N VAL P 40 50.37 34.36 -1.28
CA VAL P 40 50.38 33.12 -2.04
C VAL P 40 51.28 32.01 -1.47
N LEU P 41 50.99 31.61 -0.23
CA LEU P 41 51.77 30.57 0.43
C LEU P 41 51.62 29.24 -0.31
N SER P 42 52.74 28.66 -0.75
CA SER P 42 52.66 27.38 -1.47
C SER P 42 53.81 26.42 -1.15
N ASN P 43 53.47 25.24 -0.63
CA ASN P 43 54.48 24.24 -0.28
C ASN P 43 54.92 23.35 -1.45
N VAL P 44 56.15 23.56 -1.93
CA VAL P 44 56.68 22.77 -3.04
C VAL P 44 57.43 21.58 -2.46
N HIS P 45 58.67 21.82 -2.05
CA HIS P 45 59.54 20.79 -1.47
C HIS P 45 59.00 20.37 -0.09
N PHE P 46 59.15 19.09 0.24
CA PHE P 46 58.69 18.59 1.54
C PHE P 46 59.86 17.96 2.28
N THR P 47 60.35 18.69 3.29
CA THR P 47 61.52 18.29 4.09
C THR P 47 61.31 17.17 5.12
N GLY P 48 60.47 17.44 6.12
CA GLY P 48 60.21 16.47 7.18
C GLY P 48 59.83 15.05 6.77
N GLU P 49 59.60 14.21 7.78
CA GLU P 49 59.22 12.81 7.59
C GLU P 49 58.43 12.54 6.31
N LYS P 50 58.82 11.49 5.58
CA LYS P 50 58.15 11.14 4.33
C LYS P 50 56.69 10.79 4.51
N GLU P 51 55.92 11.05 3.46
CA GLU P 51 54.48 10.81 3.43
C GLU P 51 53.97 11.32 2.08
N LEU P 52 53.79 12.63 1.97
CA LEU P 52 53.35 13.23 0.71
C LEU P 52 54.57 13.46 -0.17
N GLU P 53 54.39 13.34 -1.48
CA GLU P 53 55.51 13.55 -2.40
C GLU P 53 55.71 15.02 -2.74
N PHE P 54 56.64 15.28 -3.64
CA PHE P 54 56.94 16.63 -4.07
C PHE P 54 55.80 17.17 -4.93
N ARG P 55 55.47 18.44 -4.77
CA ARG P 55 54.40 19.07 -5.56
C ARG P 55 54.89 19.56 -6.91
N SER P 56 54.96 18.62 -7.87
CA SER P 56 55.42 18.91 -9.22
C SER P 56 54.45 19.81 -9.98
N GLY P 57 54.98 20.90 -10.52
CA GLY P 57 54.13 21.84 -11.23
C GLY P 57 53.59 22.83 -10.23
N GLY P 58 53.91 22.61 -8.96
CA GLY P 58 53.46 23.49 -7.90
C GLY P 58 54.06 24.86 -8.08
N ASP P 59 55.11 24.93 -8.90
CA ASP P 59 55.81 26.17 -9.16
C ASP P 59 55.05 27.00 -10.21
N VAL P 60 54.40 26.31 -11.15
CA VAL P 60 53.63 26.97 -12.19
C VAL P 60 52.40 27.60 -11.54
N ASP P 61 51.72 26.81 -10.73
CA ASP P 61 50.53 27.28 -10.02
C ASP P 61 50.90 28.54 -9.24
N HIS P 62 51.97 28.44 -8.46
CA HIS P 62 52.46 29.55 -7.66
C HIS P 62 52.65 30.80 -8.52
N SER P 63 53.33 30.65 -9.65
CA SER P 63 53.56 31.77 -10.54
C SER P 63 52.27 32.27 -11.17
N THR P 64 51.49 31.36 -11.75
CA THR P 64 50.22 31.72 -12.38
C THR P 64 49.37 32.59 -11.46
N LEU P 65 49.31 32.22 -10.18
CA LEU P 65 48.55 32.99 -9.20
C LEU P 65 49.21 34.32 -8.84
N VAL P 66 50.51 34.30 -8.54
CA VAL P 66 51.23 35.52 -8.19
C VAL P 66 50.99 36.59 -9.25
N THR P 67 51.20 36.22 -10.50
CA THR P 67 50.99 37.14 -11.62
C THR P 67 49.56 37.65 -11.64
N LEU P 68 48.63 36.69 -11.70
CA LEU P 68 47.20 36.98 -11.74
C LEU P 68 46.76 37.97 -10.65
N PHE P 69 47.12 37.68 -9.40
CA PHE P 69 46.74 38.57 -8.31
C PHE P 69 47.41 39.93 -8.45
N LYS P 70 48.54 39.93 -9.15
CA LYS P 70 49.32 41.15 -9.38
C LYS P 70 48.69 42.06 -10.43
N LEU P 71 48.11 41.47 -11.48
CA LEU P 71 47.46 42.23 -12.56
C LEU P 71 46.04 42.66 -12.13
N LEU P 72 45.56 42.06 -11.05
CA LEU P 72 44.25 42.38 -10.54
C LEU P 72 44.39 43.59 -9.63
N GLY P 73 45.63 44.01 -9.41
CA GLY P 73 45.90 45.15 -8.57
C GLY P 73 46.07 44.85 -7.09
N TYR P 74 46.84 43.80 -6.78
CA TYR P 74 47.05 43.42 -5.39
C TYR P 74 48.51 43.42 -4.96
N ASP P 75 48.80 44.13 -3.88
CA ASP P 75 50.15 44.19 -3.31
C ASP P 75 50.33 42.76 -2.79
N VAL P 76 50.84 41.88 -3.64
CA VAL P 76 51.00 40.49 -3.25
C VAL P 76 52.30 40.09 -2.59
N HIS P 77 52.18 39.27 -1.55
CA HIS P 77 53.33 38.76 -0.82
C HIS P 77 53.50 37.31 -1.25
N VAL P 78 54.41 36.59 -0.61
CA VAL P 78 54.64 35.18 -0.94
C VAL P 78 55.40 34.45 0.15
N LEU P 79 55.20 33.15 0.21
CA LEU P 79 55.87 32.29 1.18
C LEU P 79 56.00 30.94 0.49
N CYS P 80 57.10 30.25 0.71
CA CYS P 80 57.30 28.95 0.08
C CYS P 80 57.83 27.92 1.06
N ASP P 81 57.52 26.66 0.78
CA ASP P 81 57.96 25.55 1.61
C ASP P 81 57.99 25.93 3.10
N GLN P 82 56.81 26.03 3.68
CA GLN P 82 56.68 26.39 5.08
C GLN P 82 56.17 25.22 5.90
N THR P 83 56.36 25.30 7.20
CA THR P 83 55.91 24.26 8.11
C THR P 83 54.55 24.67 8.67
N ALA P 84 53.77 23.67 9.08
CA ALA P 84 52.46 23.93 9.64
C ALA P 84 52.53 25.11 10.61
N GLN P 85 53.39 25.01 11.61
CA GLN P 85 53.52 26.08 12.61
C GLN P 85 53.90 27.42 11.98
N GLU P 86 54.84 27.40 11.05
CA GLU P 86 55.27 28.62 10.39
C GLU P 86 54.10 29.33 9.70
N MET P 87 53.21 28.54 9.11
CA MET P 87 52.05 29.08 8.40
C MET P 87 51.10 29.84 9.31
N GLN P 88 50.63 29.18 10.37
CA GLN P 88 49.71 29.83 11.30
C GLN P 88 50.36 31.08 11.86
N GLU P 89 51.68 31.01 12.03
CA GLU P 89 52.48 32.09 12.56
C GLU P 89 52.59 33.25 11.58
N LYS P 90 53.01 32.95 10.35
CA LYS P 90 53.15 34.00 9.35
C LYS P 90 51.81 34.46 8.76
N LEU P 91 50.81 33.58 8.81
CA LEU P 91 49.49 33.92 8.31
C LEU P 91 48.87 34.96 9.23
N GLN P 92 49.00 34.73 10.53
CA GLN P 92 48.46 35.66 11.51
C GLN P 92 49.11 37.02 11.33
N ASN P 93 50.39 37.02 10.99
CA ASN P 93 51.10 38.29 10.77
C ASN P 93 50.52 38.99 9.56
N PHE P 94 50.37 38.25 8.46
CA PHE P 94 49.81 38.80 7.24
C PHE P 94 48.44 39.40 7.57
N ALA P 95 47.71 38.70 8.43
CA ALA P 95 46.38 39.14 8.82
C ALA P 95 46.40 40.45 9.61
N GLN P 96 47.43 40.64 10.42
CA GLN P 96 47.54 41.84 11.23
C GLN P 96 48.08 43.05 10.49
N LEU P 97 49.04 42.84 9.59
CA LEU P 97 49.65 43.93 8.81
C LEU P 97 48.74 45.15 8.72
N PRO P 98 49.17 46.27 9.31
CA PRO P 98 48.45 47.56 9.35
C PRO P 98 47.92 48.09 8.02
N ALA P 99 48.46 47.58 6.92
CA ALA P 99 48.03 48.04 5.61
C ALA P 99 46.54 47.80 5.36
N HIS P 100 46.05 46.64 5.77
CA HIS P 100 44.64 46.28 5.56
C HIS P 100 43.65 47.40 5.88
N ARG P 101 44.04 48.30 6.78
CA ARG P 101 43.16 49.40 7.17
C ARG P 101 42.77 50.30 5.99
N VAL P 102 43.69 50.48 5.05
CA VAL P 102 43.44 51.33 3.90
C VAL P 102 42.90 50.60 2.65
N THR P 103 43.17 49.30 2.56
CA THR P 103 42.70 48.51 1.42
C THR P 103 41.22 48.14 1.54
N ASP P 104 40.62 47.67 0.46
CA ASP P 104 39.20 47.31 0.48
C ASP P 104 38.87 45.81 0.44
N SER P 105 39.89 44.99 0.34
CA SER P 105 39.69 43.55 0.29
C SER P 105 40.99 42.82 0.58
N CYS P 106 40.90 41.49 0.68
CA CYS P 106 42.07 40.67 0.96
C CYS P 106 42.00 39.32 0.24
N ILE P 107 43.14 38.85 -0.26
CA ILE P 107 43.22 37.59 -0.96
C ILE P 107 44.29 36.73 -0.32
N VAL P 108 44.06 35.43 -0.27
CA VAL P 108 45.04 34.51 0.30
C VAL P 108 44.91 33.18 -0.40
N ALA P 109 45.99 32.72 -1.00
CA ALA P 109 45.97 31.44 -1.69
C ALA P 109 46.88 30.46 -0.98
N LEU P 110 46.33 29.32 -0.57
CA LEU P 110 47.13 28.32 0.10
C LEU P 110 47.19 27.11 -0.82
N LEU P 111 48.39 26.82 -1.30
CA LEU P 111 48.58 25.68 -2.20
C LEU P 111 49.58 24.74 -1.55
N SER P 112 49.18 23.48 -1.40
CA SER P 112 50.03 22.48 -0.78
C SER P 112 49.30 21.14 -0.79
N HIS P 113 49.85 20.17 -0.07
CA HIS P 113 49.19 18.88 0.03
C HIS P 113 48.23 19.06 1.19
N GLY P 114 47.27 18.15 1.33
CA GLY P 114 46.33 18.30 2.42
C GLY P 114 45.35 17.16 2.57
N VAL P 115 44.37 17.40 3.43
CA VAL P 115 43.31 16.44 3.71
C VAL P 115 42.08 17.26 4.06
N GLU P 116 40.95 16.60 4.22
CA GLU P 116 39.73 17.30 4.56
C GLU P 116 39.91 18.27 5.73
N GLY P 117 39.63 19.54 5.49
CA GLY P 117 39.72 20.52 6.56
C GLY P 117 41.07 21.13 6.86
N ALA P 118 42.16 20.53 6.39
CA ALA P 118 43.47 21.10 6.67
C ALA P 118 44.49 20.87 5.57
N ILE P 119 45.59 21.62 5.63
CA ILE P 119 46.66 21.49 4.66
C ILE P 119 47.97 21.11 5.34
N TYR P 120 48.78 20.32 4.62
CA TYR P 120 50.07 19.90 5.14
C TYR P 120 51.13 20.98 4.92
N GLY P 121 52.07 21.06 5.85
CA GLY P 121 53.16 22.01 5.70
C GLY P 121 54.33 21.15 5.27
N VAL P 122 55.40 21.76 4.77
CA VAL P 122 56.56 20.99 4.36
C VAL P 122 57.01 20.19 5.58
N ASP P 123 56.57 20.66 6.73
CA ASP P 123 56.86 20.08 8.02
C ASP P 123 56.28 18.68 8.19
N GLY P 124 55.22 18.38 7.43
CA GLY P 124 54.58 17.09 7.54
C GLY P 124 53.40 17.16 8.49
N LYS P 125 53.34 18.26 9.23
CA LYS P 125 52.26 18.50 10.18
C LYS P 125 51.12 19.28 9.51
N LEU P 126 49.94 19.23 10.13
CA LEU P 126 48.76 19.90 9.58
C LEU P 126 48.41 21.24 10.19
N LEU P 127 47.59 21.99 9.47
CA LEU P 127 47.10 23.30 9.89
C LEU P 127 45.64 23.35 9.47
N GLN P 128 44.75 23.27 10.46
CA GLN P 128 43.31 23.29 10.19
C GLN P 128 42.91 24.56 9.44
N LEU P 129 42.23 24.38 8.32
CA LEU P 129 41.77 25.50 7.50
C LEU P 129 40.83 26.38 8.31
N GLN P 130 40.13 25.78 9.27
CA GLN P 130 39.20 26.53 10.08
C GLN P 130 40.00 27.52 10.91
N GLU P 131 41.18 27.10 11.34
CA GLU P 131 42.07 27.95 12.12
C GLU P 131 42.52 29.13 11.25
N VAL P 132 42.78 28.85 9.97
CA VAL P 132 43.22 29.86 9.02
C VAL P 132 42.21 30.98 8.90
N PHE P 133 40.97 30.63 8.60
CA PHE P 133 39.91 31.61 8.44
C PHE P 133 39.73 32.44 9.70
N GLN P 134 39.71 31.77 10.84
CA GLN P 134 39.54 32.47 12.12
C GLN P 134 40.42 33.72 12.16
N LEU P 135 41.68 33.56 11.76
CA LEU P 135 42.63 34.67 11.80
C LEU P 135 42.14 35.90 11.08
N PHE P 136 41.23 35.74 10.13
CA PHE P 136 40.73 36.89 9.38
C PHE P 136 39.28 37.27 9.67
N ASP P 137 38.68 36.70 10.72
CA ASP P 137 37.28 37.02 11.00
C ASP P 137 37.08 38.46 11.50
N ASN P 138 35.90 38.74 12.06
CA ASN P 138 35.61 40.07 12.54
C ASN P 138 36.18 40.36 13.92
N ALA P 139 36.69 39.34 14.59
CA ALA P 139 37.27 39.52 15.91
C ALA P 139 38.77 39.70 15.81
N ASN P 140 39.46 38.62 15.46
CA ASN P 140 40.91 38.61 15.33
C ASN P 140 41.52 39.55 14.29
N CYS P 141 40.72 40.05 13.36
CA CYS P 141 41.21 40.96 12.33
C CYS P 141 40.25 42.14 12.07
N PRO P 142 40.04 42.99 13.08
CA PRO P 142 39.14 44.14 12.95
C PRO P 142 39.49 45.10 11.81
N SER P 143 40.76 45.11 11.41
CA SER P 143 41.20 45.98 10.33
C SER P 143 40.64 45.57 8.96
N LEU P 144 39.87 44.48 8.93
CA LEU P 144 39.30 43.99 7.68
C LEU P 144 37.78 43.77 7.68
N GLN P 145 37.11 44.23 8.74
CA GLN P 145 35.66 44.04 8.86
C GLN P 145 34.90 44.62 7.68
N ASN P 146 33.82 43.94 7.29
CA ASN P 146 32.96 44.37 6.19
C ASN P 146 33.69 44.45 4.85
N LYS P 147 34.91 43.95 4.81
CA LYS P 147 35.70 43.95 3.57
C LYS P 147 35.77 42.51 3.05
N PRO P 148 35.37 42.29 1.79
CA PRO P 148 35.42 40.94 1.23
C PRO P 148 36.81 40.32 1.37
N LYS P 149 36.86 39.06 1.74
CA LYS P 149 38.14 38.37 1.89
C LYS P 149 38.08 37.02 1.15
N MET P 150 38.73 36.97 0.00
CA MET P 150 38.73 35.75 -0.78
C MET P 150 39.82 34.80 -0.33
N PHE P 151 39.55 33.50 -0.49
CA PHE P 151 40.51 32.46 -0.14
C PHE P 151 40.53 31.50 -1.32
N PHE P 152 41.71 31.00 -1.64
CA PHE P 152 41.87 30.10 -2.75
C PHE P 152 42.75 28.94 -2.29
N ILE P 153 42.09 27.96 -1.68
CA ILE P 153 42.75 26.77 -1.17
C ILE P 153 42.90 25.67 -2.21
N GLN P 154 44.06 25.63 -2.86
CA GLN P 154 44.35 24.63 -3.89
C GLN P 154 45.05 23.46 -3.21
N ALA P 155 44.45 22.99 -2.11
CA ALA P 155 45.02 21.87 -1.38
C ALA P 155 44.27 20.61 -1.77
N CYS P 156 44.99 19.49 -1.82
CA CYS P 156 44.39 18.22 -2.17
C CYS P 156 43.41 17.86 -1.05
N ARG P 157 43.15 16.56 -0.86
CA ARG P 157 42.24 16.14 0.19
C ARG P 157 42.01 14.64 0.33
N GLY P 158 42.97 13.83 -0.12
CA GLY P 158 42.80 12.39 0.02
C GLY P 158 43.38 11.42 -0.99
N ASP P 159 42.70 10.29 -1.14
CA ASP P 159 43.09 9.20 -2.04
C ASP P 159 42.17 9.17 -3.26
N GLU P 160 41.04 8.49 -3.12
CA GLU P 160 40.02 8.35 -4.17
C GLU P 160 40.07 9.43 -5.25
N THR P 161 40.74 9.13 -6.37
CA THR P 161 40.87 10.07 -7.48
C THR P 161 39.69 9.98 -8.46
N ASP P 162 38.54 10.50 -8.05
CA ASP P 162 37.31 10.50 -8.86
C ASP P 162 37.45 10.01 -10.30
N ARG P 163 36.99 8.79 -10.55
CA ARG P 163 37.07 8.22 -11.90
C ARG P 163 35.92 8.68 -12.80
N GLY P 164 35.12 9.63 -12.30
CA GLY P 164 34.02 10.11 -13.10
C GLY P 164 32.92 9.07 -13.15
N VAL P 165 31.80 9.41 -13.81
CA VAL P 165 30.68 8.48 -13.92
C VAL P 165 29.82 8.72 -15.16
N ASP P 166 29.56 7.69 -15.96
CA ASP P 166 28.77 7.80 -17.17
C ASP P 166 27.31 8.24 -16.90
N GLN P 167 26.74 8.99 -17.85
CA GLN P 167 25.39 9.56 -17.75
C GLN P 167 24.18 8.65 -17.98
N LEU Q 12 27.25 42.62 15.19
CA LEU Q 12 27.96 41.89 14.09
C LEU Q 12 28.44 40.53 14.58
N PRO Q 13 28.36 39.50 13.73
CA PRO Q 13 28.76 38.12 14.03
C PRO Q 13 30.27 37.94 14.11
N THR Q 14 30.72 36.91 14.81
CA THR Q 14 32.16 36.66 14.94
C THR Q 14 32.85 36.49 13.58
N ARG Q 15 32.15 35.85 12.65
CA ARG Q 15 32.69 35.64 11.31
C ARG Q 15 31.65 35.92 10.22
N SER Q 16 32.11 36.53 9.13
CA SER Q 16 31.22 36.83 8.01
C SER Q 16 31.95 37.57 6.89
N ASP Q 17 31.26 37.70 5.76
CA ASP Q 17 31.78 38.40 4.60
C ASP Q 17 33.01 37.72 4.02
N MET Q 18 33.01 36.40 4.06
CA MET Q 18 34.12 35.65 3.51
C MET Q 18 33.64 34.85 2.30
N ILE Q 19 34.57 34.24 1.58
CA ILE Q 19 34.23 33.42 0.44
C ILE Q 19 35.43 32.59 0.07
N CYS Q 20 35.30 31.28 0.25
CA CYS Q 20 36.41 30.40 -0.06
C CYS Q 20 36.15 29.48 -1.24
N GLY Q 21 37.13 29.38 -2.13
CA GLY Q 21 37.00 28.52 -3.28
C GLY Q 21 37.91 27.33 -3.09
N TYR Q 22 37.40 26.14 -3.37
CA TYR Q 22 38.19 24.92 -3.23
C TYR Q 22 38.40 24.29 -4.59
N ALA Q 23 39.61 23.80 -4.84
CA ALA Q 23 39.95 23.17 -6.11
C ALA Q 23 39.27 21.81 -6.29
N CYS Q 24 39.04 21.11 -5.19
CA CYS Q 24 38.40 19.81 -5.26
C CYS Q 24 37.41 19.60 -4.14
N LEU Q 25 36.56 18.59 -4.29
CA LEU Q 25 35.55 18.27 -3.29
C LEU Q 25 36.16 17.50 -2.13
N LYS Q 26 35.32 17.18 -1.15
CA LYS Q 26 35.75 16.42 0.02
C LYS Q 26 36.12 15.00 -0.38
N GLY Q 27 37.31 14.57 0.04
CA GLY Q 27 37.75 13.22 -0.27
C GLY Q 27 38.51 13.05 -1.58
N THR Q 28 38.13 13.82 -2.60
CA THR Q 28 38.79 13.74 -3.90
C THR Q 28 40.08 14.53 -3.96
N ALA Q 29 40.84 14.34 -5.05
CA ALA Q 29 42.11 15.04 -5.23
C ALA Q 29 42.09 16.03 -6.38
N ALA Q 30 43.23 16.69 -6.54
CA ALA Q 30 43.47 17.68 -7.59
C ALA Q 30 44.50 17.15 -8.58
N MET Q 31 44.17 17.20 -9.87
CA MET Q 31 45.06 16.71 -10.93
C MET Q 31 46.11 17.76 -11.25
N ARG Q 32 47.37 17.45 -11.00
CA ARG Q 32 48.45 18.40 -11.25
C ARG Q 32 49.16 18.11 -12.58
N ASN Q 33 49.55 19.17 -13.29
CA ASN Q 33 50.25 18.96 -14.55
C ASN Q 33 51.53 19.78 -14.58
N THR Q 34 52.65 19.08 -14.74
CA THR Q 34 53.98 19.68 -14.78
C THR Q 34 54.17 20.88 -15.72
N LYS Q 35 53.30 21.02 -16.72
CA LYS Q 35 53.43 22.13 -17.66
C LYS Q 35 52.33 23.17 -17.61
N ARG Q 36 51.11 22.76 -17.26
CA ARG Q 36 49.98 23.69 -17.19
C ARG Q 36 49.58 24.05 -15.75
N GLY Q 37 49.94 23.20 -14.80
CA GLY Q 37 49.59 23.44 -13.41
C GLY Q 37 48.33 22.71 -13.02
N SER Q 38 47.63 23.22 -12.02
CA SER Q 38 46.38 22.62 -11.55
C SER Q 38 45.20 23.22 -12.32
N TRP Q 39 44.20 22.40 -12.61
CA TRP Q 39 43.01 22.84 -13.34
C TRP Q 39 42.32 24.02 -12.66
N TYR Q 40 42.17 23.92 -11.35
CA TYR Q 40 41.51 24.99 -10.62
C TYR Q 40 42.20 26.32 -10.89
N ILE Q 41 43.52 26.37 -10.75
CA ILE Q 41 44.25 27.61 -10.97
C ILE Q 41 44.07 28.12 -12.40
N GLU Q 42 44.17 27.22 -13.39
CA GLU Q 42 43.98 27.62 -14.78
C GLU Q 42 42.61 28.25 -14.94
N ALA Q 43 41.58 27.44 -14.64
CA ALA Q 43 40.19 27.90 -14.72
C ALA Q 43 40.03 29.23 -13.99
N LEU Q 44 40.66 29.33 -12.82
CA LEU Q 44 40.58 30.54 -12.04
C LEU Q 44 41.14 31.72 -12.82
N ALA Q 45 42.41 31.59 -13.23
CA ALA Q 45 43.09 32.63 -14.00
C ALA Q 45 42.34 33.00 -15.27
N GLN Q 46 41.73 31.99 -15.89
CA GLN Q 46 40.97 32.19 -17.11
C GLN Q 46 39.72 33.03 -16.87
N VAL Q 47 38.76 32.47 -16.15
CA VAL Q 47 37.50 33.17 -15.86
C VAL Q 47 37.66 34.53 -15.19
N PHE Q 48 38.62 34.65 -14.27
CA PHE Q 48 38.83 35.91 -13.58
C PHE Q 48 39.30 37.03 -14.51
N SER Q 49 40.35 36.75 -15.26
CA SER Q 49 40.90 37.74 -16.19
C SER Q 49 39.86 38.14 -17.23
N GLU Q 50 39.16 37.14 -17.75
CA GLU Q 50 38.16 37.37 -18.77
C GLU Q 50 36.87 38.04 -18.32
N ARG Q 51 36.31 37.62 -17.17
CA ARG Q 51 35.05 38.19 -16.71
C ARG Q 51 35.06 39.07 -15.45
N ALA Q 52 36.22 39.24 -14.83
CA ALA Q 52 36.28 40.07 -13.62
C ALA Q 52 35.64 41.43 -13.88
N CYS Q 53 35.60 41.81 -15.16
CA CYS Q 53 35.05 43.09 -15.56
C CYS Q 53 33.53 43.20 -15.46
N ASP Q 54 32.81 42.12 -15.73
CA ASP Q 54 31.36 42.21 -15.67
C ASP Q 54 30.70 41.11 -14.84
N MET Q 55 31.52 40.33 -14.15
CA MET Q 55 31.02 39.22 -13.33
C MET Q 55 31.57 39.25 -11.91
N HIS Q 56 30.71 39.08 -10.91
CA HIS Q 56 31.18 39.11 -9.53
C HIS Q 56 31.74 37.77 -9.04
N VAL Q 57 32.81 37.86 -8.25
CA VAL Q 57 33.51 36.70 -7.69
C VAL Q 57 32.64 35.49 -7.41
N ALA Q 58 31.49 35.72 -6.79
CA ALA Q 58 30.59 34.62 -6.46
C ALA Q 58 30.09 33.89 -7.71
N ASP Q 59 29.80 34.66 -8.77
CA ASP Q 59 29.33 34.07 -10.02
C ASP Q 59 30.47 33.53 -10.89
N MET Q 60 31.65 34.14 -10.79
CA MET Q 60 32.76 33.68 -11.60
C MET Q 60 33.18 32.29 -11.14
N LEU Q 61 33.06 32.05 -9.83
CA LEU Q 61 33.42 30.75 -9.29
C LEU Q 61 32.45 29.73 -9.84
N VAL Q 62 31.22 30.17 -10.11
CA VAL Q 62 30.21 29.29 -10.69
C VAL Q 62 30.68 28.92 -12.10
N LYS Q 63 31.32 29.89 -12.75
CA LYS Q 63 31.86 29.68 -14.08
C LYS Q 63 32.98 28.65 -13.95
N VAL Q 64 33.94 28.93 -13.05
CA VAL Q 64 35.05 28.01 -12.83
C VAL Q 64 34.53 26.60 -12.58
N ASN Q 65 33.42 26.52 -11.87
CA ASN Q 65 32.81 25.23 -11.59
C ASN Q 65 32.44 24.58 -12.92
N ALA Q 66 31.72 25.33 -13.73
CA ALA Q 66 31.29 24.86 -15.04
C ALA Q 66 32.48 24.36 -15.86
N LEU Q 67 33.57 25.13 -15.88
CA LEU Q 67 34.74 24.73 -16.64
C LEU Q 67 35.31 23.43 -16.10
N ILE Q 68 35.65 23.45 -14.81
CA ILE Q 68 36.20 22.28 -14.16
C ILE Q 68 35.34 21.05 -14.32
N LYS Q 69 34.02 21.23 -14.33
CA LYS Q 69 33.11 20.09 -14.46
C LYS Q 69 33.24 19.38 -15.81
N ASP Q 70 33.40 20.17 -16.88
CA ASP Q 70 33.53 19.62 -18.21
C ASP Q 70 34.89 19.00 -18.52
N ARG Q 71 35.94 19.54 -17.92
CA ARG Q 71 37.28 19.05 -18.18
C ARG Q 71 37.45 17.58 -17.83
N GLU Q 72 38.18 16.87 -18.68
CA GLU Q 72 38.46 15.44 -18.49
C GLU Q 72 39.98 15.38 -18.42
N GLY Q 73 40.50 14.40 -17.69
CA GLY Q 73 41.95 14.30 -17.59
C GLY Q 73 42.64 13.69 -18.80
N TYR Q 74 43.68 14.34 -19.29
CA TYR Q 74 44.41 13.79 -20.42
C TYR Q 74 45.86 13.51 -20.07
N ALA Q 75 46.15 12.24 -19.82
CA ALA Q 75 47.47 11.75 -19.48
C ALA Q 75 47.38 10.27 -19.80
N PRO Q 76 47.50 9.93 -21.09
CA PRO Q 76 47.44 8.56 -21.59
C PRO Q 76 48.47 7.63 -20.94
N GLY Q 77 48.14 6.34 -20.90
CA GLY Q 77 49.02 5.34 -20.32
C GLY Q 77 49.11 5.38 -18.78
N THR Q 78 47.99 5.67 -18.12
CA THR Q 78 47.94 5.75 -16.66
C THR Q 78 46.51 5.45 -16.21
N GLU Q 79 46.15 5.91 -15.00
CA GLU Q 79 44.78 5.74 -14.50
C GLU Q 79 44.18 7.11 -14.21
N PHE Q 80 44.97 8.16 -14.50
CA PHE Q 80 44.55 9.54 -14.32
C PHE Q 80 43.89 9.98 -15.60
N HIS Q 81 44.13 9.20 -16.65
CA HIS Q 81 43.58 9.47 -17.98
C HIS Q 81 42.05 9.35 -17.97
N ARG Q 82 41.38 10.38 -18.46
CA ARG Q 82 39.92 10.38 -18.54
C ARG Q 82 39.27 10.38 -17.18
N CYS Q 83 39.85 11.12 -16.24
CA CYS Q 83 39.32 11.21 -14.89
C CYS Q 83 38.54 12.52 -14.76
N LYS Q 84 37.85 12.67 -13.65
CA LYS Q 84 37.07 13.89 -13.41
C LYS Q 84 37.52 14.59 -12.13
N GLU Q 85 36.94 15.77 -11.90
CA GLU Q 85 37.26 16.56 -10.73
C GLU Q 85 36.16 17.60 -10.62
N MET Q 86 35.88 18.05 -9.40
CA MET Q 86 34.83 19.05 -9.19
C MET Q 86 35.16 20.10 -8.13
N SER Q 87 35.09 21.35 -8.53
CA SER Q 87 35.39 22.44 -7.62
C SER Q 87 34.15 22.80 -6.82
N GLU Q 88 34.33 23.65 -5.81
CA GLU Q 88 33.23 24.06 -4.94
C GLU Q 88 33.64 25.39 -4.32
N TYR Q 89 32.70 26.03 -3.63
CA TYR Q 89 32.97 27.30 -2.94
C TYR Q 89 31.90 27.65 -1.93
N CYS Q 90 32.26 27.86 -0.68
CA CYS Q 90 31.27 28.24 0.32
C CYS Q 90 31.22 29.75 0.29
N SER Q 91 30.35 30.35 1.10
CA SER Q 91 30.25 31.81 1.12
C SER Q 91 29.38 32.37 2.21
N THR Q 92 29.83 33.51 2.73
CA THR Q 92 29.10 34.20 3.78
C THR Q 92 29.12 35.64 3.36
N LEU Q 93 29.34 35.86 2.08
CA LEU Q 93 29.37 37.22 1.54
C LEU Q 93 27.93 37.70 1.67
N CYS Q 94 27.75 39.02 1.78
CA CYS Q 94 26.40 39.54 1.95
C CYS Q 94 25.97 40.54 0.88
N ARG Q 95 26.80 40.69 -0.16
CA ARG Q 95 26.52 41.63 -1.24
C ARG Q 95 27.42 41.18 -2.39
N HIS Q 96 27.03 41.48 -3.63
CA HIS Q 96 27.84 41.08 -4.78
C HIS Q 96 29.27 41.58 -4.58
N LEU Q 97 30.24 40.80 -5.02
CA LEU Q 97 31.65 41.17 -4.88
C LEU Q 97 32.30 41.36 -6.25
N TYR Q 98 32.23 42.58 -6.77
CA TYR Q 98 32.83 42.91 -8.07
C TYR Q 98 34.25 43.44 -7.86
N LEU Q 99 35.19 42.93 -8.63
CA LEU Q 99 36.56 43.38 -8.51
C LEU Q 99 36.86 44.67 -9.31
N PHE Q 100 35.83 45.20 -9.98
CA PHE Q 100 35.96 46.42 -10.79
C PHE Q 100 37.38 46.70 -11.27
N PRO Q 101 37.93 45.79 -12.08
CA PRO Q 101 39.29 45.96 -12.61
C PRO Q 101 39.56 47.24 -13.34
N GLY Q 102 40.83 47.67 -13.28
CA GLY Q 102 41.28 48.88 -13.96
C GLY Q 102 40.30 50.01 -14.14
N HIS Q 103 40.08 50.78 -13.08
CA HIS Q 103 39.15 51.89 -13.17
C HIS Q 103 39.20 52.77 -11.91
N ASP R 13 27.14 36.12 -27.69
CA ASP R 13 28.30 36.37 -28.60
C ASP R 13 28.55 35.16 -29.50
N LEU R 14 29.24 35.40 -30.61
CA LEU R 14 29.54 34.37 -31.60
C LEU R 14 30.81 33.59 -31.22
N GLY R 15 30.82 32.29 -31.50
CA GLY R 15 31.97 31.47 -31.18
C GLY R 15 31.73 30.67 -29.91
N LYS R 16 31.78 31.35 -28.77
CA LYS R 16 31.56 30.71 -27.48
C LYS R 16 30.26 29.91 -27.54
N LYS R 17 29.25 30.48 -28.21
CA LYS R 17 27.97 29.82 -28.36
C LYS R 17 28.08 28.64 -29.31
N LEU R 18 28.99 28.75 -30.28
CA LEU R 18 29.21 27.69 -31.26
C LEU R 18 29.77 26.48 -30.52
N LEU R 19 30.86 26.72 -29.79
CA LEU R 19 31.52 25.67 -29.01
C LEU R 19 30.54 24.97 -28.07
N GLU R 20 30.00 25.74 -27.12
CA GLU R 20 29.06 25.23 -26.14
C GLU R 20 27.90 24.53 -26.83
N ALA R 21 27.75 24.79 -28.12
CA ALA R 21 26.70 24.19 -28.93
C ALA R 21 27.17 22.86 -29.51
N ALA R 22 28.44 22.81 -29.91
CA ALA R 22 29.01 21.61 -30.50
C ALA R 22 29.33 20.53 -29.47
N ARG R 23 30.01 20.92 -28.40
CA ARG R 23 30.40 19.97 -27.35
C ARG R 23 29.20 19.31 -26.72
N ALA R 24 28.07 20.00 -26.73
CA ALA R 24 26.84 19.49 -26.14
C ALA R 24 26.18 18.43 -27.02
N GLY R 25 25.91 18.80 -28.27
CA GLY R 25 25.27 17.88 -29.17
C GLY R 25 24.09 18.53 -29.84
N GLN R 26 24.02 19.84 -29.64
CA GLN R 26 22.96 20.64 -30.20
C GLN R 26 23.14 20.77 -31.71
N ASP R 27 22.92 19.65 -32.39
CA ASP R 27 23.03 19.55 -33.84
C ASP R 27 22.50 20.78 -34.56
N ASP R 28 21.18 20.84 -34.69
CA ASP R 28 20.51 21.96 -35.34
C ASP R 28 21.13 23.29 -34.90
N GLU R 29 21.29 23.45 -33.59
CA GLU R 29 21.87 24.67 -33.03
C GLU R 29 23.24 24.95 -33.62
N VAL R 30 23.84 23.94 -34.27
CA VAL R 30 25.16 24.12 -34.87
C VAL R 30 25.05 24.59 -36.33
N ARG R 31 24.04 24.10 -37.04
CA ARG R 31 23.84 24.51 -38.43
C ARG R 31 23.59 26.00 -38.46
N ILE R 32 22.61 26.39 -37.64
CA ILE R 32 22.19 27.77 -37.51
C ILE R 32 23.36 28.69 -37.23
N LEU R 33 24.06 28.42 -36.14
CA LEU R 33 25.22 29.25 -35.79
C LEU R 33 26.20 29.34 -36.95
N MET R 34 26.39 28.25 -37.68
CA MET R 34 27.30 28.26 -38.83
C MET R 34 26.79 29.19 -39.91
N ALA R 35 25.48 29.14 -40.15
CA ALA R 35 24.83 29.97 -41.15
C ALA R 35 25.06 31.46 -40.85
N ASN R 36 25.06 31.82 -39.58
CA ASN R 36 25.27 33.21 -39.19
C ASN R 36 26.74 33.65 -39.25
N GLY R 37 27.60 32.78 -39.78
CA GLY R 37 29.01 33.11 -39.91
C GLY R 37 29.82 32.99 -38.62
N ALA R 38 29.49 31.99 -37.82
CA ALA R 38 30.22 31.77 -36.57
C ALA R 38 31.64 31.35 -36.91
N ASP R 39 32.60 31.89 -36.17
CA ASP R 39 34.01 31.55 -36.40
C ASP R 39 34.18 30.06 -36.14
N VAL R 40 34.22 29.28 -37.22
CA VAL R 40 34.38 27.83 -37.12
C VAL R 40 35.78 27.43 -36.64
N ASN R 41 36.44 28.33 -35.93
CA ASN R 41 37.78 28.10 -35.39
C ASN R 41 37.90 28.63 -33.98
N ALA R 42 36.79 28.61 -33.24
CA ALA R 42 36.74 29.08 -31.87
C ALA R 42 37.44 28.09 -30.94
N THR R 43 37.85 28.55 -29.77
CA THR R 43 38.55 27.70 -28.82
C THR R 43 38.09 27.91 -27.38
N ASP R 44 38.26 26.92 -26.50
CA ASP R 44 37.94 27.19 -25.11
C ASP R 44 39.21 27.47 -24.36
N TRP R 45 39.09 27.61 -23.04
CA TRP R 45 40.21 27.88 -22.18
C TRP R 45 41.23 26.74 -22.23
N LEU R 46 40.84 25.64 -22.86
CA LEU R 46 41.71 24.47 -22.99
C LEU R 46 42.21 24.32 -24.40
N GLY R 47 41.67 25.11 -25.33
CA GLY R 47 42.15 25.04 -26.69
C GLY R 47 41.29 24.26 -27.65
N HIS R 48 40.29 23.55 -27.14
CA HIS R 48 39.41 22.75 -27.99
C HIS R 48 38.64 23.65 -28.97
N THR R 49 38.29 23.09 -30.12
CA THR R 49 37.54 23.81 -31.15
C THR R 49 36.27 23.02 -31.34
N PRO R 50 35.26 23.59 -31.98
CA PRO R 50 34.01 22.84 -32.17
C PRO R 50 34.25 21.43 -32.69
N LEU R 51 35.03 21.30 -33.77
CA LEU R 51 35.32 19.99 -34.34
C LEU R 51 35.90 19.09 -33.26
N HIS R 52 36.84 19.66 -32.48
CA HIS R 52 37.48 18.93 -31.38
C HIS R 52 36.41 18.38 -30.45
N LEU R 53 35.61 19.28 -29.88
CA LEU R 53 34.54 18.90 -28.96
C LEU R 53 33.65 17.84 -29.58
N ALA R 54 33.24 18.07 -30.81
CA ALA R 54 32.38 17.13 -31.52
C ALA R 54 33.08 15.80 -31.69
N ALA R 55 34.34 15.84 -32.12
CA ALA R 55 35.09 14.62 -32.33
C ALA R 55 35.27 13.87 -31.03
N LYS R 56 35.69 14.58 -29.99
CA LYS R 56 35.90 13.92 -28.71
C LYS R 56 34.66 13.28 -28.13
N THR R 57 33.55 14.02 -28.12
CA THR R 57 32.31 13.51 -27.53
C THR R 57 31.57 12.51 -28.42
N GLY R 58 31.84 12.54 -29.71
CA GLY R 58 31.20 11.62 -30.63
C GLY R 58 29.91 12.03 -31.30
N HIS R 59 29.86 13.26 -31.79
CA HIS R 59 28.67 13.74 -32.46
C HIS R 59 28.98 13.86 -33.94
N LEU R 60 29.04 12.70 -34.58
CA LEU R 60 29.34 12.58 -35.99
C LEU R 60 28.62 13.58 -36.89
N GLU R 61 27.32 13.73 -36.68
CA GLU R 61 26.53 14.66 -37.50
C GLU R 61 27.03 16.10 -37.49
N ILE R 62 27.52 16.54 -36.34
CA ILE R 62 28.01 17.90 -36.22
C ILE R 62 29.43 17.97 -36.74
N VAL R 63 30.14 16.85 -36.63
CA VAL R 63 31.51 16.75 -37.10
C VAL R 63 31.50 16.89 -38.60
N GLU R 64 30.41 16.42 -39.19
CA GLU R 64 30.28 16.46 -40.63
C GLU R 64 29.90 17.86 -41.13
N VAL R 65 28.86 18.43 -40.54
CA VAL R 65 28.44 19.76 -40.92
C VAL R 65 29.58 20.75 -40.65
N LEU R 66 30.36 20.47 -39.62
CA LEU R 66 31.47 21.34 -39.26
C LEU R 66 32.53 21.38 -40.35
N LEU R 67 33.00 20.19 -40.74
CA LEU R 67 34.00 20.07 -41.78
C LEU R 67 33.57 20.80 -43.06
N LYS R 68 32.26 20.79 -43.31
CA LYS R 68 31.69 21.47 -44.48
C LYS R 68 31.95 22.97 -44.46
N TYR R 69 32.10 23.57 -43.28
CA TYR R 69 32.33 25.00 -43.21
C TYR R 69 33.81 25.37 -43.06
N GLY R 70 34.64 24.72 -43.86
CA GLY R 70 36.06 25.01 -43.83
C GLY R 70 36.74 24.79 -42.49
N ALA R 71 36.10 24.01 -41.63
CA ALA R 71 36.65 23.71 -40.31
C ALA R 71 38.00 23.01 -40.47
N ASP R 72 39.01 23.50 -39.77
CA ASP R 72 40.36 22.90 -39.84
C ASP R 72 40.32 21.54 -39.17
N VAL R 73 40.55 20.50 -39.95
CA VAL R 73 40.52 19.14 -39.44
C VAL R 73 41.81 18.74 -38.75
N ASN R 74 42.86 19.54 -38.91
CA ASN R 74 44.14 19.22 -38.27
C ASN R 74 44.57 20.29 -37.28
N ALA R 75 43.68 20.58 -36.34
CA ALA R 75 43.94 21.58 -35.31
C ALA R 75 44.35 20.86 -34.03
N TRP R 76 44.95 21.62 -33.14
CA TRP R 76 45.42 21.08 -31.86
C TRP R 76 45.00 21.92 -30.65
N ASP R 77 44.97 21.33 -29.45
CA ASP R 77 44.65 22.08 -28.25
C ASP R 77 45.87 22.32 -27.38
N ASN R 78 45.62 22.87 -26.20
CA ASN R 78 46.70 23.19 -25.29
C ASN R 78 47.52 21.99 -24.85
N TYR R 79 47.02 20.79 -25.14
CA TYR R 79 47.73 19.55 -24.81
C TYR R 79 48.42 19.10 -26.07
N GLY R 80 47.99 19.66 -27.20
CA GLY R 80 48.58 19.30 -28.48
C GLY R 80 47.90 18.13 -29.16
N ALA R 81 46.64 17.89 -28.81
CA ALA R 81 45.86 16.81 -29.38
C ALA R 81 45.09 17.28 -30.61
N THR R 82 44.71 16.33 -31.45
CA THR R 82 43.98 16.64 -32.67
C THR R 82 42.60 15.98 -32.65
N PRO R 83 41.65 16.52 -33.42
CA PRO R 83 40.33 15.91 -33.41
C PRO R 83 40.38 14.42 -33.68
N LEU R 84 41.40 13.97 -34.39
CA LEU R 84 41.55 12.54 -34.67
C LEU R 84 41.96 11.89 -33.36
N HIS R 85 42.91 12.50 -32.69
CA HIS R 85 43.40 12.02 -31.39
C HIS R 85 42.21 11.69 -30.50
N LEU R 86 41.40 12.72 -30.27
CA LEU R 86 40.23 12.59 -29.42
C LEU R 86 39.23 11.57 -29.96
N ALA R 87 39.00 11.60 -31.27
CA ALA R 87 38.05 10.68 -31.90
C ALA R 87 38.47 9.24 -31.69
N ALA R 88 39.74 8.94 -31.94
CA ALA R 88 40.26 7.59 -31.78
C ALA R 88 40.34 7.22 -30.29
N ASP R 89 40.83 8.16 -29.49
CA ASP R 89 40.98 7.97 -28.05
C ASP R 89 39.66 7.56 -27.41
N ASN R 90 38.56 8.14 -27.88
CA ASN R 90 37.25 7.82 -27.33
C ASN R 90 36.44 6.80 -28.12
N GLY R 91 37.10 6.10 -29.05
CA GLY R 91 36.44 5.07 -29.84
C GLY R 91 35.21 5.41 -30.68
N HIS R 92 35.35 6.38 -31.57
CA HIS R 92 34.23 6.77 -32.41
C HIS R 92 34.63 6.54 -33.86
N LEU R 93 34.76 5.25 -34.19
CA LEU R 93 35.14 4.77 -35.51
C LEU R 93 34.66 5.65 -36.65
N GLU R 94 33.34 5.79 -36.76
CA GLU R 94 32.72 6.59 -37.81
C GLU R 94 33.42 7.94 -38.03
N ILE R 95 33.56 8.72 -36.97
CA ILE R 95 34.21 10.01 -37.06
C ILE R 95 35.69 9.86 -37.39
N VAL R 96 36.30 8.82 -36.83
CA VAL R 96 37.72 8.55 -37.07
C VAL R 96 37.92 8.43 -38.56
N GLU R 97 36.98 7.76 -39.23
CA GLU R 97 37.05 7.58 -40.67
C GLU R 97 36.78 8.91 -41.35
N VAL R 98 35.65 9.52 -41.00
CA VAL R 98 35.29 10.79 -41.60
C VAL R 98 36.44 11.78 -41.49
N LEU R 99 37.02 11.89 -40.30
CA LEU R 99 38.13 12.81 -40.10
C LEU R 99 39.32 12.46 -40.97
N LEU R 100 39.48 11.18 -41.26
CA LEU R 100 40.59 10.74 -42.08
C LEU R 100 40.40 11.04 -43.55
N LYS R 101 39.20 10.79 -44.06
CA LYS R 101 38.90 11.04 -45.46
C LYS R 101 39.16 12.49 -45.82
N HIS R 102 39.19 13.35 -44.79
CA HIS R 102 39.42 14.78 -44.97
C HIS R 102 40.89 15.17 -44.84
N GLY R 103 41.76 14.18 -44.74
CA GLY R 103 43.18 14.46 -44.65
C GLY R 103 43.74 14.65 -43.25
N ALA R 104 43.28 13.84 -42.30
CA ALA R 104 43.78 13.96 -40.95
C ALA R 104 45.19 13.36 -40.86
N ASP R 105 46.06 14.06 -40.16
CA ASP R 105 47.44 13.63 -39.99
C ASP R 105 47.51 12.36 -39.13
N VAL R 106 47.16 11.23 -39.72
CA VAL R 106 47.18 9.96 -39.02
C VAL R 106 48.42 9.76 -38.14
N ASN R 107 49.51 10.45 -38.48
CA ASN R 107 50.74 10.33 -37.71
C ASN R 107 51.07 11.58 -36.89
N ALA R 108 50.03 12.26 -36.46
CA ALA R 108 50.21 13.47 -35.67
C ALA R 108 50.60 13.11 -34.25
N LYS R 109 51.40 13.99 -33.63
CA LYS R 109 51.88 13.80 -32.27
C LYS R 109 51.46 14.97 -31.39
N ASP R 110 51.08 14.69 -30.14
CA ASP R 110 50.72 15.78 -29.23
C ASP R 110 51.97 16.30 -28.55
N TYR R 111 51.84 17.38 -27.80
CA TYR R 111 52.99 17.97 -27.11
C TYR R 111 53.90 16.95 -26.42
N GLU R 112 53.39 15.75 -26.17
CA GLU R 112 54.19 14.72 -25.52
C GLU R 112 54.44 13.48 -26.37
N GLY R 113 54.20 13.57 -27.67
CA GLY R 113 54.45 12.42 -28.53
C GLY R 113 53.35 11.47 -28.99
N PHE R 114 52.46 11.09 -28.08
CA PHE R 114 51.37 10.15 -28.41
C PHE R 114 50.72 10.44 -29.75
N THR R 115 50.33 9.38 -30.45
CA THR R 115 49.68 9.49 -31.75
C THR R 115 48.35 8.76 -31.70
N PRO R 116 47.44 9.06 -32.63
CA PRO R 116 46.13 8.42 -32.67
C PRO R 116 46.22 6.91 -32.49
N LEU R 117 47.26 6.30 -33.05
CA LEU R 117 47.41 4.85 -32.93
C LEU R 117 47.58 4.46 -31.47
N HIS R 118 48.41 5.20 -30.74
CA HIS R 118 48.64 4.91 -29.33
C HIS R 118 47.32 5.04 -28.57
N LEU R 119 46.76 6.23 -28.57
CA LEU R 119 45.50 6.49 -27.87
C LEU R 119 44.47 5.45 -28.24
N ALA R 120 44.47 5.04 -29.50
CA ALA R 120 43.51 4.04 -29.98
C ALA R 120 43.91 2.65 -29.48
N ALA R 121 45.20 2.49 -29.21
CA ALA R 121 45.73 1.23 -28.73
C ALA R 121 45.57 1.12 -27.21
N TYR R 122 46.03 2.13 -26.50
CA TYR R 122 45.96 2.16 -25.04
C TYR R 122 44.57 1.81 -24.52
N ASP R 123 43.56 2.00 -25.37
CA ASP R 123 42.18 1.72 -24.99
C ASP R 123 41.66 0.42 -25.58
N GLY R 124 42.48 -0.19 -26.43
CA GLY R 124 42.12 -1.43 -27.07
C GLY R 124 40.92 -1.32 -27.97
N HIS R 125 40.97 -0.39 -28.92
CA HIS R 125 39.86 -0.22 -29.85
C HIS R 125 40.12 -0.92 -31.18
N LEU R 126 39.64 -2.16 -31.31
CA LEU R 126 39.82 -2.97 -32.53
C LEU R 126 39.86 -2.13 -33.79
N GLU R 127 38.72 -2.15 -34.48
CA GLU R 127 38.49 -1.48 -35.74
C GLU R 127 39.12 -0.09 -35.88
N ILE R 128 39.22 0.64 -34.77
CA ILE R 128 39.81 1.99 -34.80
C ILE R 128 41.28 1.90 -35.16
N VAL R 129 41.92 0.81 -34.72
CA VAL R 129 43.33 0.62 -35.00
C VAL R 129 43.45 0.21 -36.45
N GLU R 130 42.62 -0.74 -36.86
CA GLU R 130 42.61 -1.24 -38.23
C GLU R 130 42.50 -0.10 -39.25
N VAL R 131 41.61 0.85 -38.97
CA VAL R 131 41.40 1.98 -39.87
C VAL R 131 42.56 2.97 -39.82
N LEU R 132 43.18 3.14 -38.66
CA LEU R 132 44.30 4.07 -38.54
C LEU R 132 45.52 3.61 -39.34
N LEU R 133 45.74 2.30 -39.39
CA LEU R 133 46.85 1.71 -40.12
C LEU R 133 46.68 2.06 -41.60
N LYS R 134 45.51 1.68 -42.11
CA LYS R 134 45.09 1.88 -43.48
C LYS R 134 45.56 3.18 -44.08
N TYR R 135 45.63 4.22 -43.26
CA TYR R 135 46.04 5.52 -43.74
C TYR R 135 47.51 5.84 -43.45
N GLY R 136 48.33 4.79 -43.43
CA GLY R 136 49.75 4.99 -43.17
C GLY R 136 50.03 5.29 -41.72
N ALA R 137 49.64 4.37 -40.84
CA ALA R 137 49.87 4.56 -39.41
C ALA R 137 51.25 4.02 -39.07
N ASP R 138 52.11 4.92 -38.62
CA ASP R 138 53.47 4.54 -38.25
C ASP R 138 53.44 3.59 -37.05
N VAL R 139 53.24 2.31 -37.31
CA VAL R 139 53.18 1.30 -36.27
C VAL R 139 54.51 1.22 -35.51
N ASN R 140 55.46 2.03 -35.95
CA ASN R 140 56.78 2.08 -35.32
C ASN R 140 57.02 3.45 -34.71
N ALA R 141 56.04 3.94 -33.96
CA ALA R 141 56.14 5.24 -33.31
C ALA R 141 56.33 4.99 -31.82
N GLN R 142 57.19 5.79 -31.19
CA GLN R 142 57.48 5.66 -29.77
C GLN R 142 56.99 6.86 -28.98
N ASP R 143 56.07 6.61 -28.06
CA ASP R 143 55.56 7.68 -27.22
C ASP R 143 56.59 7.96 -26.15
N LYS R 144 56.21 8.75 -25.16
CA LYS R 144 57.10 9.10 -24.07
C LYS R 144 57.65 7.90 -23.33
N PHE R 145 56.83 6.85 -23.23
CA PHE R 145 57.22 5.64 -22.53
C PHE R 145 58.14 4.71 -23.30
N GLY R 146 58.42 5.06 -24.55
CA GLY R 146 59.31 4.23 -25.34
C GLY R 146 58.69 2.93 -25.85
N LYS R 147 57.36 2.84 -25.76
CA LYS R 147 56.65 1.65 -26.22
C LYS R 147 55.95 1.94 -27.55
N THR R 148 55.41 0.90 -28.17
CA THR R 148 54.73 1.04 -29.45
C THR R 148 53.34 0.40 -29.43
N ALA R 149 52.52 0.69 -30.44
CA ALA R 149 51.19 0.12 -30.54
C ALA R 149 51.23 -1.38 -30.30
N PHE R 150 52.44 -1.94 -30.35
CA PHE R 150 52.64 -3.37 -30.14
C PHE R 150 52.71 -3.72 -28.64
N ASP R 151 53.73 -3.26 -27.93
CA ASP R 151 53.83 -3.53 -26.50
C ASP R 151 52.51 -3.26 -25.81
N ILE R 152 51.69 -2.41 -26.38
CA ILE R 152 50.44 -2.05 -25.74
C ILE R 152 49.36 -3.12 -25.89
N SER R 153 49.60 -4.08 -26.78
CA SER R 153 48.65 -5.16 -27.00
C SER R 153 48.84 -6.23 -25.93
N ILE R 154 50.09 -6.52 -25.62
CA ILE R 154 50.44 -7.53 -24.63
C ILE R 154 50.18 -7.06 -23.20
N ASP R 155 50.87 -6.00 -22.80
CA ASP R 155 50.72 -5.45 -21.46
C ASP R 155 49.26 -5.36 -21.02
N ASN R 156 48.43 -4.74 -21.84
CA ASN R 156 47.00 -4.59 -21.55
C ASN R 156 46.20 -5.87 -21.62
N GLY R 157 46.89 -7.00 -21.76
CA GLY R 157 46.21 -8.28 -21.83
C GLY R 157 45.18 -8.42 -22.94
N ASN R 158 45.45 -7.77 -24.07
CA ASN R 158 44.52 -7.82 -25.19
C ASN R 158 45.26 -8.46 -26.36
N GLU R 159 44.95 -9.71 -26.66
CA GLU R 159 45.66 -10.36 -27.74
C GLU R 159 45.01 -10.27 -29.11
N ASP R 160 43.70 -10.04 -29.17
CA ASP R 160 43.03 -9.93 -30.47
C ASP R 160 43.61 -8.76 -31.25
N LEU R 161 44.41 -7.93 -30.59
CA LEU R 161 45.01 -6.79 -31.27
C LEU R 161 46.39 -7.14 -31.80
N ALA R 162 47.04 -8.11 -31.17
CA ALA R 162 48.37 -8.54 -31.58
C ALA R 162 48.40 -9.04 -33.02
N GLU R 163 47.50 -9.97 -33.34
CA GLU R 163 47.41 -10.53 -34.69
C GLU R 163 47.46 -9.43 -35.74
N ILE R 164 46.57 -8.46 -35.60
CA ILE R 164 46.48 -7.35 -36.53
C ILE R 164 47.53 -6.32 -36.15
N LEU R 165 48.79 -6.68 -36.38
CA LEU R 165 49.93 -5.82 -36.10
C LEU R 165 51.20 -6.65 -36.23
N GLN R 166 51.37 -7.27 -37.39
CA GLN R 166 52.52 -8.10 -37.68
C GLN R 166 52.89 -8.01 -39.17
#